data_9VPX
#
_entry.id   9VPX
#
_cell.length_a   139.627
_cell.length_b   146.529
_cell.length_c   65.488
_cell.angle_alpha   90.00
_cell.angle_beta   90.00
_cell.angle_gamma   90.00
#
_symmetry.space_group_name_H-M   'P 21 21 2'
#
loop_
_entity.id
_entity.type
_entity.pdbx_description
1 polymer 'Dihydroorotate dehydrogenase (fumarate)'
2 non-polymer 'FLAVIN MONONUCLEOTIDE'
3 non-polymer 'FUMARIC ACID'
4 non-polymer 'MALONATE ION'
5 water water
#
_entity_poly.entity_id   1
_entity_poly.type   'polypeptide(L)'
_entity_poly.pdbx_seq_one_letter_code
;GPGSMSLKVNILGHEFSNPFMNAAGVLCTTEEDLRRMTESESGSLIGKSCTLAPRTGNPEPRYFGLPLGSINSMGLPNLG
VDFYLSYAAQTHDYSRKPLFLSMSGLSVEESVEMVKKLVPITKEKGTILELNLSAPNVPGKPQVGYDFDTTRTYLQKVSE
AYGLPFGVKMPPYFDIAHFDMAAAVLNDFPLVKFITCVNSIGNGLVIDPANETVVIKPKQGFGGLGGKYVLPTALANVNA
FFRRCPDKLVFGCGGVYSGEEAFLHILAGASMVQVGTALHDEGPIIFARLNKELQEIMTNKGYKTLDEFRGRVKTMD
;
_entity_poly.pdbx_strand_id   A,B,C,D
#
loop_
_chem_comp.id
_chem_comp.type
_chem_comp.name
_chem_comp.formula
FMN non-polymer 'FLAVIN MONONUCLEOTIDE' 'C17 H21 N4 O9 P'
FUM non-polymer 'FUMARIC ACID' 'C4 H4 O4'
MLI non-polymer 'MALONATE ION' 'C3 H2 O4 -2'
#
# COMPACT_ATOMS: atom_id res chain seq x y z
N MET A 5 -16.06 15.62 -27.82
CA MET A 5 -15.04 15.82 -26.74
C MET A 5 -14.65 17.29 -26.67
N SER A 6 -14.50 17.82 -25.45
CA SER A 6 -14.31 19.24 -25.21
C SER A 6 -13.43 19.48 -23.99
N LEU A 7 -12.45 20.39 -24.10
CA LEU A 7 -11.64 20.83 -22.98
C LEU A 7 -12.18 22.15 -22.42
N LYS A 8 -13.40 22.55 -22.83
CA LYS A 8 -13.94 23.85 -22.46
C LYS A 8 -14.20 23.91 -20.96
N VAL A 9 -13.99 25.12 -20.40
CA VAL A 9 -14.24 25.45 -19.00
C VAL A 9 -15.08 26.73 -18.98
N ASN A 10 -16.17 26.72 -18.22
CA ASN A 10 -17.10 27.84 -18.12
C ASN A 10 -17.12 28.30 -16.66
N ILE A 11 -16.41 29.39 -16.36
CA ILE A 11 -16.27 29.94 -15.00
C ILE A 11 -16.23 31.46 -15.08
N LEU A 12 -16.59 32.13 -13.98
CA LEU A 12 -16.43 33.57 -13.81
C LEU A 12 -17.21 34.36 -14.88
N GLY A 13 -18.31 33.76 -15.36
CA GLY A 13 -19.12 34.32 -16.45
C GLY A 13 -18.41 34.37 -17.80
N HIS A 14 -17.35 33.56 -17.97
CA HIS A 14 -16.53 33.49 -19.19
C HIS A 14 -16.48 32.05 -19.72
N GLU A 15 -16.24 31.91 -21.03
CA GLU A 15 -15.88 30.62 -21.63
C GLU A 15 -14.36 30.58 -21.86
N PHE A 16 -13.73 29.45 -21.50
CA PHE A 16 -12.32 29.17 -21.79
C PHE A 16 -12.23 27.96 -22.72
N SER A 17 -11.41 28.06 -23.79
CA SER A 17 -11.25 26.98 -24.77
C SER A 17 -10.68 25.70 -24.14
N ASN A 18 -9.86 25.86 -23.10
CA ASN A 18 -9.20 24.75 -22.43
C ASN A 18 -8.76 25.24 -21.05
N PRO A 19 -8.36 24.36 -20.10
CA PRO A 19 -8.06 24.80 -18.75
C PRO A 19 -6.66 25.39 -18.54
N PHE A 20 -5.82 25.44 -19.58
CA PHE A 20 -4.40 25.73 -19.39
C PHE A 20 -4.08 27.22 -19.53
N MET A 21 -3.17 27.68 -18.68
CA MET A 21 -2.65 29.03 -18.75
C MET A 21 -1.23 29.02 -18.21
N ASN A 22 -0.51 30.14 -18.35
CA ASN A 22 0.79 30.25 -17.72
C ASN A 22 0.61 30.49 -16.21
N ALA A 23 1.60 30.07 -15.42
CA ALA A 23 1.71 30.53 -14.04
C ALA A 23 2.28 31.95 -14.08
N ALA A 24 1.84 32.81 -13.15
CA ALA A 24 2.35 34.17 -13.08
C ALA A 24 3.86 34.14 -12.89
N GLY A 25 4.56 35.06 -13.58
CA GLY A 25 6.01 35.12 -13.50
C GLY A 25 6.67 34.47 -14.71
N VAL A 26 5.93 33.61 -15.42
CA VAL A 26 6.51 32.86 -16.53
C VAL A 26 5.86 33.30 -17.85
N LEU A 27 6.69 33.74 -18.81
CA LEU A 27 6.27 34.21 -20.13
C LEU A 27 5.12 35.24 -20.02
N CYS A 28 5.28 36.27 -19.18
CA CYS A 28 4.17 37.20 -19.01
C CYS A 28 4.60 38.57 -18.49
N THR A 29 5.88 38.95 -18.66
CA THR A 29 6.40 40.19 -18.13
C THR A 29 6.35 41.31 -19.17
N THR A 30 6.69 41.02 -20.43
CA THR A 30 6.76 42.03 -21.49
C THR A 30 5.59 41.87 -22.44
N GLU A 31 5.41 42.86 -23.33
CA GLU A 31 4.38 42.82 -24.35
C GLU A 31 4.63 41.62 -25.27
N GLU A 32 5.89 41.37 -25.65
CA GLU A 32 6.23 40.22 -26.49
C GLU A 32 5.77 38.94 -25.79
N ASP A 33 6.11 38.80 -24.49
CA ASP A 33 5.72 37.65 -23.68
C ASP A 33 4.21 37.43 -23.78
N LEU A 34 3.44 38.49 -23.53
CA LEU A 34 1.98 38.41 -23.51
C LEU A 34 1.40 38.11 -24.90
N ARG A 35 1.98 38.68 -25.95
CA ARG A 35 1.58 38.37 -27.31
C ARG A 35 1.77 36.88 -27.58
N ARG A 36 2.94 36.35 -27.17
CA ARG A 36 3.24 34.95 -27.44
C ARG A 36 2.27 34.04 -26.69
N MET A 37 1.93 34.38 -25.44
CA MET A 37 0.92 33.62 -24.69
C MET A 37 -0.45 33.71 -25.37
N THR A 38 -0.81 34.90 -25.86
CA THR A 38 -2.10 35.10 -26.51
C THR A 38 -2.16 34.30 -27.82
N GLU A 39 -1.05 34.23 -28.57
CA GLU A 39 -0.98 33.49 -29.82
C GLU A 39 -0.90 31.98 -29.58
N SER A 40 -0.63 31.57 -28.33
CA SER A 40 -0.53 30.17 -27.96
C SER A 40 -1.89 29.48 -27.96
N GLU A 41 -1.90 28.14 -27.86
CA GLU A 41 -3.11 27.36 -27.71
C GLU A 41 -3.66 27.40 -26.28
N SER A 42 -3.04 28.19 -25.37
CA SER A 42 -3.47 28.27 -23.97
C SER A 42 -4.91 28.77 -23.89
N GLY A 43 -5.68 28.23 -22.94
CA GLY A 43 -7.03 28.69 -22.67
C GLY A 43 -7.07 30.10 -22.10
N SER A 44 -6.01 30.50 -21.39
CA SER A 44 -5.92 31.86 -20.88
C SER A 44 -4.46 32.22 -20.64
N LEU A 45 -4.26 33.36 -19.97
CA LEU A 45 -2.95 33.86 -19.63
C LEU A 45 -3.05 34.84 -18.46
N ILE A 46 -1.95 35.07 -17.76
CA ILE A 46 -1.94 35.99 -16.63
C ILE A 46 -0.67 36.83 -16.72
N GLY A 47 -0.78 38.14 -16.45
CA GLY A 47 0.35 39.06 -16.46
C GLY A 47 1.27 38.83 -15.26
N LYS A 48 2.54 39.25 -15.38
CA LYS A 48 3.49 39.15 -14.27
C LYS A 48 2.90 39.84 -13.04
N SER A 49 3.10 39.25 -11.85
CA SER A 49 2.79 39.95 -10.61
C SER A 49 3.47 41.33 -10.62
N CYS A 50 2.67 42.40 -10.55
CA CYS A 50 3.18 43.76 -10.74
C CYS A 50 3.07 44.57 -9.46
N THR A 51 3.83 45.68 -9.44
CA THR A 51 3.89 46.65 -8.36
C THR A 51 3.54 48.03 -8.95
N LEU A 52 3.34 49.02 -8.08
CA LEU A 52 2.88 50.33 -8.49
C LEU A 52 3.89 50.99 -9.43
N ALA A 53 5.17 50.92 -9.05
CA ALA A 53 6.30 51.37 -9.85
C ALA A 53 7.02 50.14 -10.42
N PRO A 54 7.75 50.26 -11.54
CA PRO A 54 8.49 49.13 -12.07
C PRO A 54 9.58 48.63 -11.11
N ARG A 55 10.01 47.38 -11.35
CA ARG A 55 11.10 46.71 -10.67
C ARG A 55 11.94 45.97 -11.72
N THR A 56 13.26 45.95 -11.51
CA THR A 56 14.18 45.14 -12.31
C THR A 56 14.48 43.82 -11.60
N GLY A 57 14.19 43.75 -10.30
CA GLY A 57 14.28 42.52 -9.53
C GLY A 57 15.69 42.29 -8.98
N ASN A 58 15.94 41.03 -8.60
CA ASN A 58 17.15 40.63 -7.89
C ASN A 58 18.34 40.57 -8.84
N PRO A 59 19.58 40.60 -8.31
CA PRO A 59 20.78 40.40 -9.13
C PRO A 59 20.95 38.95 -9.59
N GLU A 60 21.74 38.76 -10.67
CA GLU A 60 21.98 37.48 -11.30
C GLU A 60 23.14 36.72 -10.65
N PRO A 61 23.18 35.37 -10.74
CA PRO A 61 22.10 34.56 -11.31
C PRO A 61 20.92 34.40 -10.35
N ARG A 62 19.69 34.50 -10.88
CA ARG A 62 18.50 34.48 -10.03
C ARG A 62 17.52 33.36 -10.44
N TYR A 63 17.91 32.55 -11.43
CA TYR A 63 17.15 31.39 -11.88
C TYR A 63 18.13 30.25 -12.16
N PHE A 64 17.84 29.04 -11.67
CA PHE A 64 18.64 27.87 -11.99
C PHE A 64 17.73 26.68 -12.30
N GLY A 65 17.84 26.14 -13.52
CA GLY A 65 17.11 24.94 -13.92
C GLY A 65 17.70 23.72 -13.24
N LEU A 66 16.81 22.84 -12.74
CA LEU A 66 17.22 21.64 -12.02
C LEU A 66 16.66 20.41 -12.73
N PRO A 67 17.29 19.22 -12.57
CA PRO A 67 16.70 17.97 -13.04
C PRO A 67 15.22 17.79 -12.67
N LEU A 68 14.83 18.14 -11.43
CA LEU A 68 13.49 17.93 -10.92
C LEU A 68 12.66 19.23 -10.91
N GLY A 69 13.18 20.31 -11.50
CA GLY A 69 12.40 21.53 -11.65
C GLY A 69 13.25 22.77 -11.74
N SER A 70 13.03 23.72 -10.82
CA SER A 70 13.70 25.00 -10.86
C SER A 70 13.81 25.63 -9.48
N ILE A 71 14.78 26.53 -9.32
CA ILE A 71 14.86 27.39 -8.14
C ILE A 71 15.03 28.82 -8.67
N ASN A 72 14.27 29.76 -8.10
CA ASN A 72 14.39 31.13 -8.56
C ASN A 72 14.30 32.09 -7.39
N SER A 73 14.95 33.26 -7.56
CA SER A 73 14.69 34.41 -6.72
C SER A 73 14.60 35.65 -7.61
N MET A 74 13.56 35.72 -8.46
CA MET A 74 13.46 36.76 -9.48
C MET A 74 13.35 38.14 -8.85
N GLY A 75 12.55 38.26 -7.78
CA GLY A 75 12.40 39.52 -7.06
C GLY A 75 11.36 40.45 -7.69
N LEU A 76 10.33 39.88 -8.34
CA LEU A 76 9.19 40.60 -8.88
C LEU A 76 9.63 41.63 -9.91
N PRO A 77 10.49 41.26 -10.90
CA PRO A 77 10.79 42.17 -11.99
C PRO A 77 9.50 42.42 -12.77
N ASN A 78 9.17 43.70 -13.02
CA ASN A 78 7.91 44.01 -13.69
C ASN A 78 7.94 45.45 -14.20
N LEU A 79 7.12 45.72 -15.24
CA LEU A 79 7.11 47.00 -15.93
C LEU A 79 6.22 48.04 -15.25
N GLY A 80 5.66 47.69 -14.07
CA GLY A 80 4.82 48.61 -13.31
C GLY A 80 3.36 48.46 -13.69
N VAL A 81 2.46 48.75 -12.75
CA VAL A 81 1.04 48.45 -12.91
C VAL A 81 0.48 49.14 -14.17
N ASP A 82 0.95 50.36 -14.47
CA ASP A 82 0.42 51.16 -15.58
C ASP A 82 0.63 50.43 -16.91
N PHE A 83 1.72 49.67 -17.01
CA PHE A 83 1.99 48.90 -18.22
C PHE A 83 0.96 47.78 -18.39
N TYR A 84 0.63 47.06 -17.31
CA TYR A 84 -0.25 45.89 -17.41
C TYR A 84 -1.69 46.37 -17.61
N LEU A 85 -2.06 47.48 -16.95
CA LEU A 85 -3.36 48.08 -17.13
C LEU A 85 -3.54 48.49 -18.60
N SER A 86 -2.51 49.09 -19.20
CA SER A 86 -2.59 49.56 -20.59
C SER A 86 -2.68 48.38 -21.55
N TYR A 87 -1.95 47.29 -21.25
CA TYR A 87 -2.05 46.07 -22.05
C TYR A 87 -3.51 45.57 -22.03
N ALA A 88 -4.07 45.47 -20.82
CA ALA A 88 -5.41 44.94 -20.62
C ALA A 88 -6.47 45.83 -21.28
N ALA A 89 -6.24 47.16 -21.23
CA ALA A 89 -7.19 48.15 -21.70
C ALA A 89 -7.20 48.26 -23.22
N GLN A 90 -6.04 48.14 -23.89
CA GLN A 90 -5.97 48.48 -25.32
C GLN A 90 -5.14 47.53 -26.19
N THR A 91 -4.28 46.65 -25.63
CA THR A 91 -3.46 45.78 -26.47
C THR A 91 -4.11 44.40 -26.57
N HIS A 92 -4.49 43.80 -25.43
CA HIS A 92 -4.88 42.40 -25.38
C HIS A 92 -6.08 42.12 -26.30
N ASP A 93 -6.03 40.99 -27.02
CA ASP A 93 -7.11 40.50 -27.86
C ASP A 93 -8.02 39.55 -27.07
N TYR A 94 -9.15 40.08 -26.59
CA TYR A 94 -10.08 39.34 -25.74
C TYR A 94 -10.90 38.34 -26.56
N SER A 95 -10.93 38.51 -27.88
CA SER A 95 -11.58 37.54 -28.76
C SER A 95 -10.77 36.22 -28.77
N ARG A 96 -9.46 36.29 -28.53
CA ARG A 96 -8.61 35.10 -28.45
C ARG A 96 -8.83 34.34 -27.13
N LYS A 97 -8.76 35.05 -26.00
CA LYS A 97 -8.88 34.40 -24.70
C LYS A 97 -9.02 35.45 -23.62
N PRO A 98 -9.63 35.11 -22.46
CA PRO A 98 -9.65 36.00 -21.30
C PRO A 98 -8.26 36.30 -20.74
N LEU A 99 -8.15 37.44 -20.03
CA LEU A 99 -6.88 37.87 -19.46
C LEU A 99 -7.03 38.01 -17.95
N PHE A 100 -6.05 37.48 -17.20
CA PHE A 100 -5.91 37.74 -15.78
C PHE A 100 -4.71 38.66 -15.59
N LEU A 101 -4.76 39.49 -14.53
CA LEU A 101 -3.60 40.25 -14.11
C LEU A 101 -3.28 39.86 -12.68
N SER A 102 -2.00 39.58 -12.38
CA SER A 102 -1.59 39.34 -11.00
C SER A 102 -1.10 40.66 -10.41
N MET A 103 -1.58 40.99 -9.21
CA MET A 103 -1.13 42.20 -8.54
C MET A 103 -0.46 41.79 -7.23
N SER A 104 0.69 42.42 -6.96
CA SER A 104 1.57 42.01 -5.89
C SER A 104 2.21 43.24 -5.26
N GLY A 105 1.37 44.20 -4.84
CA GLY A 105 1.83 45.31 -4.02
C GLY A 105 2.47 44.77 -2.74
N LEU A 106 3.54 45.43 -2.25
CA LEU A 106 4.33 44.95 -1.13
C LEU A 106 3.82 45.50 0.21
N SER A 107 2.66 46.18 0.16
CA SER A 107 1.94 46.65 1.35
C SER A 107 0.45 46.69 0.99
N VAL A 108 -0.42 46.66 2.00
CA VAL A 108 -1.87 46.76 1.77
C VAL A 108 -2.16 48.09 1.06
N GLU A 109 -1.46 49.17 1.45
CA GLU A 109 -1.66 50.50 0.90
C GLU A 109 -1.38 50.50 -0.61
N GLU A 110 -0.29 49.85 -1.02
CA GLU A 110 0.12 49.76 -2.43
C GLU A 110 -0.91 48.96 -3.22
N SER A 111 -1.38 47.84 -2.64
CA SER A 111 -2.36 46.97 -3.28
C SER A 111 -3.66 47.72 -3.53
N VAL A 112 -4.16 48.40 -2.50
CA VAL A 112 -5.41 49.16 -2.56
C VAL A 112 -5.34 50.16 -3.70
N GLU A 113 -4.25 50.94 -3.79
CA GLU A 113 -4.08 51.93 -4.85
C GLU A 113 -4.12 51.24 -6.22
N MET A 114 -3.48 50.07 -6.31
CA MET A 114 -3.37 49.35 -7.58
C MET A 114 -4.73 48.80 -8.02
N VAL A 115 -5.47 48.13 -7.11
CA VAL A 115 -6.70 47.45 -7.49
C VAL A 115 -7.74 48.49 -7.89
N LYS A 116 -7.70 49.69 -7.28
CA LYS A 116 -8.62 50.78 -7.62
C LYS A 116 -8.50 51.14 -9.10
N LYS A 117 -7.26 51.15 -9.61
CA LYS A 117 -6.99 51.44 -11.02
C LYS A 117 -7.57 50.36 -11.93
N LEU A 118 -7.64 49.10 -11.48
CA LEU A 118 -8.13 48.01 -12.33
C LEU A 118 -9.66 48.07 -12.52
N VAL A 119 -10.40 48.61 -11.55
CA VAL A 119 -11.87 48.54 -11.53
C VAL A 119 -12.46 48.94 -12.89
N PRO A 120 -12.19 50.16 -13.44
CA PRO A 120 -12.76 50.54 -14.73
C PRO A 120 -12.41 49.61 -15.87
N ILE A 121 -11.20 49.01 -15.82
CA ILE A 121 -10.76 48.13 -16.88
C ILE A 121 -11.50 46.80 -16.79
N THR A 122 -11.66 46.25 -15.57
CA THR A 122 -12.45 45.04 -15.36
C THR A 122 -13.89 45.25 -15.88
N LYS A 123 -14.47 46.41 -15.58
CA LYS A 123 -15.83 46.71 -16.00
C LYS A 123 -15.96 46.84 -17.51
N GLU A 124 -14.94 47.40 -18.16
CA GLU A 124 -14.97 47.64 -19.61
C GLU A 124 -14.64 46.37 -20.38
N LYS A 125 -13.63 45.60 -19.92
CA LYS A 125 -12.99 44.55 -20.71
C LYS A 125 -13.17 43.14 -20.13
N GLY A 126 -13.39 43.04 -18.82
CA GLY A 126 -13.59 41.76 -18.14
C GLY A 126 -12.30 41.16 -17.58
N THR A 127 -11.23 41.97 -17.54
CA THR A 127 -9.93 41.58 -17.01
C THR A 127 -10.12 41.08 -15.57
N ILE A 128 -9.52 39.92 -15.24
CA ILE A 128 -9.68 39.25 -13.95
C ILE A 128 -8.44 39.50 -13.09
N LEU A 129 -8.64 39.77 -11.80
CA LEU A 129 -7.54 40.01 -10.87
C LEU A 129 -7.18 38.74 -10.09
N GLU A 130 -5.88 38.42 -10.01
CA GLU A 130 -5.34 37.42 -9.09
C GLU A 130 -4.43 38.17 -8.12
N LEU A 131 -4.83 38.27 -6.83
CA LEU A 131 -4.01 38.91 -5.80
C LEU A 131 -2.89 37.97 -5.37
N ASN A 132 -1.64 38.44 -5.44
CA ASN A 132 -0.49 37.61 -5.06
C ASN A 132 -0.23 37.75 -3.56
N LEU A 133 -0.55 36.69 -2.80
CA LEU A 133 -0.31 36.68 -1.35
C LEU A 133 0.85 35.75 -1.03
N SER A 134 1.74 35.54 -2.01
CA SER A 134 2.78 34.54 -1.89
C SER A 134 4.04 34.98 -2.64
N ALA A 135 4.59 36.15 -2.32
CA ALA A 135 5.85 36.59 -2.94
C ALA A 135 7.01 36.20 -2.03
N PRO A 136 7.76 35.11 -2.31
CA PRO A 136 8.77 34.62 -1.38
C PRO A 136 10.20 35.09 -1.64
N ASN A 137 10.42 35.95 -2.65
CA ASN A 137 11.77 36.28 -3.09
C ASN A 137 12.09 37.79 -2.97
N VAL A 138 11.35 38.52 -2.12
CA VAL A 138 11.63 39.93 -1.85
C VAL A 138 12.25 40.04 -0.47
N PRO A 139 13.57 40.29 -0.36
CA PRO A 139 14.23 40.41 0.95
C PRO A 139 13.47 41.33 1.90
N GLY A 140 13.20 40.84 3.12
CA GLY A 140 12.56 41.63 4.17
C GLY A 140 11.03 41.60 4.08
N LYS A 141 10.44 40.94 3.06
CA LYS A 141 9.00 40.80 2.94
C LYS A 141 8.61 39.34 3.14
N PRO A 142 7.95 38.99 4.26
CA PRO A 142 7.42 37.63 4.43
C PRO A 142 6.26 37.35 3.48
N GLN A 143 5.98 36.05 3.24
CA GLN A 143 4.83 35.65 2.44
C GLN A 143 3.57 35.99 3.23
N VAL A 144 2.67 36.80 2.65
CA VAL A 144 1.49 37.30 3.33
C VAL A 144 0.59 36.15 3.77
N GLY A 145 0.46 35.14 2.90
CA GLY A 145 -0.42 34.00 3.11
C GLY A 145 -0.11 33.18 4.36
N TYR A 146 1.10 33.33 4.93
CA TYR A 146 1.50 32.59 6.14
C TYR A 146 1.11 33.34 7.41
N ASP A 147 0.59 34.57 7.25
CA ASP A 147 0.14 35.39 8.36
C ASP A 147 -1.36 35.67 8.16
N PHE A 148 -2.22 35.00 8.92
CA PHE A 148 -3.65 34.97 8.64
C PHE A 148 -4.30 36.32 9.00
N ASP A 149 -3.75 37.04 9.98
CA ASP A 149 -4.24 38.38 10.32
C ASP A 149 -3.92 39.37 9.20
N THR A 150 -2.68 39.35 8.70
CA THR A 150 -2.31 40.19 7.56
C THR A 150 -3.13 39.81 6.34
N THR A 151 -3.35 38.51 6.09
CA THR A 151 -4.10 38.05 4.93
C THR A 151 -5.51 38.65 4.99
N ARG A 152 -6.12 38.62 6.18
CA ARG A 152 -7.47 39.12 6.40
C ARG A 152 -7.55 40.61 6.04
N THR A 153 -6.57 41.41 6.48
CA THR A 153 -6.47 42.83 6.14
C THR A 153 -6.44 43.04 4.62
N TYR A 154 -5.55 42.36 3.90
CA TYR A 154 -5.45 42.47 2.46
C TYR A 154 -6.79 42.16 1.80
N LEU A 155 -7.44 41.06 2.21
CA LEU A 155 -8.68 40.61 1.58
C LEU A 155 -9.80 41.62 1.86
N GLN A 156 -9.84 42.16 3.07
CA GLN A 156 -10.82 43.17 3.49
C GLN A 156 -10.67 44.44 2.63
N LYS A 157 -9.47 45.02 2.60
CA LYS A 157 -9.21 46.27 1.91
C LYS A 157 -9.35 46.11 0.40
N VAL A 158 -8.91 44.98 -0.16
CA VAL A 158 -9.07 44.74 -1.61
C VAL A 158 -10.55 44.56 -1.93
N SER A 159 -11.30 43.87 -1.06
CA SER A 159 -12.74 43.67 -1.25
C SER A 159 -13.45 45.02 -1.32
N GLU A 160 -13.05 45.95 -0.43
CA GLU A 160 -13.63 47.29 -0.35
C GLU A 160 -13.26 48.14 -1.55
N ALA A 161 -11.98 48.11 -1.94
CA ALA A 161 -11.42 49.01 -2.94
C ALA A 161 -11.80 48.55 -4.35
N TYR A 162 -11.71 47.24 -4.58
CA TYR A 162 -11.96 46.66 -5.89
C TYR A 162 -13.45 46.37 -6.05
N GLY A 163 -14.03 45.63 -5.08
CA GLY A 163 -15.47 45.42 -5.02
C GLY A 163 -16.02 44.50 -6.11
N LEU A 164 -15.14 43.82 -6.85
CA LEU A 164 -15.55 42.88 -7.89
C LEU A 164 -14.94 41.52 -7.57
N PRO A 165 -15.48 40.41 -8.12
CA PRO A 165 -14.89 39.09 -7.92
C PRO A 165 -13.41 39.06 -8.30
N PHE A 166 -12.57 38.44 -7.47
CA PHE A 166 -11.13 38.29 -7.71
C PHE A 166 -10.65 36.96 -7.10
N GLY A 167 -9.39 36.64 -7.35
CA GLY A 167 -8.75 35.40 -6.91
C GLY A 167 -7.51 35.70 -6.12
N VAL A 168 -6.96 34.66 -5.46
CA VAL A 168 -5.78 34.82 -4.64
C VAL A 168 -4.77 33.73 -5.00
N LYS A 169 -3.49 34.09 -5.09
CA LYS A 169 -2.42 33.12 -5.28
C LYS A 169 -1.87 32.81 -3.90
N MET A 170 -2.10 31.57 -3.42
CA MET A 170 -1.75 31.20 -2.06
C MET A 170 -0.38 30.50 -2.00
N PRO A 171 0.37 30.65 -0.87
CA PRO A 171 1.55 29.85 -0.65
C PRO A 171 1.11 28.42 -0.33
N PRO A 172 1.98 27.41 -0.50
CA PRO A 172 1.64 26.05 -0.11
C PRO A 172 1.50 25.93 1.40
N TYR A 173 0.46 25.23 1.87
CA TYR A 173 0.35 24.88 3.28
C TYR A 173 0.72 23.40 3.47
N PHE A 174 1.20 23.05 4.67
CA PHE A 174 1.73 21.72 4.95
C PHE A 174 1.13 21.11 6.21
N ASP A 175 0.08 21.76 6.74
CA ASP A 175 -0.51 21.32 8.00
C ASP A 175 -2.03 21.44 7.91
N ILE A 176 -2.75 20.39 8.35
CA ILE A 176 -4.20 20.36 8.30
C ILE A 176 -4.76 21.60 9.00
N ALA A 177 -4.22 21.95 10.19
CA ALA A 177 -4.63 23.13 10.94
C ALA A 177 -4.52 24.40 10.09
N HIS A 178 -3.50 24.49 9.21
CA HIS A 178 -3.32 25.64 8.34
C HIS A 178 -4.35 25.64 7.19
N PHE A 179 -4.65 24.48 6.60
CA PHE A 179 -5.76 24.38 5.65
C PHE A 179 -7.03 24.97 6.27
N ASP A 180 -7.34 24.52 7.49
CA ASP A 180 -8.52 24.94 8.24
C ASP A 180 -8.50 26.46 8.42
N MET A 181 -7.38 27.03 8.89
CA MET A 181 -7.31 28.45 9.20
C MET A 181 -7.35 29.29 7.94
N ALA A 182 -6.60 28.89 6.90
CA ALA A 182 -6.63 29.57 5.60
C ALA A 182 -8.05 29.61 5.02
N ALA A 183 -8.77 28.47 5.05
CA ALA A 183 -10.10 28.38 4.49
C ALA A 183 -11.09 29.24 5.29
N ALA A 184 -10.95 29.24 6.62
CA ALA A 184 -11.76 30.06 7.52
C ALA A 184 -11.64 31.53 7.14
N VAL A 185 -10.42 31.99 6.84
CA VAL A 185 -10.21 33.37 6.42
C VAL A 185 -10.81 33.57 5.03
N LEU A 186 -10.51 32.69 4.07
CA LEU A 186 -10.95 32.88 2.69
C LEU A 186 -12.48 32.88 2.62
N ASN A 187 -13.14 32.03 3.44
CA ASN A 187 -14.60 31.86 3.44
C ASN A 187 -15.33 33.08 4.03
N ASP A 188 -14.60 34.01 4.65
CA ASP A 188 -15.18 35.26 5.15
C ASP A 188 -15.25 36.33 4.06
N PHE A 189 -14.75 36.04 2.85
CA PHE A 189 -14.62 37.02 1.78
C PHE A 189 -15.30 36.48 0.53
N PRO A 190 -16.62 36.77 0.38
CA PRO A 190 -17.39 36.25 -0.74
C PRO A 190 -16.91 36.75 -2.10
N LEU A 191 -16.18 37.87 -2.17
CA LEU A 191 -15.64 38.38 -3.43
C LEU A 191 -14.47 37.52 -3.91
N VAL A 192 -13.82 36.75 -3.02
CA VAL A 192 -12.79 35.79 -3.43
C VAL A 192 -13.49 34.61 -4.09
N LYS A 193 -13.41 34.54 -5.43
CA LYS A 193 -14.15 33.56 -6.21
C LYS A 193 -13.25 32.40 -6.66
N PHE A 194 -11.92 32.60 -6.68
CA PHE A 194 -11.00 31.51 -6.96
C PHE A 194 -9.73 31.58 -6.10
N ILE A 195 -9.13 30.40 -5.87
CA ILE A 195 -7.91 30.25 -5.09
C ILE A 195 -6.91 29.52 -5.98
N THR A 196 -5.74 30.12 -6.23
CA THR A 196 -4.69 29.43 -6.98
C THR A 196 -3.74 28.74 -6.00
N CYS A 197 -3.66 27.41 -6.11
CA CYS A 197 -2.86 26.53 -5.26
C CYS A 197 -1.94 25.77 -6.21
N VAL A 198 -0.62 25.99 -6.20
CA VAL A 198 0.10 26.67 -5.15
C VAL A 198 1.23 27.50 -5.77
N ASN A 199 1.73 28.46 -4.98
CA ASN A 199 2.96 29.16 -5.33
C ASN A 199 4.14 28.23 -5.09
N SER A 200 5.35 28.70 -5.37
CA SER A 200 6.58 27.95 -5.18
C SER A 200 6.70 27.44 -3.74
N ILE A 201 7.37 26.29 -3.53
CA ILE A 201 7.80 25.93 -2.18
C ILE A 201 8.94 26.90 -1.84
N GLY A 202 8.65 27.84 -0.95
CA GLY A 202 9.54 28.96 -0.67
C GLY A 202 10.84 28.59 0.02
N ASN A 203 11.87 29.39 -0.27
CA ASN A 203 13.10 29.41 0.51
C ASN A 203 13.74 28.03 0.58
N GLY A 204 13.84 27.37 -0.58
CA GLY A 204 14.67 26.18 -0.71
C GLY A 204 16.11 26.60 -0.94
N LEU A 205 17.05 25.65 -0.88
CA LEU A 205 18.47 25.95 -1.02
C LEU A 205 19.13 24.87 -1.86
N VAL A 206 19.71 25.26 -3.00
CA VAL A 206 20.45 24.34 -3.86
C VAL A 206 21.93 24.68 -3.79
N ILE A 207 22.75 23.64 -3.60
CA ILE A 207 24.21 23.78 -3.53
C ILE A 207 24.82 22.86 -4.58
N ASP A 208 25.81 23.37 -5.31
CA ASP A 208 26.54 22.59 -6.30
C ASP A 208 27.69 21.90 -5.58
N PRO A 209 27.72 20.54 -5.48
CA PRO A 209 28.81 19.87 -4.76
C PRO A 209 30.19 20.18 -5.32
N ALA A 210 30.28 20.40 -6.64
CA ALA A 210 31.54 20.55 -7.35
C ALA A 210 32.31 21.76 -6.83
N ASN A 211 31.64 22.92 -6.66
CA ASN A 211 32.31 24.13 -6.21
C ASN A 211 31.87 24.56 -4.79
N GLU A 212 31.03 23.77 -4.12
CA GLU A 212 30.64 24.00 -2.72
C GLU A 212 29.94 25.36 -2.55
N THR A 213 29.22 25.80 -3.59
CA THR A 213 28.64 27.14 -3.68
C THR A 213 27.17 27.01 -4.04
N VAL A 214 26.34 27.93 -3.51
CA VAL A 214 24.92 28.01 -3.85
C VAL A 214 24.81 28.36 -5.33
N VAL A 215 23.66 28.12 -5.95
CA VAL A 215 23.50 28.27 -7.41
C VAL A 215 22.80 29.59 -7.78
N ILE A 216 22.23 30.33 -6.81
CA ILE A 216 21.65 31.63 -7.09
C ILE A 216 22.21 32.66 -6.11
N LYS A 217 22.28 33.92 -6.56
CA LYS A 217 22.97 35.01 -5.88
C LYS A 217 22.15 35.59 -4.73
N PRO A 218 20.85 35.92 -4.91
CA PRO A 218 20.07 36.58 -3.85
C PRO A 218 19.86 35.72 -2.61
N LYS A 219 19.77 36.37 -1.45
CA LYS A 219 19.31 35.77 -0.21
C LYS A 219 20.11 34.52 0.15
N GLN A 220 21.43 34.57 -0.05
CA GLN A 220 22.36 33.53 0.36
C GLN A 220 21.99 32.21 -0.31
N GLY A 221 21.36 32.30 -1.51
CA GLY A 221 21.04 31.14 -2.32
C GLY A 221 19.64 30.58 -2.09
N PHE A 222 18.85 31.19 -1.20
CA PHE A 222 17.50 30.76 -0.88
C PHE A 222 16.54 31.27 -1.94
N GLY A 223 15.70 30.38 -2.48
CA GLY A 223 14.80 30.73 -3.56
C GLY A 223 13.63 29.76 -3.64
N GLY A 224 12.60 30.17 -4.39
CA GLY A 224 11.41 29.36 -4.55
C GLY A 224 11.64 28.15 -5.46
N LEU A 225 11.12 27.00 -5.03
CA LEU A 225 11.22 25.76 -5.79
C LEU A 225 9.97 25.55 -6.62
N GLY A 226 10.17 25.22 -7.90
CA GLY A 226 9.07 24.83 -8.78
C GLY A 226 9.34 23.49 -9.46
N GLY A 227 8.32 22.94 -10.13
CA GLY A 227 8.50 21.75 -10.93
C GLY A 227 8.07 20.48 -10.20
N LYS A 228 8.75 19.37 -10.52
CA LYS A 228 8.35 18.06 -10.01
C LYS A 228 8.33 18.06 -8.48
N TYR A 229 9.21 18.87 -7.86
CA TYR A 229 9.28 18.95 -6.41
C TYR A 229 7.92 19.28 -5.78
N VAL A 230 7.04 20.01 -6.47
CA VAL A 230 5.87 20.60 -5.82
C VAL A 230 4.56 19.85 -6.11
N LEU A 231 4.54 18.84 -7.00
CA LEU A 231 3.29 18.24 -7.43
C LEU A 231 2.45 17.70 -6.28
N PRO A 232 2.96 16.82 -5.38
CA PRO A 232 2.15 16.28 -4.29
C PRO A 232 1.61 17.38 -3.36
N THR A 233 2.43 18.40 -3.10
CA THR A 233 2.02 19.54 -2.28
C THR A 233 0.89 20.31 -2.98
N ALA A 234 1.05 20.53 -4.29
CA ALA A 234 0.07 21.25 -5.07
C ALA A 234 -1.27 20.51 -5.08
N LEU A 235 -1.23 19.20 -5.37
CA LEU A 235 -2.42 18.37 -5.40
C LEU A 235 -3.17 18.43 -4.07
N ALA A 236 -2.42 18.34 -2.94
CA ALA A 236 -3.02 18.35 -1.62
C ALA A 236 -3.72 19.68 -1.35
N ASN A 237 -3.06 20.78 -1.71
CA ASN A 237 -3.59 22.11 -1.46
C ASN A 237 -4.85 22.31 -2.30
N VAL A 238 -4.79 21.98 -3.60
CA VAL A 238 -5.94 22.08 -4.49
C VAL A 238 -7.13 21.34 -3.87
N ASN A 239 -6.92 20.08 -3.48
CA ASN A 239 -8.00 19.23 -2.98
C ASN A 239 -8.51 19.73 -1.63
N ALA A 240 -7.60 20.23 -0.78
CA ALA A 240 -7.99 20.71 0.55
C ALA A 240 -8.90 21.94 0.45
N PHE A 241 -8.54 22.88 -0.43
CA PHE A 241 -9.34 24.09 -0.62
C PHE A 241 -10.61 23.77 -1.42
N PHE A 242 -10.52 22.80 -2.35
CA PHE A 242 -11.66 22.34 -3.12
C PHE A 242 -12.77 21.86 -2.17
N ARG A 243 -12.38 21.11 -1.13
CA ARG A 243 -13.35 20.61 -0.16
C ARG A 243 -13.76 21.68 0.86
N ARG A 244 -12.82 22.52 1.32
CA ARG A 244 -13.09 23.46 2.40
C ARG A 244 -13.75 24.74 1.90
N CYS A 245 -13.63 25.06 0.61
CA CYS A 245 -14.16 26.29 0.04
C CYS A 245 -15.09 25.96 -1.13
N PRO A 246 -16.24 25.29 -0.87
CA PRO A 246 -17.13 24.82 -1.91
C PRO A 246 -17.74 25.90 -2.79
N ASP A 247 -17.83 27.14 -2.26
CA ASP A 247 -18.37 28.30 -2.97
C ASP A 247 -17.30 29.05 -3.77
N LYS A 248 -16.09 28.48 -3.92
CA LYS A 248 -14.99 29.09 -4.66
C LYS A 248 -14.42 28.07 -5.65
N LEU A 249 -13.79 28.57 -6.72
CA LEU A 249 -13.11 27.70 -7.66
C LEU A 249 -11.69 27.51 -7.15
N VAL A 250 -11.05 26.40 -7.53
CA VAL A 250 -9.63 26.24 -7.26
C VAL A 250 -8.89 26.16 -8.59
N PHE A 251 -7.79 26.90 -8.72
CA PHE A 251 -6.93 26.81 -9.88
C PHE A 251 -5.70 26.03 -9.44
N GLY A 252 -5.27 25.07 -10.26
CA GLY A 252 -4.14 24.23 -9.92
C GLY A 252 -2.84 24.82 -10.48
N CYS A 253 -1.81 24.85 -9.65
CA CYS A 253 -0.48 25.30 -10.06
C CYS A 253 0.58 24.47 -9.35
N GLY A 254 1.48 23.85 -10.14
CA GLY A 254 2.61 23.14 -9.57
C GLY A 254 2.83 21.77 -10.18
N GLY A 255 4.05 21.57 -10.74
CA GLY A 255 4.51 20.27 -11.16
C GLY A 255 3.89 19.80 -12.48
N VAL A 256 3.22 20.67 -13.25
CA VAL A 256 2.58 20.22 -14.49
C VAL A 256 3.62 20.20 -15.62
N TYR A 257 3.95 18.99 -16.11
CA TYR A 257 4.82 18.82 -17.27
C TYR A 257 4.13 18.12 -18.45
N SER A 258 2.96 17.52 -18.21
CA SER A 258 2.27 16.68 -19.20
C SER A 258 0.77 16.64 -18.89
N GLY A 259 0.01 16.02 -19.82
CA GLY A 259 -1.41 15.79 -19.66
C GLY A 259 -1.73 15.01 -18.38
N GLU A 260 -0.85 14.10 -17.96
CA GLU A 260 -1.07 13.27 -16.79
C GLU A 260 -1.19 14.14 -15.52
N GLU A 261 -0.27 15.10 -15.32
CA GLU A 261 -0.31 15.96 -14.13
C GLU A 261 -1.50 16.91 -14.18
N ALA A 262 -1.86 17.40 -15.37
CA ALA A 262 -3.03 18.23 -15.59
C ALA A 262 -4.28 17.45 -15.18
N PHE A 263 -4.34 16.19 -15.62
CA PHE A 263 -5.44 15.29 -15.30
C PHE A 263 -5.56 15.17 -13.77
N LEU A 264 -4.43 15.00 -13.07
CA LEU A 264 -4.44 14.82 -11.62
C LEU A 264 -4.96 16.08 -10.92
N HIS A 265 -4.50 17.27 -11.38
CA HIS A 265 -4.91 18.54 -10.81
C HIS A 265 -6.43 18.69 -10.89
N ILE A 266 -6.98 18.42 -12.08
CA ILE A 266 -8.41 18.53 -12.35
C ILE A 266 -9.20 17.53 -11.50
N LEU A 267 -8.73 16.27 -11.41
CA LEU A 267 -9.31 15.26 -10.56
C LEU A 267 -9.34 15.72 -9.10
N ALA A 268 -8.31 16.45 -8.68
CA ALA A 268 -8.21 16.97 -7.31
C ALA A 268 -9.17 18.14 -7.07
N GLY A 269 -9.64 18.81 -8.13
CA GLY A 269 -10.63 19.88 -8.02
C GLY A 269 -10.37 21.13 -8.89
N ALA A 270 -9.20 21.19 -9.57
CA ALA A 270 -8.81 22.34 -10.37
C ALA A 270 -9.75 22.59 -11.56
N SER A 271 -10.19 23.86 -11.68
CA SER A 271 -10.93 24.39 -12.81
C SER A 271 -9.97 24.79 -13.95
N MET A 272 -8.95 25.58 -13.61
CA MET A 272 -7.88 25.97 -14.51
C MET A 272 -6.58 25.35 -13.99
N VAL A 273 -5.64 25.08 -14.91
CA VAL A 273 -4.33 24.53 -14.59
C VAL A 273 -3.26 25.48 -15.12
N GLN A 274 -2.37 25.94 -14.23
CA GLN A 274 -1.31 26.87 -14.58
C GLN A 274 0.01 26.10 -14.71
N VAL A 275 0.90 26.57 -15.60
CA VAL A 275 2.13 25.89 -15.97
C VAL A 275 3.29 26.89 -15.87
N GLY A 276 4.24 26.62 -14.96
CA GLY A 276 5.35 27.52 -14.68
C GLY A 276 6.66 26.99 -15.25
N THR A 277 7.38 26.20 -14.44
CA THR A 277 8.70 25.68 -14.79
C THR A 277 8.70 25.03 -16.18
N ALA A 278 7.70 24.19 -16.49
CA ALA A 278 7.71 23.40 -17.73
C ALA A 278 7.61 24.33 -18.94
N LEU A 279 6.80 25.40 -18.80
CA LEU A 279 6.63 26.45 -19.79
C LEU A 279 7.93 27.23 -19.97
N HIS A 280 8.64 27.50 -18.87
CA HIS A 280 9.93 28.17 -18.92
C HIS A 280 10.91 27.33 -19.75
N ASP A 281 10.91 26.01 -19.53
CA ASP A 281 11.77 25.07 -20.25
C ASP A 281 11.39 24.99 -21.74
N GLU A 282 10.10 24.77 -22.03
CA GLU A 282 9.66 24.33 -23.35
C GLU A 282 9.17 25.48 -24.23
N GLY A 283 8.72 26.59 -23.62
CA GLY A 283 8.10 27.69 -24.34
C GLY A 283 6.65 27.38 -24.71
N PRO A 284 5.90 28.34 -25.32
CA PRO A 284 4.45 28.24 -25.49
C PRO A 284 3.90 27.06 -26.29
N ILE A 285 4.76 26.31 -27.00
CA ILE A 285 4.35 25.12 -27.73
C ILE A 285 3.83 24.05 -26.76
N ILE A 286 4.23 24.15 -25.48
CA ILE A 286 3.76 23.21 -24.47
C ILE A 286 2.23 23.14 -24.43
N PHE A 287 1.53 24.26 -24.69
CA PHE A 287 0.08 24.34 -24.54
C PHE A 287 -0.63 23.49 -25.60
N ALA A 288 -0.11 23.49 -26.83
CA ALA A 288 -0.55 22.57 -27.88
C ALA A 288 -0.35 21.12 -27.42
N ARG A 289 0.82 20.81 -26.86
CA ARG A 289 1.13 19.46 -26.40
C ARG A 289 0.20 19.03 -25.26
N LEU A 290 -0.05 19.93 -24.29
CA LEU A 290 -0.88 19.61 -23.13
C LEU A 290 -2.33 19.32 -23.56
N ASN A 291 -2.88 20.12 -24.48
CA ASN A 291 -4.21 19.89 -25.03
C ASN A 291 -4.29 18.47 -25.62
N LYS A 292 -3.30 18.11 -26.43
CA LYS A 292 -3.24 16.80 -27.07
C LYS A 292 -3.21 15.70 -25.99
N GLU A 293 -2.32 15.84 -25.00
CA GLU A 293 -2.07 14.79 -24.03
C GLU A 293 -3.28 14.58 -23.13
N LEU A 294 -3.94 15.67 -22.74
CA LEU A 294 -5.11 15.58 -21.86
C LEU A 294 -6.27 14.91 -22.60
N GLN A 295 -6.44 15.25 -23.88
CA GLN A 295 -7.46 14.61 -24.72
C GLN A 295 -7.19 13.11 -24.88
N GLU A 296 -5.93 12.71 -25.06
CA GLU A 296 -5.55 11.31 -25.15
C GLU A 296 -6.01 10.56 -23.89
N ILE A 297 -5.66 11.09 -22.70
CA ILE A 297 -6.01 10.48 -21.43
C ILE A 297 -7.55 10.37 -21.33
N MET A 298 -8.27 11.44 -21.65
CA MET A 298 -9.73 11.45 -21.61
C MET A 298 -10.31 10.39 -22.55
N THR A 299 -9.83 10.34 -23.81
CA THR A 299 -10.23 9.34 -24.80
C THR A 299 -10.04 7.94 -24.22
N ASN A 300 -8.86 7.67 -23.64
CA ASN A 300 -8.53 6.38 -23.05
C ASN A 300 -9.48 6.05 -21.89
N LYS A 301 -9.94 7.07 -21.15
CA LYS A 301 -10.81 6.85 -20.00
C LYS A 301 -12.28 6.87 -20.44
N GLY A 302 -12.54 7.26 -21.69
CA GLY A 302 -13.89 7.43 -22.19
C GLY A 302 -14.60 8.61 -21.53
N TYR A 303 -13.88 9.74 -21.38
CA TYR A 303 -14.43 11.00 -20.90
C TYR A 303 -14.56 11.98 -22.06
N LYS A 304 -15.69 12.72 -22.11
CA LYS A 304 -15.95 13.67 -23.18
C LYS A 304 -15.68 15.11 -22.74
N THR A 305 -15.85 15.40 -21.43
CA THR A 305 -15.65 16.74 -20.88
C THR A 305 -14.90 16.64 -19.55
N LEU A 306 -14.33 17.78 -19.12
CA LEU A 306 -13.60 17.90 -17.86
C LEU A 306 -14.55 17.69 -16.66
N ASP A 307 -15.84 18.03 -16.83
CA ASP A 307 -16.83 17.94 -15.77
C ASP A 307 -17.11 16.49 -15.38
N GLU A 308 -16.75 15.54 -16.25
CA GLU A 308 -16.92 14.12 -15.97
C GLU A 308 -16.00 13.63 -14.85
N PHE A 309 -14.89 14.36 -14.57
CA PHE A 309 -13.93 13.90 -13.57
C PHE A 309 -13.39 15.03 -12.67
N ARG A 310 -13.67 16.30 -12.96
CA ARG A 310 -13.18 17.38 -12.10
C ARG A 310 -13.65 17.14 -10.67
N GLY A 311 -12.70 17.08 -9.71
CA GLY A 311 -13.01 16.97 -8.29
C GLY A 311 -13.52 15.59 -7.88
N ARG A 312 -13.31 14.56 -8.72
CA ARG A 312 -13.84 13.22 -8.49
C ARG A 312 -12.74 12.22 -8.10
N VAL A 313 -11.58 12.72 -7.64
CA VAL A 313 -10.57 11.87 -6.99
C VAL A 313 -11.26 10.97 -5.96
N LYS A 314 -10.89 9.69 -5.95
CA LYS A 314 -11.45 8.69 -5.04
C LYS A 314 -10.53 8.47 -3.85
N THR A 315 -11.09 8.42 -2.63
CA THR A 315 -10.35 8.04 -1.42
C THR A 315 -10.72 6.62 -1.01
N MET A 316 -9.95 6.00 -0.09
CA MET A 316 -10.19 4.63 0.34
C MET A 316 -10.92 4.60 1.70
N MET B 5 42.44 10.37 7.31
CA MET B 5 41.06 10.91 7.09
C MET B 5 40.07 10.30 8.07
N SER B 6 39.03 11.08 8.41
CA SER B 6 38.12 10.78 9.50
C SER B 6 36.71 11.29 9.20
N LEU B 7 35.71 10.39 9.35
CA LEU B 7 34.29 10.73 9.33
C LEU B 7 33.78 10.99 10.75
N LYS B 8 34.66 11.02 11.75
CA LYS B 8 34.23 11.02 13.14
C LYS B 8 33.54 12.35 13.49
N VAL B 9 32.53 12.26 14.36
CA VAL B 9 31.82 13.39 14.93
C VAL B 9 31.95 13.26 16.45
N ASN B 10 32.44 14.33 17.09
CA ASN B 10 32.59 14.40 18.53
C ASN B 10 31.60 15.44 19.07
N ILE B 11 30.52 14.98 19.71
CA ILE B 11 29.51 15.90 20.21
C ILE B 11 28.92 15.32 21.50
N LEU B 12 28.60 16.21 22.45
CA LEU B 12 27.97 15.86 23.71
C LEU B 12 28.80 14.82 24.47
N GLY B 13 30.13 14.83 24.28
CA GLY B 13 31.05 13.95 25.00
C GLY B 13 31.24 12.58 24.35
N HIS B 14 30.45 12.30 23.31
CA HIS B 14 30.45 11.03 22.59
C HIS B 14 31.34 11.10 21.34
N GLU B 15 31.94 9.96 20.96
CA GLU B 15 32.62 9.78 19.69
C GLU B 15 31.69 8.94 18.79
N PHE B 16 31.32 9.51 17.65
CA PHE B 16 30.55 8.85 16.60
C PHE B 16 31.52 8.50 15.47
N SER B 17 31.48 7.24 15.02
CA SER B 17 32.40 6.72 14.00
C SER B 17 32.20 7.46 12.69
N ASN B 18 30.95 7.82 12.43
CA ASN B 18 30.54 8.53 11.22
C ASN B 18 29.29 9.35 11.55
N PRO B 19 28.88 10.29 10.68
CA PRO B 19 27.73 11.14 10.96
C PRO B 19 26.36 10.52 10.65
N PHE B 20 26.32 9.27 10.17
CA PHE B 20 25.08 8.72 9.63
C PHE B 20 24.27 7.99 10.70
N MET B 21 22.95 8.20 10.64
CA MET B 21 21.99 7.48 11.47
C MET B 21 20.67 7.34 10.73
N ASN B 22 19.79 6.49 11.26
CA ASN B 22 18.46 6.34 10.69
C ASN B 22 17.67 7.59 11.05
N ALA B 23 16.73 8.00 10.20
CA ALA B 23 15.73 8.97 10.59
C ALA B 23 14.74 8.29 11.53
N ALA B 24 14.19 9.03 12.50
CA ALA B 24 13.18 8.48 13.39
C ALA B 24 12.04 7.92 12.55
N GLY B 25 11.59 6.71 12.89
CA GLY B 25 10.46 6.12 12.18
C GLY B 25 10.87 5.03 11.20
N VAL B 26 12.14 5.04 10.76
CA VAL B 26 12.60 4.05 9.80
C VAL B 26 13.55 3.07 10.50
N LEU B 27 13.20 1.77 10.43
CA LEU B 27 14.00 0.68 10.97
C LEU B 27 14.29 0.89 12.45
N CYS B 28 13.26 1.15 13.28
CA CYS B 28 13.55 1.48 14.67
C CYS B 28 12.37 1.29 15.62
N THR B 29 11.35 0.52 15.20
CA THR B 29 10.14 0.35 16.00
C THR B 29 10.25 -0.88 16.92
N THR B 30 10.87 -1.97 16.44
CA THR B 30 10.97 -3.24 17.17
C THR B 30 12.40 -3.51 17.61
N GLU B 31 12.59 -4.52 18.47
CA GLU B 31 13.93 -4.89 18.93
C GLU B 31 14.76 -5.37 17.75
N GLU B 32 14.14 -6.15 16.85
CA GLU B 32 14.79 -6.61 15.64
C GLU B 32 15.32 -5.41 14.84
N ASP B 33 14.45 -4.44 14.57
CA ASP B 33 14.80 -3.24 13.83
C ASP B 33 16.03 -2.58 14.46
N LEU B 34 15.97 -2.38 15.80
CA LEU B 34 17.03 -1.69 16.52
C LEU B 34 18.33 -2.48 16.50
N ARG B 35 18.23 -3.82 16.58
CA ARG B 35 19.38 -4.71 16.45
C ARG B 35 20.05 -4.51 15.09
N ARG B 36 19.26 -4.48 14.00
CA ARG B 36 19.84 -4.36 12.67
C ARG B 36 20.53 -3.00 12.50
N MET B 37 19.94 -1.92 13.04
CA MET B 37 20.58 -0.61 13.02
C MET B 37 21.90 -0.62 13.80
N THR B 38 21.93 -1.29 14.96
CA THR B 38 23.13 -1.37 15.79
C THR B 38 24.22 -2.17 15.07
N GLU B 39 23.83 -3.24 14.38
CA GLU B 39 24.77 -4.09 13.65
C GLU B 39 25.26 -3.43 12.36
N SER B 40 24.55 -2.40 11.89
CA SER B 40 24.87 -1.69 10.66
C SER B 40 26.13 -0.83 10.84
N GLU B 41 26.58 -0.20 9.74
CA GLU B 41 27.74 0.67 9.74
C GLU B 41 27.41 2.11 10.16
N SER B 42 26.17 2.37 10.60
CA SER B 42 25.74 3.72 10.99
C SER B 42 26.52 4.19 12.22
N GLY B 43 26.75 5.51 12.28
CA GLY B 43 27.40 6.15 13.40
C GLY B 43 26.52 6.13 14.66
N SER B 44 25.19 6.12 14.46
CA SER B 44 24.25 6.07 15.57
C SER B 44 22.91 5.53 15.10
N LEU B 45 21.89 5.64 15.97
CA LEU B 45 20.54 5.20 15.64
C LEU B 45 19.57 5.90 16.59
N ILE B 46 18.31 5.98 16.15
CA ILE B 46 17.28 6.64 16.94
C ILE B 46 16.05 5.74 16.97
N GLY B 47 15.46 5.60 18.17
CA GLY B 47 14.27 4.81 18.35
C GLY B 47 13.06 5.50 17.76
N LYS B 48 12.05 4.72 17.36
CA LYS B 48 10.79 5.24 16.85
C LYS B 48 10.20 6.26 17.82
N SER B 49 9.62 7.34 17.28
CA SER B 49 8.92 8.33 18.09
C SER B 49 7.81 7.63 18.88
N CYS B 50 7.90 7.64 20.22
CA CYS B 50 7.03 6.82 21.05
C CYS B 50 6.02 7.70 21.80
N THR B 51 4.99 7.03 22.33
CA THR B 51 3.96 7.64 23.17
C THR B 51 3.95 6.91 24.51
N LEU B 52 3.26 7.47 25.51
CA LEU B 52 3.24 6.93 26.85
C LEU B 52 2.75 5.48 26.80
N ALA B 53 1.62 5.25 26.13
CA ALA B 53 1.06 3.93 25.89
C ALA B 53 1.31 3.51 24.44
N PRO B 54 1.24 2.20 24.13
CA PRO B 54 1.42 1.75 22.74
C PRO B 54 0.37 2.29 21.78
N ARG B 55 0.74 2.36 20.50
CA ARG B 55 -0.16 2.74 19.42
C ARG B 55 0.05 1.78 18.26
N THR B 56 -1.04 1.42 17.57
CA THR B 56 -0.96 0.57 16.39
C THR B 56 -0.89 1.46 15.15
N GLY B 57 -1.36 2.71 15.27
CA GLY B 57 -1.23 3.69 14.21
C GLY B 57 -2.43 3.72 13.27
N ASN B 58 -2.23 4.26 12.06
CA ASN B 58 -3.30 4.47 11.11
C ASN B 58 -3.63 3.19 10.31
N PRO B 59 -4.84 3.13 9.71
CA PRO B 59 -5.23 2.01 8.85
C PRO B 59 -4.40 1.94 7.57
N GLU B 60 -4.40 0.77 6.92
CA GLU B 60 -3.62 0.48 5.71
C GLU B 60 -4.43 0.68 4.42
N PRO B 61 -3.81 1.01 3.27
CA PRO B 61 -2.37 1.26 3.17
C PRO B 61 -1.97 2.63 3.71
N ARG B 62 -0.81 2.71 4.39
CA ARG B 62 -0.36 3.95 5.03
C ARG B 62 1.08 4.29 4.65
N TYR B 63 1.67 3.51 3.72
CA TYR B 63 2.99 3.79 3.19
C TYR B 63 2.98 3.47 1.70
N PHE B 64 3.59 4.35 0.89
CA PHE B 64 3.68 4.13 -0.54
C PHE B 64 5.01 4.68 -1.06
N GLY B 65 5.86 3.76 -1.54
CA GLY B 65 7.10 4.11 -2.20
C GLY B 65 6.81 4.81 -3.53
N LEU B 66 7.53 5.91 -3.79
CA LEU B 66 7.35 6.74 -4.98
C LEU B 66 8.65 6.75 -5.79
N PRO B 67 8.58 7.03 -7.10
CA PRO B 67 9.79 7.24 -7.91
C PRO B 67 10.76 8.26 -7.32
N LEU B 68 10.23 9.35 -6.76
CA LEU B 68 11.07 10.42 -6.22
C LEU B 68 11.12 10.43 -4.68
N GLY B 69 10.59 9.38 -4.02
CA GLY B 69 10.69 9.32 -2.57
C GLY B 69 9.59 8.46 -1.96
N SER B 70 8.83 9.04 -1.01
CA SER B 70 7.85 8.29 -0.26
C SER B 70 6.71 9.17 0.22
N ILE B 71 5.52 8.58 0.40
CA ILE B 71 4.43 9.20 1.12
C ILE B 71 4.01 8.23 2.23
N ASN B 72 3.81 8.75 3.44
CA ASN B 72 3.37 7.92 4.54
C ASN B 72 2.38 8.65 5.45
N SER B 73 1.46 7.89 6.05
CA SER B 73 0.68 8.34 7.19
C SER B 73 0.65 7.24 8.26
N MET B 74 1.81 6.95 8.85
CA MET B 74 1.99 5.81 9.74
C MET B 74 1.10 5.98 10.97
N GLY B 75 1.14 7.16 11.57
CA GLY B 75 0.31 7.51 12.71
C GLY B 75 0.95 7.14 14.04
N LEU B 76 2.30 7.14 14.08
CA LEU B 76 3.10 6.89 15.28
C LEU B 76 2.84 5.50 15.88
N PRO B 77 2.87 4.42 15.07
CA PRO B 77 2.84 3.07 15.62
C PRO B 77 4.07 2.82 16.49
N ASN B 78 3.88 2.44 17.76
CA ASN B 78 5.03 2.26 18.65
C ASN B 78 4.64 1.37 19.83
N LEU B 79 5.66 0.78 20.45
CA LEU B 79 5.50 -0.21 21.51
C LEU B 79 5.35 0.44 22.88
N GLY B 80 5.25 1.78 22.92
CA GLY B 80 5.11 2.50 24.18
C GLY B 80 6.47 2.80 24.81
N VAL B 81 6.52 3.88 25.61
CA VAL B 81 7.76 4.45 26.13
C VAL B 81 8.53 3.42 26.96
N ASP B 82 7.82 2.54 27.68
CA ASP B 82 8.43 1.54 28.55
C ASP B 82 9.29 0.57 27.73
N PHE B 83 8.83 0.22 26.53
CA PHE B 83 9.58 -0.64 25.63
C PHE B 83 10.93 0.01 25.27
N TYR B 84 10.90 1.27 24.83
CA TYR B 84 12.11 1.93 24.33
C TYR B 84 13.06 2.24 25.49
N LEU B 85 12.52 2.65 26.64
CA LEU B 85 13.34 2.87 27.84
C LEU B 85 14.06 1.59 28.23
N SER B 86 13.34 0.46 28.19
CA SER B 86 13.87 -0.86 28.50
C SER B 86 14.97 -1.26 27.50
N TYR B 87 14.79 -0.98 26.20
CA TYR B 87 15.83 -1.19 25.21
C TYR B 87 17.06 -0.35 25.55
N ALA B 88 16.83 0.93 25.87
CA ALA B 88 17.91 1.87 26.16
C ALA B 88 18.67 1.47 27.43
N ALA B 89 17.97 0.87 28.41
CA ALA B 89 18.52 0.60 29.74
C ALA B 89 19.18 -0.79 29.82
N GLN B 90 18.63 -1.78 29.09
CA GLN B 90 18.99 -3.19 29.25
C GLN B 90 19.61 -3.80 27.99
N THR B 91 19.10 -3.48 26.79
CA THR B 91 19.43 -4.24 25.58
C THR B 91 20.54 -3.60 24.74
N HIS B 92 20.51 -2.26 24.54
CA HIS B 92 21.37 -1.61 23.55
C HIS B 92 22.86 -1.76 23.90
N ASP B 93 23.68 -2.10 22.91
CA ASP B 93 25.14 -2.15 23.05
C ASP B 93 25.74 -0.77 22.79
N TYR B 94 26.05 -0.03 23.87
CA TYR B 94 26.58 1.33 23.75
C TYR B 94 28.01 1.33 23.23
N SER B 95 28.75 0.21 23.36
CA SER B 95 30.10 0.12 22.84
C SER B 95 30.08 0.06 21.31
N ARG B 96 28.95 -0.35 20.72
CA ARG B 96 28.75 -0.28 19.27
C ARG B 96 28.59 1.18 18.86
N LYS B 97 27.62 1.88 19.45
CA LYS B 97 27.33 3.25 19.08
C LYS B 97 26.34 3.87 20.06
N PRO B 98 26.31 5.21 20.18
CA PRO B 98 25.34 5.90 21.02
C PRO B 98 23.92 5.72 20.51
N LEU B 99 22.96 5.93 21.42
CA LEU B 99 21.55 5.77 21.13
C LEU B 99 20.80 7.06 21.44
N PHE B 100 19.95 7.45 20.49
CA PHE B 100 18.97 8.50 20.69
C PHE B 100 17.61 7.85 20.83
N LEU B 101 16.71 8.47 21.61
CA LEU B 101 15.31 8.06 21.64
C LEU B 101 14.48 9.26 21.21
N SER B 102 13.54 9.06 20.27
CA SER B 102 12.61 10.13 19.92
C SER B 102 11.36 9.98 20.76
N MET B 103 10.90 11.08 21.37
CA MET B 103 9.69 11.04 22.17
C MET B 103 8.67 12.00 21.54
N SER B 104 7.44 11.48 21.39
CA SER B 104 6.39 12.17 20.64
C SER B 104 5.07 12.06 21.38
N GLY B 105 5.02 12.50 22.64
CA GLY B 105 3.75 12.63 23.35
C GLY B 105 2.83 13.58 22.58
N LEU B 106 1.52 13.29 22.56
CA LEU B 106 0.57 14.06 21.77
C LEU B 106 -0.02 15.22 22.58
N SER B 107 0.51 15.45 23.79
CA SER B 107 0.22 16.60 24.63
C SER B 107 1.48 16.93 25.42
N VAL B 108 1.63 18.18 25.89
CA VAL B 108 2.77 18.56 26.72
C VAL B 108 2.83 17.67 27.96
N GLU B 109 1.67 17.39 28.57
CA GLU B 109 1.56 16.56 29.78
C GLU B 109 2.08 15.14 29.54
N GLU B 110 1.74 14.56 28.38
CA GLU B 110 2.20 13.22 28.01
C GLU B 110 3.72 13.25 27.82
N SER B 111 4.21 14.29 27.13
CA SER B 111 5.63 14.48 26.87
C SER B 111 6.41 14.59 28.19
N VAL B 112 5.88 15.35 29.14
CA VAL B 112 6.54 15.56 30.43
C VAL B 112 6.66 14.22 31.18
N GLU B 113 5.55 13.46 31.26
CA GLU B 113 5.53 12.14 31.89
C GLU B 113 6.61 11.22 31.31
N MET B 114 6.79 11.25 29.98
CA MET B 114 7.73 10.38 29.28
C MET B 114 9.19 10.76 29.56
N VAL B 115 9.53 12.05 29.47
CA VAL B 115 10.92 12.51 29.56
C VAL B 115 11.45 12.33 30.99
N LYS B 116 10.56 12.39 32.00
CA LYS B 116 10.93 12.18 33.40
C LYS B 116 11.46 10.76 33.59
N LYS B 117 10.86 9.79 32.89
CA LYS B 117 11.27 8.40 32.97
C LYS B 117 12.66 8.21 32.36
N LEU B 118 13.04 9.06 31.39
CA LEU B 118 14.28 8.91 30.65
C LEU B 118 15.49 9.40 31.47
N VAL B 119 15.27 10.32 32.41
CA VAL B 119 16.33 11.00 33.16
C VAL B 119 17.34 10.00 33.73
N PRO B 120 16.92 9.01 34.56
CA PRO B 120 17.84 8.05 35.15
C PRO B 120 18.65 7.26 34.12
N ILE B 121 18.03 6.97 32.97
CA ILE B 121 18.67 6.19 31.92
C ILE B 121 19.70 7.03 31.17
N THR B 122 19.39 8.31 30.88
CA THR B 122 20.36 9.24 30.30
C THR B 122 21.59 9.39 31.22
N LYS B 123 21.34 9.61 32.52
CA LYS B 123 22.41 9.78 33.50
C LYS B 123 23.31 8.55 33.56
N GLU B 124 22.71 7.33 33.52
CA GLU B 124 23.44 6.07 33.69
C GLU B 124 24.06 5.60 32.37
N LYS B 125 23.34 5.75 31.24
CA LYS B 125 23.70 5.11 29.97
C LYS B 125 24.15 6.11 28.91
N GLY B 126 23.72 7.37 29.01
CA GLY B 126 24.07 8.42 28.06
C GLY B 126 23.05 8.58 26.90
N THR B 127 21.92 7.85 26.99
CA THR B 127 20.84 7.92 26.01
C THR B 127 20.46 9.37 25.76
N ILE B 128 20.40 9.77 24.49
CA ILE B 128 20.12 11.14 24.09
C ILE B 128 18.65 11.26 23.68
N LEU B 129 18.00 12.37 24.06
CA LEU B 129 16.59 12.60 23.72
C LEU B 129 16.45 13.52 22.51
N GLU B 130 15.60 13.13 21.54
CA GLU B 130 15.11 14.00 20.48
C GLU B 130 13.61 14.18 20.72
N LEU B 131 13.16 15.42 20.93
CA LEU B 131 11.74 15.70 21.11
C LEU B 131 11.09 15.95 19.75
N ASN B 132 10.09 15.13 19.40
CA ASN B 132 9.38 15.24 18.14
C ASN B 132 8.34 16.37 18.24
N LEU B 133 8.60 17.49 17.55
CA LEU B 133 7.67 18.61 17.44
C LEU B 133 7.07 18.68 16.04
N SER B 134 7.04 17.55 15.32
CA SER B 134 6.58 17.51 13.93
C SER B 134 6.00 16.14 13.56
N ALA B 135 4.92 15.75 14.23
CA ALA B 135 4.14 14.57 13.89
C ALA B 135 2.98 15.00 12.98
N PRO B 136 3.07 14.83 11.64
CA PRO B 136 2.05 15.34 10.74
C PRO B 136 0.94 14.37 10.36
N ASN B 137 0.93 13.15 10.95
CA ASN B 137 0.05 12.08 10.47
C ASN B 137 -0.93 11.59 11.54
N VAL B 138 -1.10 12.36 12.62
CA VAL B 138 -2.06 12.03 13.67
C VAL B 138 -3.33 12.85 13.44
N PRO B 139 -4.45 12.22 13.01
CA PRO B 139 -5.66 12.99 12.74
C PRO B 139 -6.04 13.84 13.94
N GLY B 140 -6.21 15.15 13.74
CA GLY B 140 -6.69 16.05 14.78
C GLY B 140 -5.57 16.71 15.60
N LYS B 141 -4.31 16.28 15.44
CA LYS B 141 -3.17 16.88 16.13
C LYS B 141 -2.36 17.71 15.12
N PRO B 142 -2.29 19.05 15.24
CA PRO B 142 -1.43 19.86 14.37
C PRO B 142 0.04 19.65 14.71
N GLN B 143 0.93 19.95 13.76
CA GLN B 143 2.37 19.89 13.99
C GLN B 143 2.73 21.01 14.96
N VAL B 144 3.31 20.63 16.12
CA VAL B 144 3.58 21.56 17.20
C VAL B 144 4.49 22.68 16.73
N GLY B 145 5.54 22.30 15.97
CA GLY B 145 6.58 23.23 15.50
C GLY B 145 6.06 24.39 14.66
N TYR B 146 4.81 24.31 14.16
CA TYR B 146 4.20 25.38 13.38
C TYR B 146 3.44 26.35 14.29
N ASP B 147 3.40 26.09 15.59
CA ASP B 147 2.77 26.99 16.56
C ASP B 147 3.84 27.38 17.58
N PHE B 148 4.39 28.60 17.45
CA PHE B 148 5.57 29.03 18.21
C PHE B 148 5.25 29.21 19.70
N ASP B 149 3.99 29.53 20.03
CA ASP B 149 3.51 29.60 21.41
C ASP B 149 3.43 28.21 22.04
N THR B 150 2.84 27.25 21.33
CA THR B 150 2.81 25.86 21.79
C THR B 150 4.24 25.31 21.89
N THR B 151 5.07 25.55 20.86
CA THR B 151 6.46 25.08 20.86
C THR B 151 7.16 25.58 22.13
N ARG B 152 6.96 26.86 22.48
CA ARG B 152 7.57 27.47 23.65
C ARG B 152 7.15 26.71 24.92
N THR B 153 5.88 26.32 25.04
CA THR B 153 5.38 25.58 26.20
C THR B 153 6.04 24.21 26.31
N TYR B 154 6.18 23.48 25.18
CA TYR B 154 6.80 22.16 25.15
C TYR B 154 8.26 22.25 25.64
N LEU B 155 9.01 23.24 25.11
CA LEU B 155 10.42 23.39 25.44
C LEU B 155 10.58 23.79 26.90
N GLN B 156 9.72 24.69 27.41
CA GLN B 156 9.74 25.12 28.80
C GLN B 156 9.54 23.92 29.71
N LYS B 157 8.43 23.20 29.51
CA LYS B 157 8.03 22.07 30.34
C LYS B 157 9.03 20.92 30.25
N VAL B 158 9.51 20.58 29.04
CA VAL B 158 10.47 19.49 28.86
C VAL B 158 11.83 19.89 29.45
N SER B 159 12.25 21.16 29.28
CA SER B 159 13.52 21.64 29.81
C SER B 159 13.54 21.45 31.33
N GLU B 160 12.42 21.83 31.98
CA GLU B 160 12.25 21.78 33.43
C GLU B 160 12.18 20.33 33.92
N ALA B 161 11.44 19.47 33.19
CA ALA B 161 11.20 18.09 33.62
C ALA B 161 12.42 17.20 33.34
N TYR B 162 13.09 17.40 32.21
CA TYR B 162 14.19 16.54 31.78
C TYR B 162 15.49 17.03 32.40
N GLY B 163 15.77 18.33 32.26
CA GLY B 163 16.85 19.00 32.98
C GLY B 163 18.23 18.65 32.41
N LEU B 164 18.26 18.00 31.24
CA LEU B 164 19.49 17.53 30.62
C LEU B 164 19.48 17.97 29.16
N PRO B 165 20.66 18.03 28.49
CA PRO B 165 20.72 18.38 27.07
C PRO B 165 19.82 17.49 26.20
N PHE B 166 19.05 18.11 25.30
CA PHE B 166 18.25 17.35 24.35
C PHE B 166 18.15 18.08 23.02
N GLY B 167 17.47 17.45 22.05
CA GLY B 167 17.29 17.99 20.72
C GLY B 167 15.81 18.02 20.35
N VAL B 168 15.52 18.62 19.20
CA VAL B 168 14.16 18.76 18.71
C VAL B 168 14.14 18.42 17.23
N LYS B 169 13.12 17.66 16.82
CA LYS B 169 12.88 17.32 15.42
C LYS B 169 11.84 18.31 14.90
N MET B 170 12.28 19.25 14.05
CA MET B 170 11.47 20.37 13.63
C MET B 170 10.78 20.06 12.30
N PRO B 171 9.55 20.60 12.06
CA PRO B 171 8.95 20.54 10.74
C PRO B 171 9.72 21.46 9.80
N PRO B 172 9.63 21.29 8.46
CA PRO B 172 10.30 22.20 7.55
C PRO B 172 9.62 23.58 7.54
N TYR B 173 10.40 24.66 7.49
CA TYR B 173 9.86 26.01 7.33
C TYR B 173 10.15 26.51 5.91
N PHE B 174 9.32 27.43 5.39
CA PHE B 174 9.39 27.89 4.00
C PHE B 174 9.36 29.41 3.88
N ASP B 175 9.54 30.12 4.98
CA ASP B 175 9.52 31.59 5.00
C ASP B 175 10.63 32.09 5.93
N ILE B 176 11.30 33.19 5.55
CA ILE B 176 12.43 33.72 6.31
C ILE B 176 11.95 34.12 7.70
N ALA B 177 10.72 34.66 7.77
CA ALA B 177 10.13 35.10 9.03
C ALA B 177 9.98 33.93 9.99
N HIS B 178 9.67 32.74 9.46
CA HIS B 178 9.49 31.54 10.29
C HIS B 178 10.84 31.04 10.81
N PHE B 179 11.88 31.09 9.96
CA PHE B 179 13.23 30.80 10.42
C PHE B 179 13.52 31.68 11.63
N ASP B 180 13.24 32.99 11.51
CA ASP B 180 13.55 33.97 12.54
C ASP B 180 12.77 33.67 13.82
N MET B 181 11.46 33.40 13.69
CA MET B 181 10.60 33.16 14.83
C MET B 181 11.00 31.84 15.53
N ALA B 182 11.17 30.77 14.75
CA ALA B 182 11.58 29.47 15.28
C ALA B 182 12.90 29.59 16.06
N ALA B 183 13.89 30.26 15.46
CA ALA B 183 15.20 30.46 16.05
C ALA B 183 15.07 31.23 17.36
N ALA B 184 14.23 32.27 17.38
CA ALA B 184 14.01 33.11 18.55
C ALA B 184 13.47 32.27 19.73
N VAL B 185 12.62 31.30 19.44
CA VAL B 185 12.11 30.37 20.46
C VAL B 185 13.22 29.42 20.91
N LEU B 186 13.89 28.74 19.96
CA LEU B 186 14.90 27.74 20.29
C LEU B 186 16.03 28.37 21.13
N ASN B 187 16.44 29.60 20.80
CA ASN B 187 17.56 30.26 21.44
C ASN B 187 17.23 30.70 22.87
N ASP B 188 15.98 30.55 23.32
CA ASP B 188 15.59 30.84 24.70
C ASP B 188 15.77 29.61 25.60
N PHE B 189 16.19 28.47 25.04
CA PHE B 189 16.27 27.22 25.80
C PHE B 189 17.67 26.62 25.66
N PRO B 190 18.57 26.91 26.63
CA PRO B 190 19.96 26.46 26.57
C PRO B 190 20.14 24.94 26.56
N LEU B 191 19.17 24.18 27.08
CA LEU B 191 19.29 22.73 27.12
C LEU B 191 19.03 22.11 25.74
N VAL B 192 18.39 22.87 24.84
CA VAL B 192 18.23 22.41 23.46
C VAL B 192 19.60 22.53 22.80
N LYS B 193 20.32 21.40 22.66
CA LYS B 193 21.69 21.39 22.15
C LYS B 193 21.74 21.04 20.67
N PHE B 194 20.66 20.47 20.13
CA PHE B 194 20.64 20.22 18.69
C PHE B 194 19.23 20.36 18.13
N ILE B 195 19.18 20.67 16.83
CA ILE B 195 17.96 20.86 16.06
C ILE B 195 18.06 19.90 14.88
N THR B 196 17.10 18.97 14.71
CA THR B 196 17.05 18.14 13.52
C THR B 196 16.13 18.80 12.48
N CYS B 197 16.72 19.11 11.32
CA CYS B 197 16.06 19.70 10.15
C CYS B 197 16.25 18.75 8.97
N VAL B 198 15.18 18.12 8.44
CA VAL B 198 13.78 18.47 8.66
C VAL B 198 12.96 17.20 8.73
N ASN B 199 11.74 17.32 9.27
CA ASN B 199 10.76 16.24 9.17
C ASN B 199 10.22 16.21 7.74
N SER B 200 9.28 15.31 7.48
CA SER B 200 8.62 15.17 6.19
C SER B 200 8.00 16.49 5.74
N ILE B 201 7.90 16.72 4.42
CA ILE B 201 7.04 17.80 3.96
C ILE B 201 5.60 17.33 4.20
N GLY B 202 4.94 17.92 5.18
CA GLY B 202 3.64 17.45 5.65
C GLY B 202 2.51 17.56 4.63
N ASN B 203 1.57 16.60 4.73
CA ASN B 203 0.26 16.69 4.10
C ASN B 203 0.35 16.92 2.59
N GLY B 204 1.19 16.14 1.89
CA GLY B 204 1.12 16.07 0.45
C GLY B 204 0.06 15.06 0.03
N LEU B 205 -0.21 14.95 -1.28
CA LEU B 205 -1.25 14.06 -1.78
C LEU B 205 -0.78 13.44 -3.09
N VAL B 206 -0.79 12.11 -3.14
CA VAL B 206 -0.41 11.38 -4.34
C VAL B 206 -1.66 10.68 -4.86
N ILE B 207 -1.94 10.86 -6.16
CA ILE B 207 -3.07 10.22 -6.83
C ILE B 207 -2.51 9.36 -7.97
N ASP B 208 -3.06 8.15 -8.11
CA ASP B 208 -2.71 7.24 -9.19
C ASP B 208 -3.65 7.53 -10.36
N PRO B 209 -3.13 8.02 -11.51
CA PRO B 209 -3.96 8.36 -12.65
C PRO B 209 -4.67 7.14 -13.25
N ALA B 210 -4.09 5.95 -13.10
CA ALA B 210 -4.65 4.72 -13.64
C ALA B 210 -6.02 4.41 -13.02
N ASN B 211 -6.16 4.53 -11.69
CA ASN B 211 -7.43 4.21 -11.04
C ASN B 211 -8.10 5.45 -10.41
N GLU B 212 -7.54 6.65 -10.62
CA GLU B 212 -8.08 7.93 -10.16
C GLU B 212 -8.29 7.97 -8.64
N THR B 213 -7.45 7.21 -7.91
CA THR B 213 -7.57 7.00 -6.47
C THR B 213 -6.26 7.42 -5.79
N VAL B 214 -6.37 7.91 -4.54
CA VAL B 214 -5.23 8.20 -3.68
C VAL B 214 -4.53 6.88 -3.32
N VAL B 215 -3.25 6.94 -2.89
CA VAL B 215 -2.45 5.74 -2.67
C VAL B 215 -2.34 5.37 -1.19
N ILE B 216 -2.79 6.23 -0.27
CA ILE B 216 -2.87 5.90 1.15
C ILE B 216 -4.29 6.16 1.68
N LYS B 217 -4.68 5.38 2.69
CA LYS B 217 -6.05 5.31 3.20
C LYS B 217 -6.33 6.45 4.18
N PRO B 218 -5.46 6.72 5.17
CA PRO B 218 -5.76 7.72 6.20
C PRO B 218 -5.87 9.13 5.62
N LYS B 219 -6.69 9.97 6.26
CA LYS B 219 -6.78 11.41 5.98
C LYS B 219 -6.98 11.67 4.50
N GLN B 220 -7.84 10.90 3.84
CA GLN B 220 -8.21 11.13 2.45
C GLN B 220 -6.99 11.22 1.52
N GLY B 221 -5.91 10.50 1.86
CA GLY B 221 -4.75 10.34 0.99
C GLY B 221 -3.57 11.26 1.36
N PHE B 222 -3.77 12.11 2.37
CA PHE B 222 -2.79 13.13 2.75
C PHE B 222 -1.74 12.53 3.67
N GLY B 223 -0.47 12.68 3.29
CA GLY B 223 0.62 12.14 4.08
C GLY B 223 1.92 12.92 3.91
N GLY B 224 2.90 12.59 4.77
CA GLY B 224 4.20 13.23 4.77
C GLY B 224 5.06 12.73 3.61
N LEU B 225 5.69 13.67 2.92
CA LEU B 225 6.56 13.33 1.80
C LEU B 225 8.01 13.27 2.27
N GLY B 226 8.73 12.25 1.80
CA GLY B 226 10.16 12.15 2.06
C GLY B 226 10.93 11.86 0.78
N GLY B 227 12.26 11.94 0.85
CA GLY B 227 13.13 11.59 -0.26
C GLY B 227 13.56 12.79 -1.09
N LYS B 228 13.67 12.61 -2.41
CA LYS B 228 14.21 13.63 -3.31
C LYS B 228 13.38 14.92 -3.26
N TYR B 229 12.08 14.81 -2.96
CA TYR B 229 11.22 15.98 -2.80
C TYR B 229 11.77 16.97 -1.77
N VAL B 230 12.49 16.50 -0.73
CA VAL B 230 12.77 17.34 0.43
C VAL B 230 14.21 17.89 0.50
N LEU B 231 15.13 17.49 -0.40
CA LEU B 231 16.54 17.89 -0.26
C LEU B 231 16.69 19.42 -0.16
N PRO B 232 16.25 20.24 -1.14
CA PRO B 232 16.47 21.69 -1.09
C PRO B 232 15.85 22.35 0.15
N THR B 233 14.67 21.88 0.56
CA THR B 233 14.02 22.35 1.77
C THR B 233 14.89 22.01 2.97
N ALA B 234 15.40 20.78 3.02
CA ALA B 234 16.23 20.33 4.13
C ALA B 234 17.50 21.16 4.25
N LEU B 235 18.19 21.36 3.12
CA LEU B 235 19.44 22.12 3.11
C LEU B 235 19.21 23.55 3.59
N ALA B 236 18.10 24.16 3.15
CA ALA B 236 17.72 25.52 3.53
C ALA B 236 17.53 25.62 5.05
N ASN B 237 16.78 24.67 5.61
CA ASN B 237 16.48 24.65 7.04
C ASN B 237 17.75 24.41 7.86
N VAL B 238 18.58 23.44 7.44
CA VAL B 238 19.84 23.17 8.10
C VAL B 238 20.68 24.46 8.15
N ASN B 239 20.78 25.14 7.00
CA ASN B 239 21.65 26.31 6.87
C ASN B 239 21.09 27.49 7.68
N ALA B 240 19.76 27.71 7.59
CA ALA B 240 19.08 28.81 8.26
C ALA B 240 19.28 28.71 9.78
N PHE B 241 19.15 27.50 10.34
CA PHE B 241 19.32 27.31 11.79
C PHE B 241 20.79 27.22 12.19
N PHE B 242 21.68 26.80 11.27
CA PHE B 242 23.10 26.75 11.54
C PHE B 242 23.59 28.16 11.85
N ARG B 243 23.12 29.13 11.04
CA ARG B 243 23.50 30.52 11.18
C ARG B 243 22.76 31.20 12.35
N ARG B 244 21.49 30.85 12.59
CA ARG B 244 20.70 31.58 13.58
C ARG B 244 20.88 31.03 14.99
N CYS B 245 21.42 29.81 15.13
CA CYS B 245 21.52 29.14 16.41
C CYS B 245 22.96 28.69 16.65
N PRO B 246 23.91 29.65 16.79
CA PRO B 246 25.32 29.32 16.91
C PRO B 246 25.68 28.49 18.15
N ASP B 247 24.80 28.51 19.18
CA ASP B 247 25.06 27.80 20.43
C ASP B 247 24.53 26.37 20.37
N LYS B 248 24.11 25.92 19.18
CA LYS B 248 23.46 24.62 19.05
C LYS B 248 24.03 23.88 17.84
N LEU B 249 23.92 22.54 17.87
CA LEU B 249 24.27 21.71 16.72
C LEU B 249 23.05 21.61 15.81
N VAL B 250 23.26 21.33 14.53
CA VAL B 250 22.15 21.03 13.64
C VAL B 250 22.37 19.65 13.04
N PHE B 251 21.33 18.81 13.10
CA PHE B 251 21.34 17.51 12.43
C PHE B 251 20.54 17.64 11.15
N GLY B 252 21.08 17.09 10.07
CA GLY B 252 20.41 17.12 8.78
C GLY B 252 19.58 15.86 8.57
N CYS B 253 18.38 16.05 8.04
CA CYS B 253 17.49 14.97 7.62
C CYS B 253 16.70 15.42 6.41
N GLY B 254 16.68 14.62 5.34
CA GLY B 254 15.87 14.91 4.16
C GLY B 254 16.66 14.73 2.88
N GLY B 255 16.24 13.79 2.04
CA GLY B 255 16.73 13.69 0.67
C GLY B 255 18.07 12.96 0.54
N VAL B 256 18.57 12.32 1.60
CA VAL B 256 19.90 11.71 1.57
C VAL B 256 19.79 10.32 0.94
N TYR B 257 20.37 10.15 -0.27
CA TYR B 257 20.45 8.86 -0.94
C TYR B 257 21.89 8.44 -1.19
N SER B 258 22.85 9.33 -0.95
CA SER B 258 24.22 9.13 -1.37
C SER B 258 25.14 10.01 -0.54
N GLY B 259 26.45 9.75 -0.64
CA GLY B 259 27.47 10.56 0.00
C GLY B 259 27.41 12.02 -0.44
N GLU B 260 27.00 12.24 -1.70
CA GLU B 260 26.92 13.59 -2.24
C GLU B 260 25.93 14.43 -1.45
N GLU B 261 24.71 13.92 -1.20
CA GLU B 261 23.68 14.63 -0.45
C GLU B 261 24.14 14.83 0.99
N ALA B 262 24.81 13.81 1.54
CA ALA B 262 25.36 13.88 2.89
C ALA B 262 26.37 15.02 2.96
N PHE B 263 27.21 15.14 1.93
CA PHE B 263 28.25 16.15 1.86
C PHE B 263 27.59 17.55 1.87
N LEU B 264 26.50 17.70 1.12
CA LEU B 264 25.75 18.95 1.02
C LEU B 264 25.14 19.33 2.37
N HIS B 265 24.52 18.38 3.07
CA HIS B 265 23.97 18.61 4.41
C HIS B 265 25.04 19.17 5.34
N ILE B 266 26.24 18.56 5.33
CA ILE B 266 27.33 18.92 6.23
C ILE B 266 27.88 20.30 5.88
N LEU B 267 28.07 20.55 4.57
CA LEU B 267 28.44 21.86 4.04
C LEU B 267 27.45 22.94 4.47
N ALA B 268 26.15 22.60 4.54
CA ALA B 268 25.09 23.49 4.99
C ALA B 268 25.15 23.72 6.51
N GLY B 269 25.71 22.76 7.27
CA GLY B 269 25.96 22.93 8.70
C GLY B 269 25.66 21.72 9.57
N ALA B 270 25.30 20.56 8.96
CA ALA B 270 24.89 19.38 9.72
C ALA B 270 26.06 18.74 10.46
N SER B 271 25.81 18.34 11.70
CA SER B 271 26.72 17.53 12.49
C SER B 271 26.45 16.03 12.26
N MET B 272 25.20 15.62 12.44
CA MET B 272 24.77 14.26 12.13
C MET B 272 23.88 14.33 10.89
N VAL B 273 23.77 13.23 10.14
CA VAL B 273 22.97 13.14 8.92
C VAL B 273 22.05 11.94 9.06
N GLN B 274 20.73 12.16 9.01
CA GLN B 274 19.74 11.08 9.18
C GLN B 274 19.26 10.64 7.80
N VAL B 275 18.88 9.36 7.69
CA VAL B 275 18.50 8.75 6.42
C VAL B 275 17.16 8.03 6.63
N GLY B 276 16.11 8.49 5.93
CA GLY B 276 14.77 7.91 6.07
C GLY B 276 14.41 7.06 4.85
N THR B 277 13.75 7.68 3.86
CA THR B 277 13.23 7.03 2.67
C THR B 277 14.26 6.09 2.04
N ALA B 278 15.50 6.55 1.81
CA ALA B 278 16.52 5.73 1.15
C ALA B 278 16.83 4.49 1.97
N LEU B 279 16.78 4.59 3.30
CA LEU B 279 17.04 3.48 4.21
C LEU B 279 15.88 2.48 4.14
N HIS B 280 14.65 2.99 4.08
CA HIS B 280 13.48 2.15 3.91
C HIS B 280 13.57 1.37 2.59
N ASP B 281 14.04 2.02 1.52
CA ASP B 281 14.15 1.43 0.20
C ASP B 281 15.24 0.34 0.15
N GLU B 282 16.41 0.61 0.75
CA GLU B 282 17.64 -0.15 0.50
C GLU B 282 17.99 -1.10 1.65
N GLY B 283 17.54 -0.79 2.87
CA GLY B 283 17.96 -1.51 4.07
C GLY B 283 19.26 -0.95 4.66
N PRO B 284 19.65 -1.37 5.89
CA PRO B 284 20.81 -0.83 6.61
C PRO B 284 22.16 -1.00 5.94
N ILE B 285 22.26 -1.84 4.89
CA ILE B 285 23.48 -1.95 4.10
C ILE B 285 23.83 -0.58 3.51
N ILE B 286 22.84 0.34 3.42
CA ILE B 286 23.05 1.66 2.82
C ILE B 286 24.17 2.39 3.55
N PHE B 287 24.28 2.18 4.87
CA PHE B 287 25.24 2.91 5.69
C PHE B 287 26.68 2.61 5.27
N ALA B 288 26.95 1.38 4.85
CA ALA B 288 28.26 1.00 4.33
C ALA B 288 28.60 1.80 3.08
N ARG B 289 27.60 1.99 2.22
CA ARG B 289 27.74 2.73 0.96
C ARG B 289 27.94 4.23 1.24
N LEU B 290 27.18 4.78 2.19
CA LEU B 290 27.25 6.21 2.50
C LEU B 290 28.62 6.59 3.05
N ASN B 291 29.15 5.78 3.98
CA ASN B 291 30.50 5.95 4.50
C ASN B 291 31.53 6.01 3.36
N LYS B 292 31.47 5.03 2.45
CA LYS B 292 32.39 4.93 1.33
C LYS B 292 32.30 6.19 0.46
N GLU B 293 31.08 6.60 0.07
CA GLU B 293 30.90 7.72 -0.84
C GLU B 293 31.35 9.05 -0.24
N LEU B 294 31.06 9.29 1.06
CA LEU B 294 31.44 10.53 1.73
C LEU B 294 32.98 10.61 1.80
N GLN B 295 33.62 9.48 2.11
CA GLN B 295 35.07 9.36 2.16
C GLN B 295 35.69 9.74 0.81
N GLU B 296 35.11 9.21 -0.28
CA GLU B 296 35.59 9.50 -1.62
C GLU B 296 35.55 11.00 -1.91
N ILE B 297 34.43 11.66 -1.56
CA ILE B 297 34.26 13.09 -1.85
C ILE B 297 35.28 13.89 -1.05
N MET B 298 35.46 13.55 0.22
CA MET B 298 36.42 14.23 1.07
C MET B 298 37.84 14.02 0.54
N THR B 299 38.18 12.80 0.12
CA THR B 299 39.47 12.50 -0.49
C THR B 299 39.67 13.42 -1.70
N ASN B 300 38.67 13.49 -2.61
CA ASN B 300 38.75 14.28 -3.84
C ASN B 300 38.98 15.77 -3.56
N LYS B 301 38.39 16.31 -2.47
CA LYS B 301 38.44 17.74 -2.16
C LYS B 301 39.56 18.07 -1.17
N GLY B 302 40.22 17.04 -0.63
CA GLY B 302 41.36 17.22 0.26
C GLY B 302 40.95 17.60 1.69
N TYR B 303 39.74 17.22 2.12
CA TYR B 303 39.31 17.46 3.50
C TYR B 303 39.67 16.24 4.35
N LYS B 304 40.33 16.49 5.49
CA LYS B 304 40.80 15.44 6.39
C LYS B 304 39.73 15.13 7.45
N THR B 305 38.83 16.11 7.71
CA THR B 305 37.78 16.00 8.73
C THR B 305 36.54 16.76 8.28
N LEU B 306 35.39 16.39 8.84
CA LEU B 306 34.11 17.06 8.58
C LEU B 306 34.17 18.52 9.07
N ASP B 307 34.96 18.77 10.12
CA ASP B 307 35.09 20.10 10.71
C ASP B 307 35.70 21.09 9.72
N GLU B 308 36.45 20.61 8.73
CA GLU B 308 37.10 21.48 7.77
C GLU B 308 36.08 22.15 6.85
N PHE B 309 34.91 21.52 6.63
CA PHE B 309 33.94 22.09 5.69
C PHE B 309 32.53 22.20 6.28
N ARG B 310 32.29 21.77 7.54
CA ARG B 310 30.96 21.86 8.13
C ARG B 310 30.51 23.32 8.14
N GLY B 311 29.33 23.60 7.57
CA GLY B 311 28.77 24.95 7.55
C GLY B 311 29.53 25.94 6.65
N ARG B 312 30.44 25.46 5.77
CA ARG B 312 31.30 26.33 5.00
C ARG B 312 30.78 26.52 3.57
N VAL B 313 29.47 26.29 3.35
CA VAL B 313 28.86 26.54 2.05
C VAL B 313 29.18 27.97 1.64
N LYS B 314 29.50 28.17 0.35
CA LYS B 314 29.87 29.48 -0.18
C LYS B 314 28.65 30.12 -0.84
N THR B 315 28.49 31.44 -0.65
CA THR B 315 27.45 32.22 -1.31
C THR B 315 28.11 33.21 -2.28
N MET B 316 27.33 33.85 -3.15
CA MET B 316 27.83 34.75 -4.20
C MET B 316 27.70 36.23 -3.76
N MET C 5 -41.06 -9.27 9.42
CA MET C 5 -39.73 -9.83 9.07
C MET C 5 -38.70 -9.46 10.14
N SER C 6 -37.66 -10.30 10.28
CA SER C 6 -36.66 -10.20 11.33
C SER C 6 -35.35 -10.86 10.88
N LEU C 7 -34.23 -10.12 11.03
CA LEU C 7 -32.89 -10.64 10.82
C LEU C 7 -32.30 -11.12 12.16
N LYS C 8 -33.12 -11.14 13.22
CA LYS C 8 -32.63 -11.43 14.56
C LYS C 8 -32.07 -12.85 14.60
N VAL C 9 -31.04 -13.04 15.44
CA VAL C 9 -30.41 -14.32 15.72
C VAL C 9 -30.30 -14.47 17.24
N ASN C 10 -30.79 -15.59 17.79
CA ASN C 10 -30.81 -15.82 19.24
C ASN C 10 -29.88 -16.98 19.56
N ILE C 11 -28.61 -16.68 19.85
CA ILE C 11 -27.59 -17.69 20.10
C ILE C 11 -26.73 -17.27 21.30
N LEU C 12 -26.18 -18.27 22.01
CA LEU C 12 -25.25 -18.07 23.11
C LEU C 12 -25.88 -17.23 24.22
N GLY C 13 -27.23 -17.16 24.24
CA GLY C 13 -27.96 -16.45 25.29
C GLY C 13 -28.03 -14.94 25.06
N HIS C 14 -27.86 -14.49 23.81
CA HIS C 14 -28.02 -13.10 23.42
C HIS C 14 -28.97 -13.02 22.22
N GLU C 15 -29.65 -11.88 22.07
CA GLU C 15 -30.48 -11.58 20.92
C GLU C 15 -29.73 -10.59 20.03
N PHE C 16 -29.21 -11.06 18.89
CA PHE C 16 -28.49 -10.22 17.94
C PHE C 16 -29.50 -9.60 16.98
N SER C 17 -29.44 -8.27 16.78
CA SER C 17 -30.37 -7.53 15.94
C SER C 17 -30.34 -8.07 14.51
N ASN C 18 -29.15 -8.53 14.10
CA ASN C 18 -28.93 -9.06 12.77
C ASN C 18 -27.70 -9.97 12.82
N PRO C 19 -27.42 -10.78 11.78
CA PRO C 19 -26.32 -11.73 11.84
C PRO C 19 -24.94 -11.15 11.53
N PHE C 20 -24.84 -9.84 11.25
CA PHE C 20 -23.61 -9.25 10.72
C PHE C 20 -22.70 -8.75 11.83
N MET C 21 -21.40 -8.92 11.60
CA MET C 21 -20.35 -8.38 12.44
C MET C 21 -19.10 -8.23 11.58
N ASN C 22 -18.10 -7.55 12.11
CA ASN C 22 -16.83 -7.42 11.41
C ASN C 22 -16.06 -8.74 11.53
N ALA C 23 -15.18 -9.02 10.56
CA ALA C 23 -14.20 -10.08 10.72
C ALA C 23 -13.10 -9.58 11.65
N ALA C 24 -12.50 -10.48 12.44
CA ALA C 24 -11.37 -10.08 13.28
C ALA C 24 -10.25 -9.47 12.45
N GLY C 25 -9.66 -8.38 12.95
CA GLY C 25 -8.59 -7.70 12.26
C GLY C 25 -9.04 -6.46 11.48
N VAL C 26 -10.33 -6.39 11.13
CA VAL C 26 -10.83 -5.27 10.35
C VAL C 26 -11.66 -4.38 11.28
N LEU C 27 -11.29 -3.09 11.34
CA LEU C 27 -11.98 -2.07 12.10
C LEU C 27 -12.21 -2.51 13.55
N CYS C 28 -11.16 -2.92 14.26
CA CYS C 28 -11.37 -3.43 15.60
C CYS C 28 -10.11 -3.41 16.47
N THR C 29 -9.09 -2.64 16.06
CA THR C 29 -7.80 -2.64 16.73
C THR C 29 -7.75 -1.55 17.80
N THR C 30 -8.27 -0.35 17.51
CA THR C 30 -8.21 0.80 18.41
C THR C 30 -9.59 1.07 19.01
N GLU C 31 -9.63 1.94 20.04
CA GLU C 31 -10.87 2.34 20.69
C GLU C 31 -11.80 3.03 19.68
N GLU C 32 -11.23 3.87 18.81
CA GLU C 32 -12.01 4.54 17.78
C GLU C 32 -12.67 3.50 16.87
N ASP C 33 -11.88 2.53 16.37
CA ASP C 33 -12.40 1.47 15.51
C ASP C 33 -13.60 0.80 16.17
N LEU C 34 -13.44 0.44 17.44
CA LEU C 34 -14.47 -0.29 18.19
C LEU C 34 -15.74 0.56 18.38
N ARG C 35 -15.58 1.87 18.65
CA ARG C 35 -16.70 2.80 18.70
C ARG C 35 -17.47 2.82 17.38
N ARG C 36 -16.72 2.91 16.26
CA ARG C 36 -17.33 2.97 14.95
C ARG C 36 -18.16 1.71 14.66
N MET C 37 -17.60 0.53 14.97
CA MET C 37 -18.34 -0.72 14.85
C MET C 37 -19.59 -0.72 15.73
N THR C 38 -19.46 -0.27 16.98
CA THR C 38 -20.58 -0.21 17.92
C THR C 38 -21.69 0.69 17.38
N GLU C 39 -21.32 1.84 16.81
CA GLU C 39 -22.29 2.79 16.27
C GLU C 39 -22.86 2.32 14.94
N SER C 40 -22.18 1.38 14.27
CA SER C 40 -22.67 0.82 13.02
C SER C 40 -23.97 0.05 13.25
N GLU C 41 -24.63 -0.35 12.14
CA GLU C 41 -25.82 -1.21 12.15
C GLU C 41 -25.47 -2.70 12.33
N SER C 42 -24.21 -3.02 12.68
CA SER C 42 -23.78 -4.40 12.89
C SER C 42 -24.54 -5.03 14.06
N GLY C 43 -24.89 -6.32 13.91
CA GLY C 43 -25.48 -7.09 15.00
C GLY C 43 -24.48 -7.31 16.15
N SER C 44 -23.18 -7.38 15.83
CA SER C 44 -22.15 -7.56 16.84
C SER C 44 -20.80 -7.05 16.33
N LEU C 45 -19.76 -7.23 17.15
CA LEU C 45 -18.40 -6.84 16.77
C LEU C 45 -17.40 -7.73 17.50
N ILE C 46 -16.18 -7.80 16.95
CA ILE C 46 -15.10 -8.58 17.57
C ILE C 46 -13.82 -7.75 17.59
N GLY C 47 -13.10 -7.78 18.71
CA GLY C 47 -11.81 -7.09 18.82
C GLY C 47 -10.71 -7.76 17.99
N LYS C 48 -9.67 -6.99 17.67
CA LYS C 48 -8.50 -7.50 16.95
C LYS C 48 -7.89 -8.65 17.74
N SER C 49 -7.46 -9.70 17.03
CA SER C 49 -6.74 -10.80 17.68
C SER C 49 -5.56 -10.23 18.47
N CYS C 50 -5.54 -10.47 19.80
CA CYS C 50 -4.54 -9.83 20.65
C CYS C 50 -3.51 -10.83 21.17
N THR C 51 -2.41 -10.28 21.68
CA THR C 51 -1.35 -11.03 22.33
C THR C 51 -1.18 -10.46 23.74
N LEU C 52 -0.37 -11.13 24.56
CA LEU C 52 -0.18 -10.71 25.94
C LEU C 52 0.42 -9.30 25.95
N ALA C 53 1.49 -9.11 25.16
CA ALA C 53 2.18 -7.83 25.01
C ALA C 53 1.72 -7.14 23.72
N PRO C 54 1.79 -5.79 23.65
CA PRO C 54 1.42 -5.08 22.44
C PRO C 54 2.37 -5.41 21.30
N ARG C 55 1.87 -5.33 20.07
CA ARG C 55 2.65 -5.57 18.86
C ARG C 55 2.35 -4.45 17.86
N THR C 56 3.39 -4.03 17.10
CA THR C 56 3.25 -3.04 16.04
C THR C 56 3.03 -3.75 14.71
N GLY C 57 3.36 -5.04 14.66
CA GLY C 57 3.12 -5.86 13.49
C GLY C 57 4.29 -5.85 12.50
N ASN C 58 4.02 -6.26 11.25
CA ASN C 58 5.03 -6.39 10.20
C ASN C 58 5.33 -5.02 9.56
N PRO C 59 6.50 -4.88 8.90
CA PRO C 59 6.84 -3.64 8.19
C PRO C 59 6.00 -3.40 6.93
N GLU C 60 6.07 -2.16 6.41
CA GLU C 60 5.26 -1.70 5.29
C GLU C 60 5.94 -1.81 3.94
N PRO C 61 5.21 -1.94 2.81
CA PRO C 61 3.77 -2.19 2.81
C PRO C 61 3.36 -3.61 3.21
N ARG C 62 2.24 -3.73 3.94
CA ARG C 62 1.76 -5.00 4.46
C ARG C 62 0.30 -5.28 4.08
N TYR C 63 -0.33 -4.40 3.29
CA TYR C 63 -1.70 -4.58 2.84
C TYR C 63 -1.83 -4.07 1.41
N PHE C 64 -2.53 -4.81 0.54
CA PHE C 64 -2.76 -4.39 -0.84
C PHE C 64 -4.17 -4.79 -1.25
N GLY C 65 -4.98 -3.78 -1.61
CA GLY C 65 -6.31 -3.96 -2.20
C GLY C 65 -6.20 -4.50 -3.62
N LEU C 66 -6.98 -5.55 -3.92
CA LEU C 66 -6.99 -6.19 -5.22
C LEU C 66 -8.38 -6.00 -5.86
N PRO C 67 -8.50 -6.07 -7.20
CA PRO C 67 -9.82 -6.12 -7.83
C PRO C 67 -10.76 -7.16 -7.19
N LEU C 68 -10.26 -8.37 -6.90
CA LEU C 68 -11.09 -9.46 -6.38
C LEU C 68 -10.98 -9.63 -4.86
N GLY C 69 -10.30 -8.72 -4.16
CA GLY C 69 -10.29 -8.73 -2.69
C GLY C 69 -9.04 -8.06 -2.10
N SER C 70 -8.27 -8.83 -1.31
CA SER C 70 -7.14 -8.25 -0.58
C SER C 70 -6.06 -9.29 -0.30
N ILE C 71 -4.80 -8.81 -0.11
CA ILE C 71 -3.71 -9.62 0.42
C ILE C 71 -3.14 -8.86 1.60
N ASN C 72 -2.83 -9.55 2.69
CA ASN C 72 -2.25 -8.85 3.84
C ASN C 72 -1.24 -9.71 4.57
N SER C 73 -0.23 -9.06 5.17
CA SER C 73 0.62 -9.68 6.17
C SER C 73 0.76 -8.71 7.35
N MET C 74 -0.33 -8.49 8.08
CA MET C 74 -0.39 -7.45 9.10
C MET C 74 0.59 -7.77 10.24
N GLY C 75 0.60 -9.04 10.68
CA GLY C 75 1.51 -9.51 11.73
C GLY C 75 0.96 -9.27 13.14
N LEU C 76 -0.37 -9.34 13.29
CA LEU C 76 -1.07 -9.20 14.56
C LEU C 76 -0.72 -7.89 15.27
N PRO C 77 -0.77 -6.73 14.58
CA PRO C 77 -0.66 -5.46 15.27
C PRO C 77 -1.80 -5.32 16.27
N ASN C 78 -1.48 -5.12 17.56
CA ASN C 78 -2.52 -5.05 18.59
C ASN C 78 -1.99 -4.33 19.83
N LEU C 79 -2.90 -3.76 20.63
CA LEU C 79 -2.55 -2.94 21.79
C LEU C 79 -2.39 -3.78 23.07
N GLY C 80 -2.35 -5.10 22.91
CA GLY C 80 -2.12 -5.99 24.04
C GLY C 80 -3.44 -6.39 24.69
N VAL C 81 -3.46 -7.53 25.39
CA VAL C 81 -4.69 -8.10 25.95
C VAL C 81 -5.34 -7.13 26.95
N ASP C 82 -4.52 -6.43 27.76
CA ASP C 82 -5.04 -5.54 28.80
C ASP C 82 -5.93 -4.45 28.19
N PHE C 83 -5.56 -3.96 27.01
CA PHE C 83 -6.35 -2.94 26.32
C PHE C 83 -7.76 -3.47 26.01
N TYR C 84 -7.85 -4.66 25.42
CA TYR C 84 -9.13 -5.18 24.94
C TYR C 84 -10.00 -5.61 26.12
N LEU C 85 -9.39 -6.16 27.17
CA LEU C 85 -10.12 -6.54 28.37
C LEU C 85 -10.70 -5.30 29.03
N SER C 86 -9.91 -4.23 29.06
CA SER C 86 -10.31 -2.93 29.58
C SER C 86 -11.46 -2.36 28.74
N TYR C 87 -11.40 -2.45 27.40
CA TYR C 87 -12.51 -2.03 26.57
C TYR C 87 -13.76 -2.85 26.88
N ALA C 88 -13.59 -4.18 27.00
CA ALA C 88 -14.69 -5.10 27.32
C ALA C 88 -15.29 -4.81 28.70
N ALA C 89 -14.43 -4.53 29.70
CA ALA C 89 -14.84 -4.38 31.09
C ALA C 89 -15.52 -3.03 31.36
N GLN C 90 -15.07 -1.93 30.71
CA GLN C 90 -15.55 -0.59 31.08
C GLN C 90 -16.06 0.26 29.90
N THR C 91 -15.51 0.13 28.68
CA THR C 91 -15.85 1.06 27.60
C THR C 91 -17.08 0.59 26.82
N HIS C 92 -17.14 -0.70 26.45
CA HIS C 92 -18.13 -1.18 25.50
C HIS C 92 -19.55 -0.98 26.03
N ASP C 93 -20.45 -0.54 25.14
CA ASP C 93 -21.88 -0.38 25.40
C ASP C 93 -22.62 -1.66 25.01
N TYR C 94 -22.86 -2.55 25.99
CA TYR C 94 -23.51 -3.83 25.76
C TYR C 94 -25.01 -3.68 25.45
N SER C 95 -25.59 -2.50 25.72
CA SER C 95 -26.99 -2.23 25.36
C SER C 95 -27.12 -2.07 23.84
N ARG C 96 -26.03 -1.69 23.15
CA ARG C 96 -26.02 -1.59 21.70
C ARG C 96 -25.94 -2.99 21.08
N LYS C 97 -24.90 -3.76 21.46
CA LYS C 97 -24.72 -5.10 20.91
C LYS C 97 -23.74 -5.90 21.76
N PRO C 98 -23.77 -7.26 21.66
CA PRO C 98 -22.78 -8.08 22.34
C PRO C 98 -21.37 -7.88 21.79
N LEU C 99 -20.36 -8.20 22.60
CA LEU C 99 -18.97 -8.06 22.20
C LEU C 99 -18.27 -9.42 22.19
N PHE C 100 -17.56 -9.72 21.09
CA PHE C 100 -16.63 -10.85 21.04
C PHE C 100 -15.20 -10.32 21.11
N LEU C 101 -14.28 -11.08 21.72
CA LEU C 101 -12.85 -10.78 21.69
C LEU C 101 -12.10 -11.96 21.06
N SER C 102 -11.18 -11.67 20.13
CA SER C 102 -10.34 -12.71 19.54
C SER C 102 -9.01 -12.77 20.29
N MET C 103 -8.62 -13.97 20.72
CA MET C 103 -7.37 -14.17 21.44
C MET C 103 -6.44 -15.03 20.60
N SER C 104 -5.20 -14.56 20.46
CA SER C 104 -4.26 -15.06 19.48
C SER C 104 -2.87 -15.11 20.07
N GLY C 105 -2.73 -15.69 21.26
CA GLY C 105 -1.42 -16.04 21.80
C GLY C 105 -0.63 -16.83 20.74
N LEU C 106 0.70 -16.67 20.75
CA LEU C 106 1.60 -17.36 19.83
C LEU C 106 2.16 -18.66 20.44
N SER C 107 1.66 -19.03 21.63
CA SER C 107 1.94 -20.31 22.28
C SER C 107 0.71 -20.70 23.11
N VAL C 108 0.52 -21.99 23.43
CA VAL C 108 -0.63 -22.42 24.21
C VAL C 108 -0.58 -21.76 25.60
N GLU C 109 0.63 -21.59 26.15
CA GLU C 109 0.84 -20.95 27.45
C GLU C 109 0.38 -19.50 27.42
N GLU C 110 0.72 -18.77 26.33
CA GLU C 110 0.29 -17.39 26.16
C GLU C 110 -1.24 -17.32 26.13
N SER C 111 -1.89 -18.18 25.31
CA SER C 111 -3.34 -18.17 25.17
C SER C 111 -4.03 -18.47 26.51
N VAL C 112 -3.46 -19.40 27.28
CA VAL C 112 -4.01 -19.81 28.56
C VAL C 112 -3.98 -18.63 29.53
N GLU C 113 -2.85 -17.94 29.64
CA GLU C 113 -2.73 -16.78 30.52
C GLU C 113 -3.79 -15.72 30.16
N MET C 114 -4.06 -15.56 28.86
CA MET C 114 -4.98 -14.53 28.36
C MET C 114 -6.44 -14.87 28.67
N VAL C 115 -6.87 -16.13 28.43
CA VAL C 115 -8.27 -16.50 28.62
C VAL C 115 -8.63 -16.48 30.11
N LYS C 116 -7.66 -16.77 30.99
CA LYS C 116 -7.87 -16.74 32.44
C LYS C 116 -8.28 -15.33 32.86
N LYS C 117 -7.67 -14.31 32.24
CA LYS C 117 -7.97 -12.91 32.53
C LYS C 117 -9.38 -12.55 32.05
N LEU C 118 -9.89 -13.27 31.03
CA LEU C 118 -11.18 -12.96 30.43
C LEU C 118 -12.33 -13.47 31.28
N VAL C 119 -12.11 -14.54 32.06
CA VAL C 119 -13.17 -15.24 32.78
C VAL C 119 -14.04 -14.27 33.58
N PRO C 120 -13.48 -13.46 34.51
CA PRO C 120 -14.27 -12.47 35.26
C PRO C 120 -15.15 -11.56 34.39
N ILE C 121 -14.63 -11.15 33.23
CA ILE C 121 -15.32 -10.18 32.37
C ILE C 121 -16.45 -10.88 31.61
N THR C 122 -16.23 -12.11 31.11
CA THR C 122 -17.31 -12.89 30.52
C THR C 122 -18.44 -13.04 31.55
N LYS C 123 -18.08 -13.42 32.78
CA LYS C 123 -19.05 -13.65 33.84
C LYS C 123 -19.83 -12.37 34.15
N GLU C 124 -19.15 -11.22 34.16
CA GLU C 124 -19.76 -9.94 34.55
C GLU C 124 -20.49 -9.29 33.36
N LYS C 125 -19.88 -9.30 32.17
CA LYS C 125 -20.39 -8.52 31.03
C LYS C 125 -21.00 -9.40 29.94
N GLY C 126 -20.61 -10.69 29.89
CA GLY C 126 -21.08 -11.62 28.87
C GLY C 126 -20.25 -11.54 27.58
N THR C 127 -18.99 -11.04 27.69
CA THR C 127 -18.03 -10.97 26.59
C THR C 127 -17.71 -12.39 26.09
N ILE C 128 -17.76 -12.60 24.76
CA ILE C 128 -17.58 -13.92 24.17
C ILE C 128 -16.16 -14.07 23.61
N LEU C 129 -15.57 -15.26 23.78
CA LEU C 129 -14.21 -15.51 23.34
C LEU C 129 -14.19 -16.23 22.00
N GLU C 130 -13.43 -15.70 21.03
CA GLU C 130 -13.06 -16.39 19.81
C GLU C 130 -11.57 -16.68 19.90
N LEU C 131 -11.19 -17.96 19.94
CA LEU C 131 -9.78 -18.34 20.00
C LEU C 131 -9.23 -18.42 18.58
N ASN C 132 -8.18 -17.65 18.27
CA ASN C 132 -7.63 -17.60 16.92
C ASN C 132 -6.64 -18.77 16.76
N LEU C 133 -6.98 -19.75 15.91
CA LEU C 133 -6.12 -20.89 15.61
C LEU C 133 -5.64 -20.84 14.16
N SER C 134 -5.65 -19.63 13.57
CA SER C 134 -5.31 -19.43 12.17
C SER C 134 -4.66 -18.06 11.97
N ALA C 135 -3.45 -17.89 12.49
CA ALA C 135 -2.64 -16.68 12.30
C ALA C 135 -1.56 -17.00 11.27
N PRO C 136 -1.74 -16.62 9.96
CA PRO C 136 -0.82 -17.02 8.91
C PRO C 136 0.28 -16.03 8.55
N ASN C 137 0.36 -14.89 9.25
CA ASN C 137 1.27 -13.80 8.87
C ASN C 137 2.36 -13.52 9.91
N VAL C 138 2.63 -14.48 10.80
CA VAL C 138 3.71 -14.35 11.78
C VAL C 138 4.86 -15.25 11.35
N PRO C 139 6.02 -14.67 10.94
CA PRO C 139 7.16 -15.46 10.50
C PRO C 139 7.57 -16.50 11.53
N GLY C 140 7.66 -17.77 11.11
CA GLY C 140 8.12 -18.86 11.96
C GLY C 140 7.03 -19.54 12.78
N LYS C 141 5.78 -19.05 12.71
CA LYS C 141 4.65 -19.63 13.42
C LYS C 141 3.67 -20.24 12.42
N PRO C 142 3.53 -21.58 12.38
CA PRO C 142 2.51 -22.22 11.53
C PRO C 142 1.09 -21.97 12.02
N GLN C 143 0.11 -22.07 11.11
CA GLN C 143 -1.29 -22.00 11.50
C GLN C 143 -1.63 -23.24 12.35
N VAL C 144 -1.97 -23.00 13.63
CA VAL C 144 -2.23 -24.07 14.60
C VAL C 144 -3.26 -25.06 14.05
N GLY C 145 -4.34 -24.54 13.44
CA GLY C 145 -5.44 -25.35 12.93
C GLY C 145 -5.03 -26.38 11.87
N TYR C 146 -3.83 -26.27 11.29
CA TYR C 146 -3.35 -27.27 10.33
C TYR C 146 -2.56 -28.39 11.03
N ASP C 147 -2.44 -28.32 12.37
CA ASP C 147 -1.80 -29.37 13.17
C ASP C 147 -2.82 -29.83 14.21
N PHE C 148 -3.46 -31.00 13.99
CA PHE C 148 -4.61 -31.43 14.77
C PHE C 148 -4.18 -31.81 16.19
N ASP C 149 -2.94 -32.30 16.35
CA ASP C 149 -2.36 -32.60 17.67
C ASP C 149 -2.17 -31.32 18.47
N THR C 150 -1.58 -30.28 17.86
CA THR C 150 -1.40 -28.98 18.51
C THR C 150 -2.77 -28.33 18.77
N THR C 151 -3.70 -28.43 17.81
CA THR C 151 -5.05 -27.90 17.96
C THR C 151 -5.70 -28.52 19.21
N ARG C 152 -5.56 -29.84 19.38
CA ARG C 152 -6.15 -30.59 20.51
C ARG C 152 -5.59 -30.06 21.85
N THR C 153 -4.27 -29.81 21.89
CA THR C 153 -3.61 -29.27 23.08
C THR C 153 -4.18 -27.89 23.43
N TYR C 154 -4.36 -27.02 22.43
CA TYR C 154 -4.97 -25.71 22.63
C TYR C 154 -6.38 -25.85 23.23
N LEU C 155 -7.23 -26.70 22.63
CA LEU C 155 -8.62 -26.79 23.04
C LEU C 155 -8.73 -27.35 24.46
N GLN C 156 -7.91 -28.37 24.76
CA GLN C 156 -7.80 -28.94 26.10
C GLN C 156 -7.43 -27.86 27.14
N LYS C 157 -6.30 -27.18 26.94
CA LYS C 157 -5.81 -26.23 27.94
C LYS C 157 -6.76 -25.03 28.08
N VAL C 158 -7.35 -24.57 26.97
CA VAL C 158 -8.23 -23.43 27.01
C VAL C 158 -9.56 -23.83 27.67
N SER C 159 -10.08 -25.02 27.33
CA SER C 159 -11.28 -25.58 27.95
C SER C 159 -11.13 -25.61 29.48
N GLU C 160 -10.00 -26.14 29.95
CA GLU C 160 -9.67 -26.23 31.38
C GLU C 160 -9.65 -24.85 32.03
N ALA C 161 -8.90 -23.92 31.42
CA ALA C 161 -8.58 -22.62 32.02
C ALA C 161 -9.78 -21.66 31.94
N TYR C 162 -10.50 -21.64 30.81
CA TYR C 162 -11.61 -20.73 30.59
C TYR C 162 -12.91 -21.31 31.20
N GLY C 163 -13.22 -22.57 30.87
CA GLY C 163 -14.32 -23.31 31.50
C GLY C 163 -15.72 -22.77 31.18
N LEU C 164 -15.85 -22.01 30.09
CA LEU C 164 -17.13 -21.46 29.66
C LEU C 164 -17.24 -21.66 28.15
N PRO C 165 -18.46 -21.63 27.55
CA PRO C 165 -18.58 -21.72 26.10
C PRO C 165 -17.70 -20.71 25.38
N PHE C 166 -16.94 -21.17 24.37
CA PHE C 166 -16.10 -20.31 23.55
C PHE C 166 -16.11 -20.82 22.11
N GLY C 167 -15.52 -20.02 21.22
CA GLY C 167 -15.46 -20.32 19.79
C GLY C 167 -14.03 -20.34 19.29
N VAL C 168 -13.87 -20.78 18.03
CA VAL C 168 -12.56 -20.94 17.42
C VAL C 168 -12.63 -20.38 16.00
N LYS C 169 -11.58 -19.66 15.62
CA LYS C 169 -11.40 -19.17 14.26
C LYS C 169 -10.47 -20.15 13.55
N MET C 170 -10.98 -20.86 12.55
CA MET C 170 -10.29 -21.98 11.94
C MET C 170 -9.71 -21.55 10.59
N PRO C 171 -8.56 -22.13 10.18
CA PRO C 171 -8.06 -21.89 8.83
C PRO C 171 -8.98 -22.64 7.86
N PRO C 172 -8.98 -22.28 6.56
CA PRO C 172 -9.72 -23.04 5.59
C PRO C 172 -9.10 -24.41 5.34
N TYR C 173 -9.94 -25.45 5.18
CA TYR C 173 -9.48 -26.77 4.79
C TYR C 173 -9.92 -27.08 3.37
N PHE C 174 -9.16 -27.91 2.65
CA PHE C 174 -9.40 -28.15 1.22
C PHE C 174 -9.46 -29.65 0.89
N ASP C 175 -9.67 -30.48 1.90
CA ASP C 175 -9.73 -31.93 1.71
C ASP C 175 -10.79 -32.49 2.66
N ILE C 176 -11.61 -33.43 2.16
CA ILE C 176 -12.68 -34.04 2.93
C ILE C 176 -12.10 -34.67 4.21
N ALA C 177 -10.92 -35.29 4.11
CA ALA C 177 -10.32 -35.96 5.25
C ALA C 177 -9.96 -34.96 6.34
N HIS C 178 -9.59 -33.73 5.95
CA HIS C 178 -9.26 -32.66 6.88
C HIS C 178 -10.52 -32.18 7.62
N PHE C 179 -11.64 -32.03 6.90
CA PHE C 179 -12.94 -31.74 7.52
C PHE C 179 -13.21 -32.78 8.62
N ASP C 180 -13.07 -34.06 8.28
CA ASP C 180 -13.33 -35.17 9.20
C ASP C 180 -12.42 -35.07 10.43
N MET C 181 -11.10 -34.89 10.20
CA MET C 181 -10.12 -34.82 11.29
C MET C 181 -10.40 -33.63 12.20
N ALA C 182 -10.63 -32.46 11.60
CA ALA C 182 -10.92 -31.22 12.32
C ALA C 182 -12.15 -31.39 13.21
N ALA C 183 -13.21 -31.97 12.62
CA ALA C 183 -14.50 -32.17 13.30
C ALA C 183 -14.32 -33.15 14.44
N ALA C 184 -13.52 -34.20 14.23
CA ALA C 184 -13.18 -35.19 15.26
C ALA C 184 -12.58 -34.48 16.48
N VAL C 185 -11.63 -33.55 16.25
CA VAL C 185 -10.98 -32.81 17.31
C VAL C 185 -12.01 -31.90 18.00
N LEU C 186 -12.70 -31.06 17.22
CA LEU C 186 -13.62 -30.06 17.78
C LEU C 186 -14.74 -30.72 18.58
N ASN C 187 -15.27 -31.86 18.09
CA ASN C 187 -16.37 -32.57 18.74
C ASN C 187 -15.96 -33.18 20.08
N ASP C 188 -14.65 -33.27 20.37
CA ASP C 188 -14.17 -33.78 21.64
C ASP C 188 -14.18 -32.72 22.74
N PHE C 189 -14.53 -31.46 22.39
CA PHE C 189 -14.55 -30.34 23.32
C PHE C 189 -15.94 -29.71 23.29
N PRO C 190 -16.86 -30.12 24.19
CA PRO C 190 -18.20 -29.54 24.28
C PRO C 190 -18.25 -28.04 24.53
N LEU C 191 -17.22 -27.44 25.15
CA LEU C 191 -17.21 -26.01 25.44
C LEU C 191 -17.00 -25.17 24.17
N VAL C 192 -16.42 -25.77 23.11
CA VAL C 192 -16.34 -25.12 21.80
C VAL C 192 -17.77 -25.07 21.26
N LYS C 193 -18.41 -23.89 21.35
CA LYS C 193 -19.82 -23.75 21.05
C LYS C 193 -20.01 -23.22 19.63
N PHE C 194 -18.96 -22.60 19.07
CA PHE C 194 -19.02 -22.13 17.70
C PHE C 194 -17.67 -22.24 17.01
N ILE C 195 -17.75 -22.31 15.68
CA ILE C 195 -16.63 -22.39 14.77
C ILE C 195 -16.80 -21.26 13.74
N THR C 196 -15.77 -20.43 13.58
CA THR C 196 -15.79 -19.43 12.51
C THR C 196 -14.98 -19.93 11.32
N CYS C 197 -15.67 -20.13 10.20
CA CYS C 197 -15.12 -20.59 8.92
C CYS C 197 -15.34 -19.49 7.88
N VAL C 198 -14.27 -18.86 7.35
CA VAL C 198 -12.89 -19.32 7.41
C VAL C 198 -11.98 -18.11 7.61
N ASN C 199 -10.74 -18.38 8.02
CA ASN C 199 -9.71 -17.35 8.01
C ASN C 199 -9.26 -17.13 6.58
N SER C 200 -8.29 -16.22 6.38
CA SER C 200 -7.75 -15.95 5.05
C SER C 200 -7.26 -17.23 4.38
N ILE C 201 -7.29 -17.30 3.04
CA ILE C 201 -6.55 -18.35 2.36
C ILE C 201 -5.07 -17.97 2.47
N GLY C 202 -4.31 -18.74 3.22
CA GLY C 202 -2.98 -18.35 3.65
C GLY C 202 -1.92 -18.36 2.55
N ASN C 203 -0.96 -17.45 2.70
CA ASN C 203 0.30 -17.53 1.97
C ASN C 203 0.08 -17.50 0.46
N GLY C 204 -0.74 -16.55 0.00
CA GLY C 204 -0.83 -16.26 -1.42
C GLY C 204 0.27 -15.27 -1.80
N LEU C 205 0.42 -15.02 -3.10
CA LEU C 205 1.48 -14.16 -3.59
C LEU C 205 0.93 -13.34 -4.76
N VAL C 206 1.07 -12.02 -4.65
CA VAL C 206 0.64 -11.08 -5.67
C VAL C 206 1.86 -10.30 -6.14
N ILE C 207 2.02 -10.24 -7.47
CA ILE C 207 3.13 -9.54 -8.13
C ILE C 207 2.53 -8.49 -9.07
N ASP C 208 3.08 -7.27 -9.01
CA ASP C 208 2.74 -6.19 -9.92
C ASP C 208 3.50 -6.42 -11.23
N PRO C 209 2.82 -6.68 -12.37
CA PRO C 209 3.52 -6.93 -13.62
C PRO C 209 4.34 -5.72 -14.08
N ALA C 210 3.87 -4.51 -13.72
CA ALA C 210 4.51 -3.26 -14.11
C ALA C 210 5.96 -3.20 -13.62
N ASN C 211 6.20 -3.36 -12.31
CA ASN C 211 7.53 -3.25 -11.74
C ASN C 211 8.15 -4.61 -11.39
N GLU C 212 7.45 -5.72 -11.72
CA GLU C 212 7.95 -7.08 -11.52
C GLU C 212 8.27 -7.35 -10.03
N THR C 213 7.56 -6.65 -9.12
CA THR C 213 7.82 -6.68 -7.68
C THR C 213 6.57 -7.22 -6.97
N VAL C 214 6.78 -7.98 -5.89
CA VAL C 214 5.71 -8.38 -4.98
C VAL C 214 5.09 -7.10 -4.41
N VAL C 215 3.83 -7.15 -4.00
CA VAL C 215 3.12 -5.94 -3.58
C VAL C 215 3.19 -5.74 -2.06
N ILE C 216 3.64 -6.73 -1.28
CA ILE C 216 3.84 -6.53 0.15
C ILE C 216 5.25 -6.97 0.57
N LYS C 217 5.77 -6.36 1.64
CA LYS C 217 7.16 -6.52 2.06
C LYS C 217 7.38 -7.78 2.89
N PRO C 218 6.57 -8.09 3.93
CA PRO C 218 6.89 -9.24 4.77
C PRO C 218 6.93 -10.55 3.99
N LYS C 219 7.82 -11.48 4.41
CA LYS C 219 7.79 -12.88 3.97
C LYS C 219 7.83 -13.01 2.45
N GLN C 220 8.70 -12.24 1.79
CA GLN C 220 8.93 -12.34 0.35
C GLN C 220 7.66 -12.10 -0.45
N GLY C 221 6.68 -11.42 0.16
CA GLY C 221 5.46 -11.04 -0.52
C GLY C 221 4.28 -11.97 -0.23
N PHE C 222 4.46 -12.98 0.64
CA PHE C 222 3.44 -13.97 0.93
C PHE C 222 2.49 -13.44 2.02
N GLY C 223 1.19 -13.42 1.71
CA GLY C 223 0.20 -12.94 2.66
C GLY C 223 -1.14 -13.66 2.51
N GLY C 224 -2.03 -13.45 3.48
CA GLY C 224 -3.35 -14.06 3.48
C GLY C 224 -4.29 -13.38 2.49
N LEU C 225 -5.04 -14.20 1.73
CA LEU C 225 -5.99 -13.71 0.73
C LEU C 225 -7.39 -13.60 1.34
N GLY C 226 -8.03 -12.44 1.15
CA GLY C 226 -9.40 -12.20 1.57
C GLY C 226 -10.24 -11.73 0.38
N GLY C 227 -11.57 -11.73 0.53
CA GLY C 227 -12.46 -11.20 -0.49
C GLY C 227 -13.08 -12.27 -1.38
N LYS C 228 -13.30 -11.93 -2.66
CA LYS C 228 -14.06 -12.77 -3.57
C LYS C 228 -13.33 -14.10 -3.82
N TYR C 229 -12.01 -14.12 -3.65
CA TYR C 229 -11.22 -15.34 -3.78
C TYR C 229 -11.69 -16.44 -2.81
N VAL C 230 -12.29 -16.08 -1.66
CA VAL C 230 -12.54 -17.02 -0.56
C VAL C 230 -13.99 -17.54 -0.49
N LEU C 231 -14.94 -16.99 -1.26
CA LEU C 231 -16.35 -17.35 -1.08
C LEU C 231 -16.58 -18.86 -1.16
N PRO C 232 -16.25 -19.58 -2.27
CA PRO C 232 -16.55 -21.00 -2.37
C PRO C 232 -15.88 -21.82 -1.28
N THR C 233 -14.65 -21.42 -0.92
CA THR C 233 -13.91 -22.09 0.16
C THR C 233 -14.63 -21.89 1.49
N ALA C 234 -15.12 -20.67 1.73
CA ALA C 234 -15.81 -20.34 2.98
C ALA C 234 -17.14 -21.08 3.08
N LEU C 235 -17.91 -21.14 1.99
CA LEU C 235 -19.19 -21.82 1.97
C LEU C 235 -19.00 -23.32 2.20
N ALA C 236 -17.95 -23.90 1.58
CA ALA C 236 -17.62 -25.30 1.73
C ALA C 236 -17.36 -25.63 3.21
N ASN C 237 -16.48 -24.82 3.83
CA ASN C 237 -16.07 -25.03 5.20
C ASN C 237 -17.27 -24.89 6.12
N VAL C 238 -18.09 -23.84 5.91
CA VAL C 238 -19.31 -23.59 6.69
C VAL C 238 -20.21 -24.81 6.65
N ASN C 239 -20.50 -25.33 5.45
CA ASN C 239 -21.43 -26.44 5.28
C ASN C 239 -20.87 -27.75 5.86
N ALA C 240 -19.57 -28.01 5.63
CA ALA C 240 -18.91 -29.22 6.11
C ALA C 240 -18.97 -29.31 7.64
N PHE C 241 -18.68 -28.20 8.34
CA PHE C 241 -18.71 -28.18 9.81
C PHE C 241 -20.14 -28.13 10.34
N PHE C 242 -21.04 -27.43 9.64
CA PHE C 242 -22.47 -27.41 10.00
C PHE C 242 -22.99 -28.84 10.14
N ARG C 243 -22.70 -29.68 9.15
CA ARG C 243 -23.13 -31.08 9.13
C ARG C 243 -22.37 -31.91 10.15
N ARG C 244 -21.03 -31.72 10.30
CA ARG C 244 -20.22 -32.60 11.14
C ARG C 244 -20.29 -32.27 12.63
N CYS C 245 -20.71 -31.04 13.00
CA CYS C 245 -20.63 -30.56 14.38
C CYS C 245 -22.01 -30.09 14.83
N PRO C 246 -23.00 -31.03 14.99
CA PRO C 246 -24.39 -30.65 15.24
C PRO C 246 -24.65 -29.87 16.53
N ASP C 247 -23.78 -30.01 17.55
CA ASP C 247 -23.95 -29.27 18.80
C ASP C 247 -23.17 -27.95 18.77
N LYS C 248 -22.70 -27.50 17.60
CA LYS C 248 -21.96 -26.24 17.50
C LYS C 248 -22.63 -25.31 16.48
N LEU C 249 -22.49 -24.00 16.70
CA LEU C 249 -22.88 -22.99 15.73
C LEU C 249 -21.71 -22.77 14.77
N VAL C 250 -22.02 -22.46 13.51
CA VAL C 250 -20.99 -22.07 12.55
C VAL C 250 -21.19 -20.59 12.24
N PHE C 251 -20.10 -19.81 12.34
CA PHE C 251 -20.08 -18.44 11.86
C PHE C 251 -19.40 -18.43 10.48
N GLY C 252 -20.04 -17.81 9.50
CA GLY C 252 -19.49 -17.68 8.15
C GLY C 252 -18.57 -16.46 8.06
N CYS C 253 -17.42 -16.63 7.42
CA CYS C 253 -16.49 -15.55 7.15
C CYS C 253 -15.79 -15.81 5.82
N GLY C 254 -15.89 -14.86 4.87
CA GLY C 254 -15.17 -14.91 3.62
C GLY C 254 -16.06 -14.57 2.42
N GLY C 255 -15.66 -13.55 1.68
CA GLY C 255 -16.25 -13.22 0.39
C GLY C 255 -17.55 -12.41 0.50
N VAL C 256 -17.93 -11.94 1.69
CA VAL C 256 -19.20 -11.25 1.85
C VAL C 256 -19.05 -9.78 1.40
N TYR C 257 -19.65 -9.46 0.23
CA TYR C 257 -19.72 -8.09 -0.29
C TYR C 257 -21.16 -7.57 -0.31
N SER C 258 -22.15 -8.48 -0.19
CA SER C 258 -23.55 -8.15 -0.45
C SER C 258 -24.48 -9.10 0.33
N GLY C 259 -25.76 -8.72 0.40
CA GLY C 259 -26.81 -9.56 0.97
C GLY C 259 -26.82 -10.96 0.36
N GLU C 260 -26.55 -11.05 -0.96
CA GLU C 260 -26.53 -12.32 -1.67
C GLU C 260 -25.51 -13.31 -1.08
N GLU C 261 -24.29 -12.84 -0.79
CA GLU C 261 -23.26 -13.70 -0.22
C GLU C 261 -23.67 -14.13 1.19
N ALA C 262 -24.15 -13.16 1.99
CA ALA C 262 -24.64 -13.39 3.35
C ALA C 262 -25.73 -14.46 3.36
N PHE C 263 -26.62 -14.40 2.35
CA PHE C 263 -27.72 -15.36 2.20
C PHE C 263 -27.14 -16.76 1.94
N LEU C 264 -26.13 -16.86 1.07
CA LEU C 264 -25.51 -18.15 0.75
C LEU C 264 -24.83 -18.76 1.99
N HIS C 265 -24.17 -17.93 2.80
CA HIS C 265 -23.53 -18.37 4.04
C HIS C 265 -24.56 -19.00 4.99
N ILE C 266 -25.68 -18.30 5.18
CA ILE C 266 -26.72 -18.73 6.10
C ILE C 266 -27.37 -20.01 5.57
N LEU C 267 -27.62 -20.07 4.26
CA LEU C 267 -28.15 -21.25 3.59
C LEU C 267 -27.22 -22.46 3.77
N ALA C 268 -25.91 -22.21 3.78
CA ALA C 268 -24.88 -23.23 4.01
C ALA C 268 -24.86 -23.68 5.48
N GLY C 269 -25.36 -22.85 6.40
CA GLY C 269 -25.49 -23.23 7.80
C GLY C 269 -25.06 -22.15 8.79
N ALA C 270 -24.61 -20.99 8.29
CA ALA C 270 -24.06 -19.96 9.15
C ALA C 270 -25.14 -19.35 10.06
N SER C 271 -24.79 -19.16 11.35
CA SER C 271 -25.62 -18.48 12.34
C SER C 271 -25.32 -16.97 12.37
N MET C 272 -24.03 -16.61 12.30
CA MET C 272 -23.55 -15.24 12.17
C MET C 272 -22.70 -15.14 10.90
N VAL C 273 -22.52 -13.92 10.37
CA VAL C 273 -21.78 -13.65 9.13
C VAL C 273 -20.81 -12.50 9.39
N GLN C 274 -19.52 -12.74 9.16
CA GLN C 274 -18.50 -11.73 9.41
C GLN C 274 -18.02 -11.16 8.07
N VAL C 275 -17.53 -9.92 8.11
CA VAL C 275 -17.21 -9.15 6.91
C VAL C 275 -15.84 -8.51 7.13
N GLY C 276 -14.87 -8.88 6.29
CA GLY C 276 -13.49 -8.43 6.43
C GLY C 276 -13.14 -7.45 5.32
N THR C 277 -12.70 -7.97 4.18
CA THR C 277 -12.15 -7.16 3.08
C THR C 277 -13.16 -6.10 2.65
N ALA C 278 -14.42 -6.48 2.43
CA ALA C 278 -15.46 -5.57 1.98
C ALA C 278 -15.65 -4.42 2.97
N LEU C 279 -15.60 -4.72 4.28
CA LEU C 279 -15.66 -3.73 5.34
C LEU C 279 -14.43 -2.82 5.30
N HIS C 280 -13.25 -3.41 5.13
CA HIS C 280 -12.02 -2.63 5.04
C HIS C 280 -12.13 -1.60 3.92
N ASP C 281 -12.71 -1.98 2.77
CA ASP C 281 -12.92 -1.12 1.62
C ASP C 281 -13.96 -0.03 1.94
N GLU C 282 -15.14 -0.48 2.37
CA GLU C 282 -16.36 0.32 2.34
C GLU C 282 -16.57 1.10 3.64
N GLY C 283 -15.99 0.62 4.75
CA GLY C 283 -16.27 1.18 6.07
C GLY C 283 -17.60 0.67 6.65
N PRO C 284 -17.96 1.06 7.90
CA PRO C 284 -19.09 0.43 8.62
C PRO C 284 -20.48 0.63 8.03
N ILE C 285 -20.65 1.64 7.18
CA ILE C 285 -21.91 1.84 6.48
C ILE C 285 -22.33 0.58 5.72
N ILE C 286 -21.38 -0.34 5.44
CA ILE C 286 -21.68 -1.58 4.75
C ILE C 286 -22.76 -2.40 5.48
N PHE C 287 -22.82 -2.30 6.81
CA PHE C 287 -23.78 -3.08 7.61
C PHE C 287 -25.22 -2.64 7.33
N ALA C 288 -25.41 -1.33 7.13
CA ALA C 288 -26.70 -0.77 6.72
C ALA C 288 -27.10 -1.37 5.38
N ARG C 289 -26.17 -1.40 4.41
CA ARG C 289 -26.42 -1.98 3.10
C ARG C 289 -26.76 -3.47 3.23
N LEU C 290 -25.97 -4.23 4.02
CA LEU C 290 -26.12 -5.68 4.11
C LEU C 290 -27.47 -6.07 4.71
N ASN C 291 -27.91 -5.37 5.76
CA ASN C 291 -29.22 -5.57 6.37
C ASN C 291 -30.32 -5.42 5.30
N LYS C 292 -30.27 -4.30 4.56
CA LYS C 292 -31.23 -3.97 3.52
C LYS C 292 -31.26 -5.03 2.43
N GLU C 293 -30.08 -5.43 1.91
CA GLU C 293 -30.01 -6.38 0.80
C GLU C 293 -30.51 -7.76 1.25
N LEU C 294 -30.19 -8.16 2.48
CA LEU C 294 -30.61 -9.46 3.02
C LEU C 294 -32.14 -9.47 3.14
N GLN C 295 -32.71 -8.41 3.73
CA GLN C 295 -34.16 -8.22 3.84
C GLN C 295 -34.83 -8.27 2.46
N GLU C 296 -34.19 -7.69 1.43
CA GLU C 296 -34.76 -7.69 0.08
C GLU C 296 -34.86 -9.12 -0.45
N ILE C 297 -33.82 -9.93 -0.24
CA ILE C 297 -33.77 -11.31 -0.75
C ILE C 297 -34.84 -12.14 -0.03
N MET C 298 -34.93 -11.98 1.29
CA MET C 298 -35.90 -12.71 2.10
C MET C 298 -37.32 -12.36 1.64
N THR C 299 -37.61 -11.06 1.48
CA THR C 299 -38.89 -10.59 0.95
C THR C 299 -39.19 -11.33 -0.35
N ASN C 300 -38.24 -11.34 -1.29
CA ASN C 300 -38.43 -11.95 -2.61
C ASN C 300 -38.74 -13.44 -2.51
N LYS C 301 -38.20 -14.14 -1.51
CA LYS C 301 -38.35 -15.59 -1.41
C LYS C 301 -39.50 -15.97 -0.46
N GLY C 302 -40.06 -14.96 0.22
CA GLY C 302 -41.14 -15.15 1.18
C GLY C 302 -40.65 -15.81 2.47
N TYR C 303 -39.42 -15.46 2.90
CA TYR C 303 -38.90 -15.83 4.22
C TYR C 303 -39.04 -14.64 5.17
N LYS C 304 -39.51 -14.91 6.40
CA LYS C 304 -39.70 -13.88 7.42
C LYS C 304 -38.61 -13.95 8.49
N THR C 305 -37.93 -15.11 8.64
CA THR C 305 -36.83 -15.27 9.60
C THR C 305 -35.71 -16.13 9.00
N LEU C 306 -34.51 -16.04 9.59
CA LEU C 306 -33.32 -16.77 9.15
C LEU C 306 -33.49 -18.28 9.36
N ASP C 307 -34.25 -18.65 10.40
CA ASP C 307 -34.63 -20.04 10.69
C ASP C 307 -35.25 -20.73 9.48
N GLU C 308 -35.91 -19.98 8.60
CA GLU C 308 -36.63 -20.54 7.47
C GLU C 308 -35.68 -21.12 6.41
N PHE C 309 -34.42 -20.67 6.34
CA PHE C 309 -33.50 -21.15 5.31
C PHE C 309 -32.11 -21.52 5.83
N ARG C 310 -31.81 -21.30 7.12
CA ARG C 310 -30.49 -21.62 7.66
C ARG C 310 -30.21 -23.12 7.49
N GLY C 311 -29.12 -23.46 6.79
CA GLY C 311 -28.66 -24.84 6.67
C GLY C 311 -29.51 -25.67 5.69
N ARG C 312 -30.38 -25.03 4.91
CA ARG C 312 -31.32 -25.72 4.03
C ARG C 312 -30.83 -25.74 2.58
N VAL C 313 -29.53 -25.52 2.34
CA VAL C 313 -28.96 -25.70 1.01
C VAL C 313 -29.34 -27.10 0.52
N LYS C 314 -29.70 -27.18 -0.76
CA LYS C 314 -30.18 -28.42 -1.37
C LYS C 314 -29.09 -28.99 -2.27
N THR C 315 -28.92 -30.31 -2.22
CA THR C 315 -28.04 -31.04 -3.12
C THR C 315 -28.91 -31.66 -4.23
N MET C 316 -28.27 -32.24 -5.26
CA MET C 316 -28.97 -32.74 -6.45
C MET C 316 -29.26 -34.26 -6.30
N GLY D 3 12.80 -7.39 -34.03
CA GLY D 3 13.73 -7.64 -32.90
C GLY D 3 13.65 -9.10 -32.45
N SER D 4 14.81 -9.73 -32.19
CA SER D 4 14.90 -11.17 -31.92
C SER D 4 14.03 -11.54 -30.71
N MET D 5 13.04 -12.41 -30.94
CA MET D 5 12.10 -12.85 -29.92
C MET D 5 12.01 -14.38 -29.92
N SER D 6 12.03 -14.98 -28.72
CA SER D 6 11.97 -16.43 -28.54
C SER D 6 11.19 -16.76 -27.26
N LEU D 7 10.04 -17.42 -27.41
CA LEU D 7 9.32 -18.02 -26.30
C LEU D 7 9.83 -19.44 -26.06
N LYS D 8 10.97 -19.79 -26.67
CA LYS D 8 11.47 -21.16 -26.58
C LYS D 8 11.85 -21.49 -25.14
N VAL D 9 11.64 -22.76 -24.78
CA VAL D 9 11.97 -23.30 -23.47
C VAL D 9 12.72 -24.60 -23.74
N ASN D 10 13.99 -24.64 -23.33
CA ASN D 10 14.81 -25.83 -23.48
C ASN D 10 14.89 -26.53 -22.13
N ILE D 11 14.14 -27.62 -21.95
CA ILE D 11 14.07 -28.34 -20.68
C ILE D 11 13.88 -29.84 -20.96
N LEU D 12 14.33 -30.67 -20.01
CA LEU D 12 14.02 -32.10 -19.91
C LEU D 12 14.59 -32.90 -21.09
N GLY D 13 15.64 -32.36 -21.75
CA GLY D 13 16.22 -32.95 -22.94
C GLY D 13 15.24 -32.92 -24.11
N HIS D 14 14.40 -31.87 -24.16
CA HIS D 14 13.47 -31.60 -25.24
C HIS D 14 13.52 -30.10 -25.53
N GLU D 15 13.19 -29.70 -26.76
CA GLU D 15 12.99 -28.30 -27.11
C GLU D 15 11.47 -28.06 -27.17
N PHE D 16 11.01 -26.90 -26.66
CA PHE D 16 9.61 -26.50 -26.67
C PHE D 16 9.51 -25.15 -27.39
N SER D 17 8.54 -25.02 -28.31
CA SER D 17 8.35 -23.80 -29.11
C SER D 17 7.97 -22.64 -28.21
N ASN D 18 7.14 -22.92 -27.18
CA ASN D 18 6.67 -21.92 -26.23
C ASN D 18 6.40 -22.60 -24.90
N PRO D 19 6.17 -21.86 -23.80
CA PRO D 19 6.00 -22.49 -22.48
C PRO D 19 4.58 -22.99 -22.16
N PHE D 20 3.66 -22.92 -23.13
CA PHE D 20 2.23 -23.15 -22.88
C PHE D 20 1.82 -24.57 -23.24
N MET D 21 1.02 -25.16 -22.34
CA MET D 21 0.40 -26.46 -22.49
C MET D 21 -0.96 -26.46 -21.78
N ASN D 22 -1.76 -27.49 -22.05
CA ASN D 22 -3.05 -27.64 -21.38
C ASN D 22 -2.80 -28.09 -19.94
N ALA D 23 -3.69 -27.70 -19.04
CA ALA D 23 -3.69 -28.29 -17.71
C ALA D 23 -4.24 -29.71 -17.82
N ALA D 24 -3.69 -30.64 -17.05
CA ALA D 24 -4.19 -32.02 -17.08
C ALA D 24 -5.70 -32.03 -16.84
N GLY D 25 -6.43 -32.81 -17.64
CA GLY D 25 -7.87 -32.95 -17.45
C GLY D 25 -8.68 -32.07 -18.39
N VAL D 26 -8.05 -31.05 -18.99
CA VAL D 26 -8.76 -30.14 -19.88
C VAL D 26 -8.29 -30.40 -21.31
N LEU D 27 -9.24 -30.72 -22.20
CA LEU D 27 -8.98 -30.95 -23.63
C LEU D 27 -7.87 -31.99 -23.79
N CYS D 28 -8.04 -33.18 -23.20
CA CYS D 28 -6.99 -34.18 -23.24
C CYS D 28 -7.48 -35.60 -22.92
N THR D 29 -8.80 -35.85 -22.98
CA THR D 29 -9.29 -37.17 -22.62
C THR D 29 -9.42 -38.08 -23.85
N THR D 30 -9.88 -37.54 -24.98
CA THR D 30 -10.17 -38.34 -26.17
C THR D 30 -9.07 -38.17 -27.21
N GLU D 31 -9.09 -39.03 -28.25
CA GLU D 31 -8.16 -38.89 -29.36
C GLU D 31 -8.35 -37.54 -30.02
N GLU D 32 -9.60 -37.13 -30.23
CA GLU D 32 -9.91 -35.83 -30.81
C GLU D 32 -9.32 -34.72 -29.95
N ASP D 33 -9.56 -34.76 -28.63
CA ASP D 33 -9.08 -33.74 -27.71
C ASP D 33 -7.57 -33.54 -27.91
N LEU D 34 -6.83 -34.66 -27.89
CA LEU D 34 -5.38 -34.65 -27.99
C LEU D 34 -4.95 -34.09 -29.35
N ARG D 35 -5.67 -34.47 -30.41
CA ARG D 35 -5.37 -33.99 -31.76
C ARG D 35 -5.57 -32.48 -31.82
N ARG D 36 -6.61 -31.99 -31.17
CA ARG D 36 -6.91 -30.56 -31.18
C ARG D 36 -5.80 -29.79 -30.44
N MET D 37 -5.24 -30.39 -29.39
CA MET D 37 -4.13 -29.79 -28.65
C MET D 37 -2.86 -29.81 -29.51
N THR D 38 -2.60 -30.96 -30.12
CA THR D 38 -1.46 -31.12 -31.02
C THR D 38 -1.52 -30.07 -32.14
N GLU D 39 -2.73 -29.71 -32.60
CA GLU D 39 -2.88 -28.77 -33.70
C GLU D 39 -2.76 -27.32 -33.25
N SER D 40 -2.98 -27.07 -31.95
CA SER D 40 -2.92 -25.72 -31.40
C SER D 40 -1.49 -25.18 -31.44
N GLU D 41 -1.34 -23.88 -31.10
CA GLU D 41 -0.05 -23.22 -30.99
C GLU D 41 0.69 -23.59 -29.70
N SER D 42 0.13 -24.51 -28.90
CA SER D 42 0.71 -24.92 -27.63
C SER D 42 2.09 -25.53 -27.83
N GLY D 43 3.01 -25.28 -26.90
CA GLY D 43 4.35 -25.85 -26.95
C GLY D 43 4.34 -27.33 -26.58
N SER D 44 3.34 -27.75 -25.80
CA SER D 44 3.21 -29.17 -25.47
C SER D 44 1.77 -29.50 -25.06
N LEU D 45 1.56 -30.74 -24.61
CA LEU D 45 0.25 -31.19 -24.18
C LEU D 45 0.44 -32.33 -23.18
N ILE D 46 -0.59 -32.53 -22.32
CA ILE D 46 -0.56 -33.60 -21.34
C ILE D 46 -1.86 -34.39 -21.46
N GLY D 47 -1.77 -35.72 -21.35
CA GLY D 47 -2.96 -36.57 -21.41
C GLY D 47 -3.74 -36.53 -20.10
N LYS D 48 -5.05 -36.83 -20.17
CA LYS D 48 -5.91 -36.88 -19.00
C LYS D 48 -5.26 -37.76 -17.92
N SER D 49 -5.37 -37.35 -16.65
CA SER D 49 -4.91 -38.22 -15.57
C SER D 49 -5.66 -39.55 -15.70
N CYS D 50 -4.92 -40.67 -15.82
CA CYS D 50 -5.49 -41.94 -16.26
C CYS D 50 -5.32 -43.01 -15.19
N THR D 51 -6.23 -44.00 -15.21
CA THR D 51 -6.22 -45.16 -14.32
C THR D 51 -5.91 -46.42 -15.12
N LEU D 52 -5.62 -47.53 -14.43
CA LEU D 52 -5.24 -48.81 -15.04
C LEU D 52 -6.33 -49.30 -16.00
N ALA D 53 -7.58 -49.32 -15.51
CA ALA D 53 -8.78 -49.51 -16.33
C ALA D 53 -9.44 -48.16 -16.60
N PRO D 54 -10.19 -47.97 -17.70
CA PRO D 54 -10.95 -46.75 -17.91
C PRO D 54 -11.94 -46.45 -16.78
N ARG D 55 -12.46 -45.21 -16.75
CA ARG D 55 -13.41 -44.74 -15.74
C ARG D 55 -14.42 -43.80 -16.40
N THR D 56 -15.69 -43.92 -16.01
CA THR D 56 -16.75 -43.05 -16.50
C THR D 56 -16.73 -41.71 -15.75
N GLY D 57 -16.22 -41.74 -14.51
CA GLY D 57 -16.13 -40.56 -13.65
C GLY D 57 -17.40 -40.38 -12.82
N ASN D 58 -17.53 -39.21 -12.17
CA ASN D 58 -18.63 -38.90 -11.26
C ASN D 58 -19.89 -38.55 -12.05
N PRO D 59 -21.10 -38.64 -11.44
CA PRO D 59 -22.34 -38.29 -12.13
C PRO D 59 -22.44 -36.82 -12.51
N GLU D 60 -23.03 -36.56 -13.68
CA GLU D 60 -23.25 -35.22 -14.22
C GLU D 60 -24.44 -34.53 -13.54
N PRO D 61 -24.51 -33.18 -13.47
CA PRO D 61 -23.47 -32.28 -13.92
C PRO D 61 -22.29 -32.23 -12.94
N ARG D 62 -21.06 -32.15 -13.46
CA ARG D 62 -19.85 -32.28 -12.67
C ARG D 62 -18.83 -31.19 -13.03
N TYR D 63 -19.26 -30.23 -13.84
CA TYR D 63 -18.47 -29.05 -14.19
C TYR D 63 -19.44 -27.87 -14.25
N PHE D 64 -19.05 -26.74 -13.64
CA PHE D 64 -19.86 -25.54 -13.73
C PHE D 64 -18.92 -24.35 -13.90
N GLY D 65 -19.09 -23.61 -15.01
CA GLY D 65 -18.32 -22.41 -15.29
C GLY D 65 -18.85 -21.22 -14.49
N LEU D 66 -17.93 -20.47 -13.87
CA LEU D 66 -18.27 -19.34 -13.01
C LEU D 66 -17.71 -18.06 -13.63
N PRO D 67 -18.21 -16.87 -13.22
CA PRO D 67 -17.61 -15.61 -13.63
C PRO D 67 -16.11 -15.53 -13.34
N LEU D 68 -15.67 -16.02 -12.17
CA LEU D 68 -14.28 -15.92 -11.76
C LEU D 68 -13.53 -17.26 -11.93
N GLY D 69 -14.15 -18.25 -12.57
CA GLY D 69 -13.43 -19.45 -12.96
C GLY D 69 -14.33 -20.66 -13.21
N SER D 70 -14.08 -21.74 -12.45
CA SER D 70 -14.78 -23.01 -12.61
C SER D 70 -14.84 -23.78 -11.29
N ILE D 71 -15.82 -24.67 -11.16
CA ILE D 71 -15.84 -25.67 -10.10
C ILE D 71 -16.10 -27.01 -10.78
N ASN D 72 -15.41 -28.07 -10.34
CA ASN D 72 -15.57 -29.36 -10.99
C ASN D 72 -15.44 -30.52 -10.00
N SER D 73 -16.19 -31.59 -10.28
CA SER D 73 -15.96 -32.89 -9.67
C SER D 73 -16.06 -33.97 -10.74
N MET D 74 -15.13 -33.93 -11.72
CA MET D 74 -15.14 -34.85 -12.86
C MET D 74 -15.01 -36.30 -12.38
N GLY D 75 -14.08 -36.54 -11.45
CA GLY D 75 -13.85 -37.87 -10.87
C GLY D 75 -13.01 -38.76 -11.77
N LEU D 76 -12.03 -38.15 -12.47
CA LEU D 76 -11.04 -38.83 -13.29
C LEU D 76 -11.69 -39.66 -14.41
N PRO D 77 -12.60 -39.09 -15.23
CA PRO D 77 -13.13 -39.82 -16.38
C PRO D 77 -12.06 -39.95 -17.45
N ASN D 78 -11.74 -41.19 -17.85
CA ASN D 78 -10.58 -41.45 -18.72
C ASN D 78 -10.71 -42.80 -19.42
N LEU D 79 -10.05 -42.94 -20.58
CA LEU D 79 -10.13 -44.12 -21.45
C LEU D 79 -9.10 -45.17 -21.04
N GLY D 80 -8.48 -45.01 -19.87
CA GLY D 80 -7.59 -46.02 -19.30
C GLY D 80 -6.19 -45.94 -19.91
N VAL D 81 -5.21 -46.51 -19.20
CA VAL D 81 -3.79 -46.28 -19.45
C VAL D 81 -3.38 -46.87 -20.80
N ASP D 82 -3.99 -47.99 -21.21
CA ASP D 82 -3.71 -48.65 -22.48
C ASP D 82 -3.86 -47.66 -23.63
N PHE D 83 -4.98 -46.92 -23.64
CA PHE D 83 -5.28 -45.95 -24.69
C PHE D 83 -4.20 -44.87 -24.76
N TYR D 84 -3.78 -44.32 -23.61
CA TYR D 84 -2.87 -43.19 -23.62
C TYR D 84 -1.48 -43.68 -23.99
N LEU D 85 -1.05 -44.80 -23.40
CA LEU D 85 0.18 -45.46 -23.79
C LEU D 85 0.16 -45.67 -25.31
N SER D 86 -0.88 -46.33 -25.82
CA SER D 86 -1.02 -46.57 -27.26
C SER D 86 -0.87 -45.27 -28.06
N TYR D 87 -1.51 -44.18 -27.60
CA TYR D 87 -1.43 -42.89 -28.28
C TYR D 87 -0.01 -42.36 -28.26
N ALA D 88 0.69 -42.58 -27.13
CA ALA D 88 2.06 -42.11 -26.99
C ALA D 88 2.95 -42.86 -27.98
N ALA D 89 2.93 -44.20 -27.89
CA ALA D 89 3.73 -45.06 -28.76
C ALA D 89 3.37 -44.83 -30.24
N GLN D 90 2.08 -44.82 -30.58
CA GLN D 90 1.63 -44.82 -31.97
C GLN D 90 1.23 -43.41 -32.46
N THR D 91 0.11 -42.89 -31.95
CA THR D 91 -0.67 -41.85 -32.63
C THR D 91 0.03 -40.49 -32.58
N HIS D 92 0.69 -40.15 -31.46
CA HIS D 92 1.16 -38.78 -31.27
C HIS D 92 2.25 -38.43 -32.28
N ASP D 93 2.12 -37.24 -32.89
CA ASP D 93 3.08 -36.63 -33.81
C ASP D 93 4.11 -35.80 -33.03
N TYR D 94 5.21 -36.43 -32.60
CA TYR D 94 6.26 -35.80 -31.79
C TYR D 94 7.01 -34.72 -32.57
N SER D 95 6.89 -34.76 -33.90
CA SER D 95 7.34 -33.70 -34.81
C SER D 95 6.69 -32.35 -34.45
N ARG D 96 5.45 -32.39 -33.96
CA ARG D 96 4.69 -31.19 -33.64
C ARG D 96 5.10 -30.62 -32.29
N LYS D 97 5.15 -31.48 -31.25
CA LYS D 97 5.45 -31.05 -29.89
C LYS D 97 5.67 -32.25 -28.98
N PRO D 98 6.47 -32.13 -27.89
CA PRO D 98 6.61 -33.21 -26.93
C PRO D 98 5.28 -33.50 -26.27
N LEU D 99 5.16 -34.66 -25.64
CA LEU D 99 3.91 -35.07 -25.02
C LEU D 99 4.19 -35.58 -23.61
N PHE D 100 3.36 -35.12 -22.65
CA PHE D 100 3.36 -35.63 -21.30
C PHE D 100 2.12 -36.52 -21.10
N LEU D 101 2.21 -37.49 -20.20
CA LEU D 101 1.07 -38.29 -19.77
C LEU D 101 0.92 -38.13 -18.27
N SER D 102 -0.31 -37.81 -17.81
CA SER D 102 -0.60 -37.81 -16.38
C SER D 102 -1.05 -39.20 -15.95
N MET D 103 -0.46 -39.72 -14.87
CA MET D 103 -0.88 -41.00 -14.32
C MET D 103 -1.39 -40.79 -12.90
N SER D 104 -2.64 -41.19 -12.66
CA SER D 104 -3.36 -40.92 -11.41
C SER D 104 -3.96 -42.21 -10.86
N GLY D 105 -3.11 -43.23 -10.66
CA GLY D 105 -3.53 -44.44 -9.98
C GLY D 105 -4.18 -44.11 -8.63
N LEU D 106 -5.20 -44.88 -8.24
CA LEU D 106 -5.99 -44.61 -7.05
C LEU D 106 -5.34 -45.24 -5.82
N SER D 107 -4.24 -45.98 -6.03
CA SER D 107 -3.40 -46.54 -4.98
C SER D 107 -1.95 -46.59 -5.48
N VAL D 108 -0.99 -46.78 -4.56
CA VAL D 108 0.41 -46.93 -4.92
C VAL D 108 0.56 -48.09 -5.91
N GLU D 109 -0.07 -49.23 -5.56
CA GLU D 109 0.03 -50.48 -6.30
C GLU D 109 -0.43 -50.30 -7.75
N GLU D 110 -1.48 -49.50 -7.97
CA GLU D 110 -2.00 -49.21 -9.30
C GLU D 110 -0.99 -48.35 -10.07
N SER D 111 -0.52 -47.26 -9.45
CA SER D 111 0.46 -46.36 -10.07
C SER D 111 1.73 -47.12 -10.47
N VAL D 112 2.22 -47.99 -9.57
CA VAL D 112 3.42 -48.78 -9.81
C VAL D 112 3.24 -49.59 -11.10
N GLU D 113 2.09 -50.25 -11.26
CA GLU D 113 1.77 -51.04 -12.45
C GLU D 113 1.77 -50.16 -13.70
N MET D 114 1.22 -48.95 -13.60
CA MET D 114 1.03 -48.08 -14.75
C MET D 114 2.37 -47.51 -15.24
N VAL D 115 3.32 -47.27 -14.31
CA VAL D 115 4.60 -46.64 -14.63
C VAL D 115 5.52 -47.68 -15.30
N LYS D 116 5.54 -48.93 -14.78
CA LYS D 116 6.26 -50.03 -15.41
C LYS D 116 5.93 -50.09 -16.90
N LYS D 117 4.64 -49.94 -17.24
CA LYS D 117 4.16 -49.98 -18.62
C LYS D 117 4.70 -48.81 -19.45
N LEU D 118 4.93 -47.65 -18.81
CA LEU D 118 5.42 -46.46 -19.50
C LEU D 118 6.91 -46.60 -19.86
N VAL D 119 7.67 -47.30 -18.99
CA VAL D 119 9.14 -47.36 -19.05
C VAL D 119 9.64 -47.64 -20.46
N PRO D 120 9.20 -48.71 -21.17
CA PRO D 120 9.63 -48.96 -22.54
C PRO D 120 9.27 -47.84 -23.53
N ILE D 121 8.17 -47.12 -23.29
CA ILE D 121 7.70 -46.07 -24.19
C ILE D 121 8.51 -44.79 -23.97
N THR D 122 8.88 -44.48 -22.72
CA THR D 122 9.69 -43.30 -22.42
C THR D 122 11.01 -43.42 -23.21
N LYS D 123 11.75 -44.52 -22.97
CA LYS D 123 13.01 -44.81 -23.65
C LYS D 123 12.85 -44.74 -25.17
N GLU D 124 11.74 -45.30 -25.69
CA GLU D 124 11.51 -45.40 -27.13
C GLU D 124 11.14 -44.04 -27.72
N LYS D 125 10.14 -43.37 -27.15
CA LYS D 125 9.52 -42.18 -27.75
C LYS D 125 9.84 -40.88 -27.00
N GLY D 126 10.28 -40.99 -25.73
CA GLY D 126 10.60 -39.82 -24.92
C GLY D 126 9.36 -39.24 -24.21
N THR D 127 8.35 -40.08 -23.99
CA THR D 127 7.11 -39.69 -23.31
C THR D 127 7.41 -39.40 -21.84
N ILE D 128 7.02 -38.20 -21.36
CA ILE D 128 7.34 -37.71 -20.00
C ILE D 128 6.19 -38.01 -19.04
N LEU D 129 6.51 -38.47 -17.81
CA LEU D 129 5.50 -38.83 -16.82
C LEU D 129 5.26 -37.68 -15.84
N GLU D 130 3.98 -37.28 -15.67
CA GLU D 130 3.55 -36.39 -14.59
C GLU D 130 2.66 -37.23 -13.67
N LEU D 131 3.11 -37.47 -12.43
CA LEU D 131 2.37 -38.22 -11.43
C LEU D 131 1.37 -37.31 -10.73
N ASN D 132 0.08 -37.67 -10.76
CA ASN D 132 -0.98 -36.89 -10.11
C ASN D 132 -1.07 -37.24 -8.63
N LEU D 133 -0.61 -36.33 -7.76
CA LEU D 133 -0.71 -36.50 -6.31
C LEU D 133 -1.75 -35.55 -5.72
N SER D 134 -2.68 -35.07 -6.56
CA SER D 134 -3.71 -34.10 -6.20
C SER D 134 -5.01 -34.40 -6.95
N ALA D 135 -5.64 -35.52 -6.64
CA ALA D 135 -6.94 -35.90 -7.19
C ALA D 135 -8.00 -35.63 -6.12
N PRO D 136 -8.67 -34.45 -6.11
CA PRO D 136 -9.54 -34.08 -5.00
C PRO D 136 -11.02 -34.42 -5.18
N ASN D 137 -11.37 -35.10 -6.29
CA ASN D 137 -12.77 -35.32 -6.65
C ASN D 137 -13.16 -36.79 -6.62
N VAL D 138 -12.29 -37.67 -6.09
CA VAL D 138 -12.62 -39.08 -5.95
C VAL D 138 -13.21 -39.32 -4.55
N PRO D 139 -14.51 -39.67 -4.45
CA PRO D 139 -15.12 -39.95 -3.16
C PRO D 139 -14.33 -40.99 -2.36
N GLY D 140 -13.95 -40.65 -1.13
CA GLY D 140 -13.28 -41.56 -0.21
C GLY D 140 -11.75 -41.61 -0.36
N LYS D 141 -11.18 -40.79 -1.26
CA LYS D 141 -9.74 -40.77 -1.53
C LYS D 141 -9.15 -39.39 -1.20
N PRO D 142 -8.38 -39.24 -0.09
CA PRO D 142 -7.73 -37.97 0.21
C PRO D 142 -6.69 -37.60 -0.85
N GLN D 143 -6.41 -36.30 -1.01
CA GLN D 143 -5.34 -35.86 -1.89
C GLN D 143 -4.03 -36.37 -1.28
N VAL D 144 -3.27 -37.15 -2.04
CA VAL D 144 -2.04 -37.81 -1.57
C VAL D 144 -1.07 -36.74 -1.07
N GLY D 145 -0.92 -35.65 -1.83
CA GLY D 145 0.01 -34.55 -1.54
C GLY D 145 -0.15 -33.88 -0.18
N TYR D 146 -1.27 -34.10 0.52
CA TYR D 146 -1.49 -33.51 1.83
C TYR D 146 -1.05 -34.49 2.93
N ASP D 147 -0.61 -35.70 2.53
CA ASP D 147 -0.04 -36.67 3.45
C ASP D 147 1.41 -36.98 3.04
N PHE D 148 2.38 -36.48 3.81
CA PHE D 148 3.78 -36.53 3.40
C PHE D 148 4.32 -37.96 3.54
N ASP D 149 3.76 -38.75 4.47
CA ASP D 149 4.13 -40.15 4.61
C ASP D 149 3.71 -40.94 3.37
N THR D 150 2.47 -40.74 2.91
CA THR D 150 1.94 -41.42 1.73
C THR D 150 2.66 -40.90 0.48
N THR D 151 2.85 -39.58 0.39
CA THR D 151 3.59 -38.95 -0.72
C THR D 151 5.01 -39.55 -0.83
N ARG D 152 5.67 -39.80 0.31
CA ARG D 152 7.00 -40.40 0.35
C ARG D 152 6.94 -41.84 -0.19
N THR D 153 5.93 -42.62 0.23
CA THR D 153 5.72 -43.98 -0.24
C THR D 153 5.54 -43.98 -1.76
N TYR D 154 4.68 -43.08 -2.28
CA TYR D 154 4.45 -42.99 -3.70
C TYR D 154 5.76 -42.75 -4.43
N LEU D 155 6.55 -41.78 -3.95
CA LEU D 155 7.79 -41.40 -4.62
C LEU D 155 8.81 -42.55 -4.50
N GLN D 156 8.94 -43.16 -3.31
CA GLN D 156 9.78 -44.34 -3.13
C GLN D 156 9.49 -45.35 -4.24
N LYS D 157 8.26 -45.89 -4.26
CA LYS D 157 7.86 -47.01 -5.12
C LYS D 157 7.94 -46.64 -6.60
N VAL D 158 7.51 -45.42 -6.98
CA VAL D 158 7.48 -45.01 -8.38
C VAL D 158 8.92 -44.79 -8.88
N SER D 159 9.80 -44.26 -8.01
CA SER D 159 11.22 -44.12 -8.32
C SER D 159 11.82 -45.48 -8.65
N GLU D 160 11.52 -46.49 -7.82
CA GLU D 160 12.06 -47.84 -7.93
C GLU D 160 11.48 -48.49 -9.20
N ALA D 161 10.15 -48.47 -9.33
CA ALA D 161 9.41 -49.11 -10.41
C ALA D 161 9.64 -48.44 -11.77
N TYR D 162 9.69 -47.09 -11.80
CA TYR D 162 9.81 -46.36 -13.06
C TYR D 162 11.28 -46.07 -13.39
N GLY D 163 12.05 -45.64 -12.38
CA GLY D 163 13.49 -45.46 -12.46
C GLY D 163 13.97 -44.46 -13.53
N LEU D 164 13.08 -43.60 -14.02
CA LEU D 164 13.42 -42.55 -14.98
C LEU D 164 13.04 -41.20 -14.37
N PRO D 165 13.49 -40.05 -14.93
CA PRO D 165 13.05 -38.74 -14.44
C PRO D 165 11.55 -38.53 -14.68
N PHE D 166 10.85 -37.94 -13.70
CA PHE D 166 9.41 -37.67 -13.81
C PHE D 166 9.02 -36.47 -12.95
N GLY D 167 7.79 -35.99 -13.18
CA GLY D 167 7.22 -34.83 -12.50
C GLY D 167 6.08 -35.22 -11.55
N VAL D 168 5.68 -34.27 -10.70
CA VAL D 168 4.57 -34.45 -9.77
C VAL D 168 3.64 -33.25 -9.88
N LYS D 169 2.32 -33.53 -9.91
CA LYS D 169 1.28 -32.50 -9.84
C LYS D 169 0.85 -32.40 -8.38
N MET D 170 1.09 -31.23 -7.77
CA MET D 170 0.95 -31.04 -6.34
C MET D 170 -0.37 -30.34 -6.04
N PRO D 171 -1.01 -30.62 -4.87
CA PRO D 171 -2.12 -29.80 -4.44
C PRO D 171 -1.57 -28.47 -3.97
N PRO D 172 -2.37 -27.38 -3.94
CA PRO D 172 -1.90 -26.15 -3.35
C PRO D 172 -1.63 -26.27 -1.86
N TYR D 173 -0.57 -25.64 -1.36
CA TYR D 173 -0.33 -25.52 0.08
C TYR D 173 -0.54 -24.06 0.51
N PHE D 174 -0.88 -23.83 1.80
CA PHE D 174 -1.28 -22.52 2.30
C PHE D 174 -0.60 -22.17 3.62
N ASP D 175 0.50 -22.89 3.94
CA ASP D 175 1.26 -22.69 5.16
C ASP D 175 2.75 -22.88 4.84
N ILE D 176 3.61 -22.00 5.38
CA ILE D 176 5.05 -22.02 5.13
C ILE D 176 5.64 -23.38 5.56
N ALA D 177 5.19 -23.89 6.72
CA ALA D 177 5.63 -25.19 7.25
C ALA D 177 5.35 -26.30 6.25
N HIS D 178 4.22 -26.23 5.53
CA HIS D 178 3.85 -27.21 4.52
C HIS D 178 4.71 -27.11 3.26
N PHE D 179 5.07 -25.88 2.83
CA PHE D 179 6.05 -25.71 1.76
C PHE D 179 7.35 -26.42 2.13
N ASP D 180 7.78 -26.25 3.38
CA ASP D 180 9.02 -26.83 3.89
C ASP D 180 8.91 -28.35 4.01
N MET D 181 7.79 -28.86 4.52
CA MET D 181 7.58 -30.31 4.66
C MET D 181 7.52 -30.94 3.27
N ALA D 182 6.79 -30.29 2.34
CA ALA D 182 6.64 -30.76 0.96
C ALA D 182 7.98 -30.81 0.25
N ALA D 183 8.80 -29.77 0.44
CA ALA D 183 10.11 -29.69 -0.22
C ALA D 183 11.05 -30.74 0.38
N ALA D 184 10.99 -30.95 1.71
CA ALA D 184 11.80 -31.94 2.41
C ALA D 184 11.59 -33.34 1.84
N VAL D 185 10.35 -33.67 1.46
CA VAL D 185 10.04 -34.94 0.83
C VAL D 185 10.61 -34.95 -0.59
N LEU D 186 10.23 -33.96 -1.41
CA LEU D 186 10.54 -33.95 -2.84
C LEU D 186 12.05 -33.95 -3.08
N ASN D 187 12.82 -33.28 -2.21
CA ASN D 187 14.27 -33.13 -2.36
C ASN D 187 15.00 -34.44 -2.03
N ASP D 188 14.30 -35.40 -1.40
CA ASP D 188 14.85 -36.73 -1.10
C ASP D 188 14.74 -37.68 -2.30
N PHE D 189 14.13 -37.24 -3.42
CA PHE D 189 13.95 -38.07 -4.60
C PHE D 189 14.53 -37.36 -5.81
N PRO D 190 15.82 -37.60 -6.15
CA PRO D 190 16.45 -36.93 -7.28
C PRO D 190 15.72 -37.13 -8.62
N LEU D 191 14.98 -38.24 -8.74
CA LEU D 191 14.29 -38.59 -9.99
C LEU D 191 13.11 -37.63 -10.25
N VAL D 192 12.55 -37.03 -9.19
CA VAL D 192 11.54 -36.00 -9.37
C VAL D 192 12.22 -34.79 -10.01
N LYS D 193 11.96 -34.56 -11.30
CA LYS D 193 12.64 -33.56 -12.10
C LYS D 193 11.80 -32.28 -12.23
N PHE D 194 10.48 -32.38 -12.08
CA PHE D 194 9.63 -31.20 -12.13
C PHE D 194 8.46 -31.29 -11.14
N ILE D 195 7.93 -30.12 -10.78
CA ILE D 195 6.83 -29.96 -9.85
C ILE D 195 5.81 -29.04 -10.52
N THR D 196 4.57 -29.52 -10.69
CA THR D 196 3.51 -28.68 -11.25
C THR D 196 2.69 -28.08 -10.09
N CYS D 197 2.68 -26.75 -10.02
CA CYS D 197 1.97 -25.95 -9.02
C CYS D 197 1.00 -25.01 -9.71
N VAL D 198 -0.31 -25.23 -9.57
CA VAL D 198 -0.92 -26.03 -8.52
C VAL D 198 -2.13 -26.76 -9.12
N ASN D 199 -2.65 -27.73 -8.38
CA ASN D 199 -3.92 -28.33 -8.73
C ASN D 199 -5.02 -27.36 -8.30
N SER D 200 -6.28 -27.78 -8.50
CA SER D 200 -7.43 -26.99 -8.11
C SER D 200 -7.37 -26.70 -6.60
N ILE D 201 -7.93 -25.57 -6.17
CA ILE D 201 -8.18 -25.38 -4.76
C ILE D 201 -9.32 -26.34 -4.41
N GLY D 202 -9.01 -27.39 -3.64
CA GLY D 202 -9.93 -28.51 -3.48
C GLY D 202 -11.17 -28.19 -2.64
N ASN D 203 -12.26 -28.89 -2.96
CA ASN D 203 -13.42 -28.98 -2.08
C ASN D 203 -14.01 -27.61 -1.77
N GLY D 204 -14.20 -26.80 -2.82
CA GLY D 204 -14.95 -25.57 -2.69
C GLY D 204 -16.44 -25.89 -2.85
N LEU D 205 -17.31 -24.92 -2.59
CA LEU D 205 -18.76 -25.11 -2.67
C LEU D 205 -19.42 -23.87 -3.27
N VAL D 206 -20.15 -24.06 -4.38
CA VAL D 206 -20.90 -23.00 -5.05
C VAL D 206 -22.39 -23.33 -4.92
N ILE D 207 -23.17 -22.32 -4.52
CA ILE D 207 -24.63 -22.40 -4.38
C ILE D 207 -25.26 -21.30 -5.24
N ASP D 208 -26.29 -21.67 -6.01
CA ASP D 208 -27.13 -20.74 -6.76
C ASP D 208 -28.19 -20.18 -5.81
N PRO D 209 -28.22 -18.84 -5.56
CA PRO D 209 -29.21 -18.26 -4.67
C PRO D 209 -30.65 -18.32 -5.18
N ALA D 210 -30.82 -18.29 -6.52
CA ALA D 210 -32.13 -18.36 -7.18
C ALA D 210 -32.92 -19.61 -6.76
N ASN D 211 -32.27 -20.78 -6.72
CA ASN D 211 -32.93 -22.06 -6.43
C ASN D 211 -32.39 -22.74 -5.16
N GLU D 212 -31.45 -22.09 -4.47
CA GLU D 212 -30.90 -22.54 -3.18
C GLU D 212 -30.27 -23.93 -3.29
N THR D 213 -29.76 -24.28 -4.48
CA THR D 213 -29.20 -25.60 -4.75
C THR D 213 -27.74 -25.46 -5.23
N VAL D 214 -26.91 -26.45 -4.86
CA VAL D 214 -25.53 -26.55 -5.34
C VAL D 214 -25.54 -26.71 -6.85
N VAL D 215 -24.42 -26.40 -7.52
CA VAL D 215 -24.38 -26.29 -8.98
C VAL D 215 -23.78 -27.53 -9.64
N ILE D 216 -23.24 -28.47 -8.84
CA ILE D 216 -22.74 -29.76 -9.33
C ILE D 216 -23.29 -30.87 -8.44
N LYS D 217 -23.46 -32.06 -9.02
CA LYS D 217 -24.12 -33.19 -8.37
C LYS D 217 -23.21 -33.91 -7.38
N PRO D 218 -21.96 -34.29 -7.74
CA PRO D 218 -21.15 -35.16 -6.90
C PRO D 218 -20.77 -34.53 -5.55
N LYS D 219 -20.58 -35.37 -4.54
CA LYS D 219 -20.03 -34.98 -3.24
C LYS D 219 -20.74 -33.77 -2.63
N GLN D 220 -22.08 -33.72 -2.77
CA GLN D 220 -22.92 -32.71 -2.16
C GLN D 220 -22.54 -31.31 -2.65
N GLY D 221 -22.02 -31.23 -3.89
CA GLY D 221 -21.71 -29.95 -4.52
C GLY D 221 -20.26 -29.51 -4.35
N PHE D 222 -19.46 -30.24 -3.56
CA PHE D 222 -18.07 -29.90 -3.28
C PHE D 222 -17.19 -30.28 -4.47
N GLY D 223 -16.39 -29.33 -4.94
CA GLY D 223 -15.57 -29.57 -6.12
C GLY D 223 -14.33 -28.68 -6.16
N GLY D 224 -13.40 -29.04 -7.06
CA GLY D 224 -12.18 -28.26 -7.27
C GLY D 224 -12.47 -26.91 -7.91
N LEU D 225 -11.87 -25.85 -7.33
CA LEU D 225 -11.97 -24.50 -7.86
C LEU D 225 -10.79 -24.21 -8.78
N GLY D 226 -11.10 -23.68 -9.96
CA GLY D 226 -10.06 -23.26 -10.89
C GLY D 226 -10.32 -21.84 -11.38
N GLY D 227 -9.35 -21.30 -12.13
CA GLY D 227 -9.51 -20.00 -12.76
C GLY D 227 -8.93 -18.86 -11.92
N LYS D 228 -9.59 -17.70 -11.99
CA LYS D 228 -9.07 -16.50 -11.36
C LYS D 228 -8.97 -16.67 -9.84
N TYR D 229 -9.76 -17.59 -9.26
CA TYR D 229 -9.71 -17.83 -7.83
C TYR D 229 -8.33 -18.30 -7.34
N VAL D 230 -7.50 -18.89 -8.22
CA VAL D 230 -6.31 -19.60 -7.77
C VAL D 230 -5.00 -18.88 -8.10
N LEU D 231 -5.02 -17.73 -8.81
CA LEU D 231 -3.80 -17.11 -9.31
C LEU D 231 -2.82 -16.82 -8.16
N PRO D 232 -3.20 -16.08 -7.09
CA PRO D 232 -2.27 -15.77 -6.00
C PRO D 232 -1.69 -17.02 -5.33
N THR D 233 -2.53 -18.04 -5.12
CA THR D 233 -2.12 -19.31 -4.55
C THR D 233 -1.13 -20.00 -5.49
N ALA D 234 -1.42 -19.99 -6.80
CA ALA D 234 -0.57 -20.63 -7.79
C ALA D 234 0.82 -19.98 -7.81
N LEU D 235 0.84 -18.65 -7.88
CA LEU D 235 2.09 -17.90 -7.89
C LEU D 235 2.91 -18.20 -6.63
N ALA D 236 2.26 -18.26 -5.46
CA ALA D 236 2.94 -18.50 -4.19
C ALA D 236 3.64 -19.87 -4.22
N ASN D 237 2.90 -20.89 -4.65
CA ASN D 237 3.37 -22.27 -4.67
C ASN D 237 4.53 -22.39 -5.66
N VAL D 238 4.37 -21.80 -6.86
CA VAL D 238 5.40 -21.77 -7.89
C VAL D 238 6.70 -21.21 -7.29
N ASN D 239 6.60 -20.01 -6.68
CA ASN D 239 7.75 -19.28 -6.14
C ASN D 239 8.35 -20.05 -4.97
N ALA D 240 7.50 -20.59 -4.07
CA ALA D 240 7.98 -21.30 -2.87
C ALA D 240 8.80 -22.53 -3.25
N PHE D 241 8.35 -23.27 -4.29
CA PHE D 241 9.02 -24.49 -4.75
C PHE D 241 10.21 -24.14 -5.66
N PHE D 242 10.10 -23.06 -6.44
CA PHE D 242 11.22 -22.56 -7.24
C PHE D 242 12.45 -22.37 -6.33
N ARG D 243 12.25 -21.64 -5.23
CA ARG D 243 13.32 -21.32 -4.28
C ARG D 243 13.78 -22.55 -3.51
N ARG D 244 12.86 -23.49 -3.18
CA ARG D 244 13.17 -24.59 -2.26
C ARG D 244 13.72 -25.83 -2.98
N CYS D 245 13.52 -25.92 -4.30
CA CYS D 245 13.88 -27.08 -5.11
C CYS D 245 14.65 -26.60 -6.34
N PRO D 246 15.89 -26.06 -6.16
CA PRO D 246 16.64 -25.47 -7.27
C PRO D 246 17.10 -26.51 -8.30
N ASP D 247 17.12 -27.78 -7.90
CA ASP D 247 17.51 -28.91 -8.74
C ASP D 247 16.35 -29.36 -9.62
N LYS D 248 15.14 -28.83 -9.35
CA LYS D 248 13.93 -29.23 -10.07
C LYS D 248 13.39 -28.05 -10.86
N LEU D 249 12.70 -28.35 -11.96
CA LEU D 249 11.87 -27.38 -12.67
C LEU D 249 10.51 -27.28 -11.97
N VAL D 250 9.88 -26.11 -12.09
CA VAL D 250 8.54 -25.85 -11.58
C VAL D 250 7.67 -25.49 -12.77
N PHE D 251 6.50 -26.16 -12.87
CA PHE D 251 5.53 -25.84 -13.90
C PHE D 251 4.40 -25.06 -13.24
N GLY D 252 4.03 -23.92 -13.83
CA GLY D 252 2.98 -23.08 -13.30
C GLY D 252 1.60 -23.48 -13.85
N CYS D 253 0.66 -23.69 -12.93
CA CYS D 253 -0.74 -23.92 -13.29
C CYS D 253 -1.67 -23.21 -12.29
N GLY D 254 -2.55 -22.35 -12.81
CA GLY D 254 -3.63 -21.76 -12.06
C GLY D 254 -3.85 -20.30 -12.46
N GLY D 255 -5.05 -19.99 -12.94
CA GLY D 255 -5.49 -18.60 -13.12
C GLY D 255 -4.94 -17.91 -14.37
N VAL D 256 -4.43 -18.67 -15.34
CA VAL D 256 -3.86 -18.05 -16.54
C VAL D 256 -4.98 -17.81 -17.55
N TYR D 257 -5.31 -16.52 -17.78
CA TYR D 257 -6.28 -16.07 -18.77
C TYR D 257 -5.65 -15.20 -19.87
N SER D 258 -4.42 -14.71 -19.63
CA SER D 258 -3.74 -13.81 -20.56
C SER D 258 -2.23 -13.99 -20.48
N GLY D 259 -1.51 -13.28 -21.38
CA GLY D 259 -0.05 -13.20 -21.33
C GLY D 259 0.45 -12.65 -20.00
N GLU D 260 -0.30 -11.70 -19.41
CA GLU D 260 0.06 -11.07 -18.15
C GLU D 260 0.22 -12.12 -17.05
N GLU D 261 -0.74 -13.04 -16.92
CA GLU D 261 -0.68 -14.08 -15.90
C GLU D 261 0.45 -15.06 -16.23
N ALA D 262 0.67 -15.33 -17.52
CA ALA D 262 1.75 -16.21 -17.95
C ALA D 262 3.09 -15.62 -17.51
N PHE D 263 3.22 -14.31 -17.71
CA PHE D 263 4.41 -13.53 -17.37
C PHE D 263 4.67 -13.65 -15.87
N LEU D 264 3.64 -13.42 -15.07
CA LEU D 264 3.74 -13.52 -13.60
C LEU D 264 4.21 -14.91 -13.19
N HIS D 265 3.63 -15.96 -13.78
CA HIS D 265 4.02 -17.34 -13.49
C HIS D 265 5.51 -17.54 -13.74
N ILE D 266 5.98 -17.11 -14.91
CA ILE D 266 7.37 -17.27 -15.32
C ILE D 266 8.28 -16.47 -14.40
N LEU D 267 7.90 -15.23 -14.07
CA LEU D 267 8.63 -14.33 -13.16
C LEU D 267 8.75 -14.92 -11.75
N ALA D 268 7.79 -15.75 -11.36
CA ALA D 268 7.78 -16.46 -10.08
C ALA D 268 8.66 -17.71 -10.13
N GLY D 269 9.01 -18.18 -11.34
CA GLY D 269 9.95 -19.29 -11.52
C GLY D 269 9.46 -20.41 -12.47
N ALA D 270 8.29 -20.27 -13.09
CA ALA D 270 7.74 -21.31 -13.95
C ALA D 270 8.56 -21.43 -15.24
N SER D 271 8.97 -22.67 -15.55
CA SER D 271 9.51 -23.07 -16.83
C SER D 271 8.38 -23.15 -17.88
N MET D 272 7.38 -24.00 -17.60
CA MET D 272 6.19 -24.20 -18.43
C MET D 272 4.95 -23.66 -17.70
N VAL D 273 3.96 -23.18 -18.47
CA VAL D 273 2.72 -22.57 -17.98
C VAL D 273 1.52 -23.35 -18.52
N GLN D 274 0.78 -24.03 -17.63
CA GLN D 274 -0.37 -24.85 -18.01
C GLN D 274 -1.67 -24.02 -17.91
N VAL D 275 -2.64 -24.30 -18.80
CA VAL D 275 -3.89 -23.53 -18.86
C VAL D 275 -5.07 -24.50 -18.76
N GLY D 276 -5.99 -24.23 -17.83
CA GLY D 276 -7.08 -25.13 -17.50
C GLY D 276 -8.42 -24.49 -17.82
N THR D 277 -9.04 -23.86 -16.80
CA THR D 277 -10.35 -23.22 -16.90
C THR D 277 -10.46 -22.34 -18.15
N ALA D 278 -9.50 -21.42 -18.36
CA ALA D 278 -9.53 -20.50 -19.50
C ALA D 278 -9.52 -21.27 -20.82
N LEU D 279 -8.82 -22.42 -20.86
CA LEU D 279 -8.77 -23.33 -22.01
C LEU D 279 -10.15 -23.97 -22.23
N HIS D 280 -10.73 -24.48 -21.14
CA HIS D 280 -12.04 -25.11 -21.15
C HIS D 280 -13.10 -24.14 -21.70
N ASP D 281 -12.95 -22.85 -21.37
CA ASP D 281 -13.87 -21.79 -21.77
C ASP D 281 -13.66 -21.40 -23.23
N GLU D 282 -12.42 -21.00 -23.60
CA GLU D 282 -12.11 -20.37 -24.88
C GLU D 282 -11.81 -21.42 -25.96
N GLY D 283 -11.30 -22.59 -25.55
CA GLY D 283 -10.83 -23.62 -26.46
C GLY D 283 -9.39 -23.39 -26.92
N PRO D 284 -8.79 -24.28 -27.74
CA PRO D 284 -7.35 -24.25 -28.01
C PRO D 284 -6.84 -23.03 -28.77
N ILE D 285 -7.73 -22.19 -29.31
CA ILE D 285 -7.33 -20.92 -29.91
C ILE D 285 -6.60 -20.04 -28.88
N ILE D 286 -6.86 -20.24 -27.58
CA ILE D 286 -6.30 -19.39 -26.53
C ILE D 286 -4.77 -19.33 -26.64
N PHE D 287 -4.14 -20.44 -27.06
CA PHE D 287 -2.69 -20.56 -27.08
C PHE D 287 -2.06 -19.58 -28.07
N ALA D 288 -2.84 -19.14 -29.08
CA ALA D 288 -2.42 -18.15 -30.06
C ALA D 288 -2.43 -16.76 -29.41
N ARG D 289 -3.47 -16.51 -28.61
CA ARG D 289 -3.64 -15.24 -27.89
C ARG D 289 -2.54 -15.08 -26.83
N LEU D 290 -2.15 -16.18 -26.16
CA LEU D 290 -1.17 -16.20 -25.08
C LEU D 290 0.27 -16.05 -25.62
N ASN D 291 0.62 -16.81 -26.67
CA ASN D 291 1.89 -16.65 -27.38
C ASN D 291 2.10 -15.18 -27.73
N LYS D 292 1.08 -14.55 -28.33
CA LYS D 292 1.12 -13.16 -28.78
C LYS D 292 1.18 -12.17 -27.61
N GLU D 293 0.36 -12.39 -26.57
CA GLU D 293 0.25 -11.46 -25.45
C GLU D 293 1.52 -11.44 -24.61
N LEU D 294 2.17 -12.60 -24.43
CA LEU D 294 3.45 -12.71 -23.73
C LEU D 294 4.51 -11.92 -24.50
N GLN D 295 4.52 -12.09 -25.82
CA GLN D 295 5.50 -11.45 -26.70
C GLN D 295 5.34 -9.93 -26.65
N GLU D 296 4.09 -9.45 -26.63
CA GLU D 296 3.79 -8.04 -26.45
C GLU D 296 4.48 -7.52 -25.18
N ILE D 297 4.24 -8.18 -24.04
CA ILE D 297 4.76 -7.72 -22.75
C ILE D 297 6.29 -7.76 -22.76
N MET D 298 6.86 -8.85 -23.30
CA MET D 298 8.31 -9.07 -23.36
C MET D 298 9.01 -7.96 -24.16
N THR D 299 8.39 -7.52 -25.26
CA THR D 299 8.92 -6.44 -26.10
C THR D 299 8.89 -5.12 -25.33
N ASN D 300 7.81 -4.88 -24.57
CA ASN D 300 7.64 -3.66 -23.79
C ASN D 300 8.69 -3.54 -22.68
N LYS D 301 9.19 -4.69 -22.18
CA LYS D 301 10.15 -4.75 -21.08
C LYS D 301 11.55 -5.10 -21.59
N GLY D 302 11.74 -5.09 -22.91
CA GLY D 302 13.03 -5.35 -23.55
C GLY D 302 13.61 -6.73 -23.18
N TYR D 303 12.74 -7.73 -23.05
CA TYR D 303 13.14 -9.12 -22.91
C TYR D 303 13.04 -9.79 -24.28
N LYS D 304 13.97 -10.71 -24.57
CA LYS D 304 14.12 -11.38 -25.86
C LYS D 304 14.05 -12.90 -25.69
N THR D 305 14.28 -13.39 -24.46
CA THR D 305 14.07 -14.77 -24.06
C THR D 305 13.41 -14.81 -22.68
N LEU D 306 12.92 -15.99 -22.29
CA LEU D 306 12.25 -16.23 -21.02
C LEU D 306 13.28 -16.28 -19.88
N ASP D 307 14.48 -16.79 -20.20
CA ASP D 307 15.62 -16.83 -19.30
C ASP D 307 15.99 -15.45 -18.74
N GLU D 308 15.59 -14.37 -19.43
CA GLU D 308 15.89 -13.01 -18.99
C GLU D 308 15.15 -12.64 -17.70
N PHE D 309 13.94 -13.20 -17.45
CA PHE D 309 13.14 -12.80 -16.30
C PHE D 309 12.58 -14.00 -15.51
N ARG D 310 12.84 -15.23 -15.95
CA ARG D 310 12.32 -16.40 -15.24
C ARG D 310 12.89 -16.42 -13.82
N GLY D 311 11.99 -16.43 -12.82
CA GLY D 311 12.35 -16.56 -11.43
C GLY D 311 12.94 -15.29 -10.83
N ARG D 312 12.84 -14.16 -11.55
CA ARG D 312 13.47 -12.91 -11.16
C ARG D 312 12.45 -11.91 -10.58
N VAL D 313 11.33 -12.40 -10.02
CA VAL D 313 10.43 -11.56 -9.24
C VAL D 313 11.26 -10.88 -8.13
N LYS D 314 11.05 -9.58 -7.93
CA LYS D 314 11.77 -8.79 -6.94
C LYS D 314 10.98 -8.75 -5.63
N THR D 315 11.69 -8.83 -4.49
CA THR D 315 11.09 -8.63 -3.17
C THR D 315 11.61 -7.33 -2.56
N MET D 316 10.91 -6.81 -1.53
CA MET D 316 11.24 -5.54 -0.90
C MET D 316 12.19 -5.71 0.32
N1 FMN E . 4.20 33.40 -8.81
C2 FMN E . 3.53 34.55 -8.67
O2 FMN E . 2.46 34.60 -8.05
N3 FMN E . 3.98 35.73 -9.18
C4 FMN E . 5.14 35.82 -9.90
O4 FMN E . 5.48 36.91 -10.35
C4A FMN E . 5.88 34.63 -10.08
N5 FMN E . 7.03 34.69 -10.73
C5A FMN E . 7.69 33.51 -10.96
C6 FMN E . 8.87 33.53 -11.73
C7 FMN E . 9.56 32.38 -12.04
C7M FMN E . 10.80 32.44 -12.89
C8 FMN E . 9.08 31.14 -11.55
C8M FMN E . 9.82 29.86 -11.83
C9 FMN E . 7.97 31.11 -10.73
C9A FMN E . 7.23 32.28 -10.45
N10 FMN E . 6.06 32.27 -9.68
C10 FMN E . 5.33 33.43 -9.49
C1' FMN E . 5.54 30.99 -9.16
C2' FMN E . 4.72 30.25 -10.20
O2' FMN E . 3.58 31.05 -10.55
C3' FMN E . 4.27 28.87 -9.73
O3' FMN E . 3.38 29.00 -8.62
C4' FMN E . 5.42 27.92 -9.34
O4' FMN E . 6.50 28.02 -10.27
C5' FMN E . 4.98 26.48 -9.26
O5' FMN E . 4.52 26.04 -10.55
P FMN E . 5.50 25.11 -11.45
O1P FMN E . 5.79 23.85 -10.65
O2P FMN E . 6.74 25.91 -11.73
O3P FMN E . 4.71 24.83 -12.70
OXT FUM F . 9.15 37.28 -8.87
C FUM F . 9.45 36.46 -7.95
O FUM F . 10.48 36.62 -7.24
C4 FUM F . 8.47 35.42 -7.54
C5 FUM F . 7.23 35.85 -7.25
C6 FUM F . 6.22 34.95 -6.67
O7 FUM F . 6.49 33.73 -6.52
O8 FUM F . 5.11 35.42 -6.30
C1 MLI G . -7.57 15.80 4.66
C2 MLI G . -7.98 17.25 4.89
C3 MLI G . -7.87 14.97 5.91
O6 MLI G . -8.00 18.03 3.91
O7 MLI G . -8.27 17.58 6.06
O8 MLI G . -7.10 15.10 6.88
O9 MLI G . -8.87 14.22 5.90
C1 MLI H . 13.18 46.83 -6.53
C2 MLI H . 13.93 47.95 -5.84
C3 MLI H . 13.66 46.46 -7.92
O6 MLI H . 13.27 48.80 -5.19
O7 MLI H . 15.17 47.95 -5.93
O8 MLI H . 13.68 47.34 -8.80
O9 MLI H . 13.92 45.28 -8.14
C1 MLI I . 10.72 34.60 -16.67
C2 MLI I . 12.11 35.14 -17.01
C3 MLI I . 9.99 34.26 -17.97
O6 MLI I . 12.29 36.36 -16.96
O7 MLI I . 12.99 34.32 -17.34
O8 MLI I . 9.59 33.11 -18.14
O9 MLI I . 9.85 35.17 -18.81
N1 FMN J . 9.87 11.38 11.93
C2 FMN J . 9.76 11.43 13.27
O2 FMN J . 10.18 12.42 13.89
N3 FMN J . 9.20 10.45 13.98
C4 FMN J . 8.70 9.31 13.39
O4 FMN J . 8.19 8.43 14.10
C4A FMN J . 8.77 9.22 12.00
N5 FMN J . 8.27 8.16 11.40
C5A FMN J . 8.44 8.07 10.05
C6 FMN J . 8.00 6.92 9.38
C7 FMN J . 8.19 6.74 8.03
C7M FMN J . 7.72 5.47 7.37
C8 FMN J . 8.80 7.77 7.27
C8M FMN J . 8.98 7.64 5.78
C9 FMN J . 9.18 8.93 7.90
C9A FMN J . 9.04 9.10 9.29
N10 FMN J . 9.47 10.24 9.95
C10 FMN J . 9.39 10.33 11.32
C1' FMN J . 10.16 11.31 9.19
C2' FMN J . 11.61 10.95 8.94
O2' FMN J . 12.28 10.84 10.21
C3' FMN J . 12.32 11.98 8.05
O3' FMN J . 12.34 13.21 8.73
C4' FMN J . 11.67 12.18 6.68
O4' FMN J . 11.34 10.91 6.11
C5' FMN J . 12.57 12.95 5.74
O5' FMN J . 13.79 12.22 5.53
P FMN J . 14.00 11.37 4.16
O1P FMN J . 13.96 12.31 3.02
O2P FMN J . 12.84 10.40 4.13
O3P FMN J . 15.34 10.71 4.33
OXT FUM K . 6.70 12.28 10.99
C FUM K . 6.68 11.84 12.16
O FUM K . 7.17 12.48 13.14
C4 FUM K . 5.98 10.55 12.42
C5 FUM K . 5.17 10.09 11.47
C6 FUM K . 4.30 8.94 11.75
O7 FUM K . 4.58 8.06 12.62
O8 FUM K . 3.18 8.98 11.21
C1 MLI L . 18.56 33.70 3.96
C2 MLI L . 18.35 33.57 5.46
C3 MLI L . 18.46 35.18 3.56
O6 MLI L . 18.68 32.51 6.05
O7 MLI L . 17.89 34.55 6.04
O8 MLI L . 17.33 35.67 3.35
O9 MLI L . 19.52 35.84 3.51
C1 MLI M . -4.45 5.08 18.33
C2 MLI M . -5.37 5.33 17.13
C3 MLI M . -3.43 4.00 18.01
O6 MLI M . -6.60 5.43 17.36
O7 MLI M . -4.84 5.39 15.99
O8 MLI M . -3.28 3.08 18.84
O9 MLI M . -2.82 4.10 16.95
N1 FMN N . -8.34 -12.93 11.26
C2 FMN N . -8.13 -13.16 12.56
O2 FMN N . -8.54 -14.20 13.09
N3 FMN N . -7.46 -12.27 13.35
C4 FMN N . -6.95 -11.10 12.85
O4 FMN N . -6.35 -10.34 13.60
C4A FMN N . -7.14 -10.83 11.49
N5 FMN N . -6.64 -9.73 10.99
C5A FMN N . -6.92 -9.46 9.67
C6 FMN N . -6.45 -8.25 9.12
C7 FMN N . -6.74 -7.89 7.83
C7M FMN N . -6.24 -6.57 7.29
C8 FMN N . -7.47 -8.78 7.00
C8M FMN N . -7.77 -8.46 5.56
C9 FMN N . -7.87 -10.00 7.51
C9A FMN N . -7.63 -10.34 8.84
N10 FMN N . -8.07 -11.54 9.40
C10 FMN N . -7.87 -11.82 10.74
C1' FMN N . -8.84 -12.48 8.57
C2' FMN N . -10.29 -12.03 8.48
O2' FMN N . -10.85 -12.10 9.78
C3' FMN N . -11.10 -12.89 7.52
O3' FMN N . -11.12 -14.23 8.01
C4' FMN N . -10.60 -12.90 6.07
O4' FMN N . -10.27 -11.57 5.67
C5' FMN N . -11.61 -13.52 5.13
O5' FMN N . -12.84 -12.73 5.16
P FMN N . -13.08 -11.67 3.96
O1P FMN N . -13.07 -12.50 2.71
O2P FMN N . -11.92 -10.69 4.03
O3P FMN N . -14.40 -11.02 4.23
OXT FUM O . -2.79 -10.16 12.06
C FUM O . -2.70 -10.72 10.96
O FUM O . -1.71 -10.55 10.24
C4 FUM O . -3.69 -11.74 10.54
C5 FUM O . -4.31 -12.45 11.46
C6 FUM O . -5.17 -13.60 11.10
O7 FUM O . -5.55 -14.29 12.07
O8 FUM O . -5.44 -13.88 9.91
C1 MLI P . -19.01 -33.63 1.28
C2 MLI P . -18.51 -33.70 2.72
C3 MLI P . -18.91 -34.98 0.58
O6 MLI P . -18.72 -32.71 3.46
O7 MLI P . -17.89 -34.71 3.08
O8 MLI P . -17.81 -35.30 0.12
O9 MLI P . -19.93 -35.69 0.51
C1 MLI Q . 7.20 -7.61 16.87
C2 MLI Q . 7.81 -7.71 18.26
C3 MLI Q . 5.93 -6.76 16.84
O6 MLI Q . 8.00 -8.84 18.74
O7 MLI Q . 8.05 -6.65 18.87
O8 MLI Q . 5.80 -5.88 17.70
O9 MLI Q . 5.09 -6.98 15.96
N1 FMN R . -5.66 -31.95 -12.72
C2 FMN R . -5.06 -33.15 -12.81
O2 FMN R . -3.95 -33.34 -12.30
N3 FMN R . -5.64 -34.21 -13.44
C4 FMN R . -6.87 -34.11 -14.04
O4 FMN R . -7.36 -35.08 -14.60
C4A FMN R . -7.54 -32.89 -13.94
N5 FMN R . -8.74 -32.78 -14.48
C5A FMN R . -9.34 -31.56 -14.44
C6 FMN R . -10.59 -31.41 -15.07
C7 FMN R . -11.23 -30.19 -15.12
C7M FMN R . -12.56 -30.07 -15.80
C8 FMN R . -10.64 -29.08 -14.48
C8M FMN R . -11.33 -27.73 -14.47
C9 FMN R . -9.45 -29.23 -13.82
C9A FMN R . -8.75 -30.45 -13.82
N10 FMN R . -7.52 -30.61 -13.20
C10 FMN R . -6.86 -31.82 -13.26
C1' FMN R . -6.87 -29.46 -12.54
C2' FMN R . -6.12 -28.61 -13.55
O2' FMN R . -5.11 -29.43 -14.14
C3' FMN R . -5.53 -27.37 -12.89
O3' FMN R . -4.66 -27.78 -11.85
C4' FMN R . -6.57 -26.41 -12.30
O4' FMN R . -7.73 -26.35 -13.14
C5' FMN R . -6.03 -25.02 -12.08
O5' FMN R . -5.75 -24.41 -13.39
P FMN R . -6.76 -23.31 -13.96
O1P FMN R . -6.88 -22.21 -12.96
O2P FMN R . -8.09 -24.06 -14.15
O3P FMN R . -6.14 -22.85 -15.28
OXT FUM S . -7.83 -32.57 -10.10
C FUM S . -7.52 -33.66 -10.62
O FUM S . -6.38 -34.20 -10.55
C4 FUM S . -8.57 -34.43 -11.31
C5 FUM S . -9.82 -34.02 -11.17
C6 FUM S . -10.92 -34.84 -11.70
O7 FUM S . -10.69 -35.64 -12.64
O8 FUM S . -11.99 -34.78 -11.08
C1 MLI T . 8.22 -17.15 1.89
C2 MLI T . 8.61 -18.63 1.82
C3 MLI T . 8.71 -16.50 3.20
O6 MLI T . 8.71 -19.16 0.67
O7 MLI T . 8.82 -19.24 2.88
O8 MLI T . 7.96 -16.58 4.20
O9 MLI T . 9.82 -15.93 3.19
#